data_6MUF
#
_entry.id   6MUF
#
_cell.length_a   131.970
_cell.length_b   131.970
_cell.length_c   314.690
_cell.angle_alpha   90.000
_cell.angle_beta   90.000
_cell.angle_gamma   120.000
#
_symmetry.space_group_name_H-M   'P 63'
#
loop_
_entity.id
_entity.type
_entity.pdbx_description
1 polymer 'Envelope glycoprotein gp160'
2 polymer '35O22 scFv heavy chain portion'
3 polymer '35O22 scFv light chain portion'
4 polymer 'Envelope glycoprotein gp160'
5 polymer '3H109L Fab heavy chain'
6 polymer '3H109L Fab light chain'
7 branched alpha-D-mannopyranose-(1-3)-alpha-D-mannopyranose-(1-6)-[alpha-D-mannopyranose-(1-3)]beta-D-mannopyranose-(1-4)-2-acetamido-2-deoxy-beta-D-glucopyranose-(1-4)-2-acetamido-2-deoxy-beta-D-glucopyranose
8 branched alpha-D-mannopyranose-(1-6)-beta-D-mannopyranose-(1-4)-2-acetamido-2-deoxy-beta-D-glucopyranose-(1-4)-2-acetamido-2-deoxy-beta-D-glucopyranose
9 branched 2-acetamido-2-deoxy-beta-D-glucopyranose-(1-4)-2-acetamido-2-deoxy-beta-D-glucopyranose
10 branched alpha-D-mannopyranose-(1-2)-alpha-D-mannopyranose-(1-2)-alpha-D-mannopyranose-(1-3)-[alpha-D-mannopyranose-(1-2)-alpha-D-mannopyranose-(1-6)-[alpha-D-mannopyranose-(1-3)]alpha-D-mannopyranose-(1-6)]beta-D-mannopyranose-(1-4)-2-acetamido-2-deoxy-beta-D-glucopyranose-(1-4)-2-acetamido-2-deoxy-beta-D-glucopyranose
11 non-polymer 2-acetamido-2-deoxy-beta-D-glucopyranose
#
loop_
_entity_poly.entity_id
_entity_poly.type
_entity_poly.pdbx_seq_one_letter_code
_entity_poly.pdbx_strand_id
1 'polypeptide(L)'
;AVGLGAFILGFLGAAGSTMGAASMALTVQARLLLSGIVQQQNNLLRAPEAQQHMLQLTVWGIKQLQARVLAVERYLRDQQ
LLGIWGCSGKIICCTNVPWNDSWSNKTINEIWDNMTWMQWEKEIDNYTQHIYTLLEVSQIQQEKNEQELLELD
;
B
2 'polypeptide(L)'
;QGQLVQSGATTTKPGSSVKISCKTSGYRFNFYHINWIRQTAGRGPEWMGWISPYSGDKNLAPAFQDRVIMTTDTEVPVTS
FTSTGAAYMEIRNLTSDDTGTYFCAKGLLRDGSSTWLPYLWGQGTLLTVSSAST
;
D
3 'polypeptide(L)'
;SQSVLTQSASVSGSLGQSVTISCTGPNSVCCSHKSISWYQWPPGRAPTLIIYEDNERAPGISPRFSGYKSYWSAYLTISD
LRPEDETTYYCCSYTHNSGCVFGTGTKVSVLGQS
;
E
4 'polypeptide(L)'
;AAKKWVTVYYGVPVWKEATTTLFCASDAKAYDTEVHNVWATHACVPTDPNPQEIVLGNVTENFNMWKNNMVEQMHEDIIS
LWDQSLKPCVKLTPLCVTLNCNNVNTNNTNNSTNATISDWEKMETGEMKNCSFNVTTSIRDKIKKEYALFYKLDVVPLEN
KNNINNTNITNYRLINCNTSVITQACPKVSFEPIPIHYCAPAGFAILKCNSKTFNGSGPCTNVSTVQCTHGIRPVVSTQL
LLNGSLAEEEIVIRSENITDNAKTIIVQLNEAVEINCTRPNNNTRKSIHIGPGRAFYATGDIIGNIRQAHCNISKARWNE
TLGQIVAKLEEQFPNKTIIFNHSSGGDPEIVTHSFNCGGEFFYCNTTPLFNSTWNNTRTDDYPTGGEQNITLQCRIKQII
NMWQGVGKAMYAPPIRGQIRCSSNITGLLLTRDGGRDQNGTETFRPGGGNMRDNWRSELYKYKVVKIEPLGIAPTACKRR
VVQRRRRRR
;
G
5 'polypeptide(L)'
;QVQLQESGPGLVKPSETLSLTCTVSGGSISNYYWSWIRQSPGKGLEWIGYISDSESTNYNPSLKSRVIISVDTSKNQLSL
KLNSVTAADSAIYYCARAQQGKRIYGMVSFGEFFYYYYMDVWGKGTTVTVSSASTKGPSVFPLAPSSKSTSGGTAALGCL
VKDYFPEPVTVSWNSGALTSGVHTFPAVLQSSGLYSLSSVVTVPSSSLGTQTYICNVNHKPSNTKVDKKVEPKSCDKGLE
VLFQ
;
H
6 'polypeptide(L)'
;SVTSYVRPLSVALGETASISCGRQALGSRAVQWYQHRPGQAPILLIYNNQDRPSGIPERFSGTPDINFGTRATLTISGVE
AGDEADYYCHMWDSRSGFSWSFGGATRLTVLGQPKAAPSVTLFPPSSEELQANKATLVCLISDFYPGAVTVAWKADSSPV
KAGVETTTPSKQSNNKYAASSYLSLTPMQWKMHKSYSCQVTHEGSTVEKTVAPTECS
;
L
#
loop_
_chem_comp.id
_chem_comp.type
_chem_comp.name
_chem_comp.formula
BMA D-saccharide, beta linking beta-D-mannopyranose 'C6 H12 O6'
MAN D-saccharide, alpha linking alpha-D-mannopyranose 'C6 H12 O6'
NAG D-saccharide, beta linking 2-acetamido-2-deoxy-beta-D-glucopyranose 'C8 H15 N O6'
#
# COMPACT_ATOMS: atom_id res chain seq x y z
N ILE A 8 -4.32 -27.57 -38.86
CA ILE A 8 -3.92 -26.44 -39.70
C ILE A 8 -3.45 -25.29 -38.81
N LEU A 9 -4.15 -24.15 -38.87
CA LEU A 9 -3.76 -22.97 -38.12
C LEU A 9 -4.67 -22.66 -36.93
N GLY A 10 -5.86 -23.24 -36.88
CA GLY A 10 -6.78 -23.02 -35.79
C GLY A 10 -8.03 -22.28 -36.21
N PHE A 11 -8.65 -21.63 -35.23
CA PHE A 11 -9.88 -20.89 -35.47
C PHE A 11 -9.55 -19.53 -36.08
N LEU A 12 -10.07 -19.28 -37.29
CA LEU A 12 -9.78 -18.07 -38.07
C LEU A 12 -8.29 -17.94 -38.40
N GLY A 13 -7.56 -19.06 -38.42
CA GLY A 13 -6.13 -19.01 -38.58
C GLY A 13 -5.69 -18.42 -39.92
N ALA A 14 -6.51 -18.57 -40.95
CA ALA A 14 -6.17 -18.03 -42.26
C ALA A 14 -7.04 -16.83 -42.59
N ALA A 15 -7.15 -15.89 -41.65
CA ALA A 15 -7.94 -14.69 -41.90
C ALA A 15 -7.18 -13.68 -42.76
N GLY A 16 -5.87 -13.68 -42.68
CA GLY A 16 -5.07 -12.79 -43.51
C GLY A 16 -4.39 -13.53 -44.64
N SER A 17 -4.84 -14.75 -44.90
CA SER A 17 -4.30 -15.58 -45.98
C SER A 17 -5.12 -15.41 -47.25
N THR A 18 -4.59 -15.95 -48.34
CA THR A 18 -5.29 -15.91 -49.61
C THR A 18 -6.57 -16.73 -49.55
N MET A 19 -7.54 -16.36 -50.38
CA MET A 19 -8.81 -17.07 -50.41
C MET A 19 -8.63 -18.53 -50.83
N GLY A 20 -7.57 -18.85 -51.57
CA GLY A 20 -7.33 -20.23 -51.94
C GLY A 20 -6.81 -21.07 -50.81
N ALA A 21 -6.00 -20.48 -49.92
CA ALA A 21 -5.50 -21.22 -48.77
C ALA A 21 -6.53 -21.32 -47.66
N ALA A 22 -7.29 -20.24 -47.42
CA ALA A 22 -8.29 -20.25 -46.36
C ALA A 22 -9.47 -21.16 -46.71
N SER A 23 -9.77 -21.33 -48.00
CA SER A 23 -10.88 -22.18 -48.41
C SER A 23 -10.66 -23.65 -48.07
N MET A 24 -9.45 -24.03 -47.69
CA MET A 24 -9.14 -25.41 -47.31
C MET A 24 -9.30 -25.60 -45.81
N ALA A 25 -9.92 -26.71 -45.43
CA ALA A 25 -10.23 -27.03 -44.03
C ALA A 25 -11.11 -25.94 -43.41
N LEU A 26 -12.33 -25.81 -43.95
CA LEU A 26 -13.31 -24.86 -43.43
C LEU A 26 -14.08 -25.41 -42.25
N THR A 27 -13.94 -26.70 -41.92
CA THR A 27 -14.58 -27.29 -40.73
C THR A 27 -14.01 -26.79 -39.43
N VAL A 28 -13.08 -25.83 -39.43
CA VAL A 28 -12.51 -25.32 -38.18
C VAL A 28 -13.28 -24.12 -37.68
N GLN A 29 -13.75 -23.26 -38.59
CA GLN A 29 -14.67 -22.19 -38.25
C GLN A 29 -16.12 -22.62 -38.33
N ALA A 30 -16.38 -23.90 -38.64
CA ALA A 30 -17.72 -24.46 -38.61
C ALA A 30 -18.04 -25.15 -37.29
N ARG A 31 -17.03 -25.62 -36.55
CA ARG A 31 -17.27 -26.26 -35.26
C ARG A 31 -17.60 -25.22 -34.18
N LEU A 32 -16.73 -24.23 -34.01
CA LEU A 32 -16.88 -23.26 -32.93
C LEU A 32 -17.84 -22.14 -33.30
N LEU A 33 -18.87 -22.46 -34.08
CA LEU A 33 -19.93 -21.52 -34.40
C LEU A 33 -21.18 -21.74 -33.54
N LEU A 34 -21.21 -22.82 -32.77
CA LEU A 34 -22.39 -23.16 -31.97
C LEU A 34 -21.98 -23.67 -30.59
N THR A 58 -31.30 -12.47 -11.97
CA THR A 58 -29.86 -12.63 -11.92
C THR A 58 -29.19 -11.96 -13.11
N VAL A 59 -28.14 -11.17 -12.84
CA VAL A 59 -27.50 -10.41 -13.91
C VAL A 59 -26.61 -11.32 -14.76
N TRP A 60 -25.84 -12.20 -14.14
CA TRP A 60 -25.00 -13.11 -14.91
C TRP A 60 -25.84 -14.15 -15.65
N GLY A 61 -26.88 -14.66 -15.00
CA GLY A 61 -27.67 -15.73 -15.61
C GLY A 61 -28.48 -15.26 -16.80
N ILE A 62 -29.19 -14.14 -16.64
CA ILE A 62 -30.00 -13.61 -17.74
C ILE A 62 -29.10 -13.19 -18.91
N LYS A 63 -27.97 -12.55 -18.61
CA LYS A 63 -27.03 -12.18 -19.66
C LYS A 63 -26.49 -13.42 -20.39
N GLN A 64 -26.19 -14.48 -19.65
CA GLN A 64 -25.63 -15.67 -20.27
C GLN A 64 -26.67 -16.41 -21.10
N LEU A 65 -27.90 -16.51 -20.59
CA LEU A 65 -28.97 -17.12 -21.38
C LEU A 65 -29.37 -16.26 -22.56
N GLN A 66 -29.21 -14.94 -22.45
CA GLN A 66 -29.48 -14.06 -23.57
C GLN A 66 -28.54 -14.34 -24.73
N ALA A 67 -27.26 -14.56 -24.42
CA ALA A 67 -26.28 -14.84 -25.46
C ALA A 67 -26.39 -16.27 -25.98
N ARG A 68 -26.96 -17.18 -25.18
CA ARG A 68 -27.12 -18.56 -25.64
C ARG A 68 -28.22 -18.67 -26.68
N VAL A 69 -29.34 -17.96 -26.48
CA VAL A 69 -30.44 -18.00 -27.44
C VAL A 69 -30.03 -17.31 -28.74
N LEU A 70 -29.37 -16.15 -28.64
CA LEU A 70 -28.93 -15.45 -29.83
C LEU A 70 -27.96 -16.29 -30.66
N ALA A 71 -27.13 -17.12 -30.00
CA ALA A 71 -26.16 -17.92 -30.72
C ALA A 71 -26.83 -18.94 -31.63
N VAL A 72 -27.91 -19.55 -31.16
CA VAL A 72 -28.65 -20.52 -31.98
C VAL A 72 -29.44 -19.81 -33.07
N GLU A 73 -29.88 -18.58 -32.84
CA GLU A 73 -30.65 -17.86 -33.86
C GLU A 73 -29.76 -17.47 -35.04
N ARG A 74 -28.62 -16.84 -34.77
CA ARG A 74 -27.70 -16.46 -35.84
C ARG A 74 -27.21 -17.69 -36.60
N TYR A 75 -27.01 -18.81 -35.91
CA TYR A 75 -26.56 -20.03 -36.57
C TYR A 75 -27.63 -20.59 -37.50
N LEU A 76 -28.87 -20.71 -37.00
CA LEU A 76 -29.92 -21.31 -37.81
C LEU A 76 -30.29 -20.43 -39.00
N ARG A 77 -30.06 -19.12 -38.91
CA ARG A 77 -30.27 -18.26 -40.07
C ARG A 77 -29.35 -18.66 -41.22
N ASP A 78 -28.09 -18.97 -40.91
CA ASP A 78 -27.17 -19.43 -41.94
C ASP A 78 -27.57 -20.80 -42.47
N GLN A 79 -28.04 -21.68 -41.58
CA GLN A 79 -28.52 -22.99 -42.03
C GLN A 79 -29.82 -22.87 -42.81
N GLN A 80 -30.68 -21.92 -42.41
CA GLN A 80 -31.88 -21.64 -43.18
C GLN A 80 -31.52 -21.18 -44.59
N LEU A 81 -30.50 -20.34 -44.72
CA LEU A 81 -30.07 -19.88 -46.03
C LEU A 81 -29.48 -21.02 -46.84
N LEU A 82 -28.59 -21.80 -46.24
CA LEU A 82 -28.00 -22.94 -46.94
C LEU A 82 -29.06 -23.94 -47.36
N GLY A 83 -30.18 -24.00 -46.63
CA GLY A 83 -31.22 -24.95 -46.97
C GLY A 83 -31.98 -24.56 -48.22
N ILE A 84 -32.39 -23.29 -48.32
CA ILE A 84 -33.19 -22.83 -49.45
C ILE A 84 -32.28 -22.47 -50.62
N TRP A 85 -31.04 -22.96 -50.58
CA TRP A 85 -30.13 -22.86 -51.70
C TRP A 85 -29.70 -24.23 -52.23
N GLY A 86 -30.15 -25.32 -51.60
CA GLY A 86 -29.65 -26.63 -51.95
C GLY A 86 -28.33 -26.98 -51.34
N CYS A 87 -27.78 -26.11 -50.48
CA CYS A 87 -26.49 -26.31 -49.87
C CYS A 87 -26.58 -26.85 -48.45
N SER A 88 -27.78 -27.25 -48.02
CA SER A 88 -27.98 -27.78 -46.68
C SER A 88 -27.07 -28.99 -46.44
N GLY A 89 -25.99 -28.78 -45.69
CA GLY A 89 -25.01 -29.80 -45.43
C GLY A 89 -23.68 -29.58 -46.13
N LYS A 90 -23.61 -28.63 -47.05
CA LYS A 90 -22.40 -28.37 -47.81
C LYS A 90 -21.52 -27.35 -47.11
N ILE A 91 -20.21 -27.47 -47.33
CA ILE A 91 -19.27 -26.44 -46.95
C ILE A 91 -18.80 -25.63 -48.15
N ILE A 92 -18.53 -26.32 -49.26
CA ILE A 92 -18.36 -25.69 -50.56
C ILE A 92 -19.51 -26.16 -51.44
N CYS A 93 -20.24 -25.20 -52.01
CA CYS A 93 -21.50 -25.50 -52.70
C CYS A 93 -21.54 -24.74 -54.02
N CYS A 94 -21.42 -25.47 -55.12
CA CYS A 94 -21.54 -24.84 -56.44
C CYS A 94 -23.01 -24.74 -56.84
N THR A 95 -23.32 -23.68 -57.57
CA THR A 95 -24.71 -23.41 -57.96
C THR A 95 -24.84 -23.19 -59.47
N ASN A 96 -26.00 -22.68 -59.89
CA ASN A 96 -26.26 -22.43 -61.31
C ASN A 96 -26.13 -20.96 -61.69
N VAL A 97 -26.23 -20.05 -60.73
CA VAL A 97 -26.20 -18.61 -61.01
C VAL A 97 -24.84 -18.23 -61.59
N PRO A 98 -24.79 -17.74 -62.83
CA PRO A 98 -23.51 -17.33 -63.41
C PRO A 98 -22.99 -16.06 -62.74
N TRP A 99 -21.67 -15.91 -62.74
CA TRP A 99 -21.06 -14.74 -62.11
C TRP A 99 -21.25 -13.54 -63.04
N ASN A 100 -22.13 -12.63 -62.62
CA ASN A 100 -22.34 -11.37 -63.32
C ASN A 100 -21.10 -10.49 -63.14
N ASP A 101 -20.48 -10.10 -64.26
CA ASP A 101 -19.30 -9.26 -64.19
C ASP A 101 -19.56 -7.88 -63.60
N SER A 102 -20.83 -7.48 -63.47
CA SER A 102 -21.15 -6.26 -62.77
C SER A 102 -20.81 -6.34 -61.29
N TRP A 103 -20.75 -7.56 -60.73
CA TRP A 103 -20.35 -7.70 -59.33
C TRP A 103 -18.85 -7.49 -59.16
N SER A 104 -18.05 -8.08 -60.04
CA SER A 104 -16.60 -7.92 -59.96
C SER A 104 -16.01 -8.43 -61.28
N ASN A 105 -15.30 -7.56 -61.99
CA ASN A 105 -14.64 -7.90 -63.24
C ASN A 105 -13.23 -8.43 -63.03
N LYS A 106 -12.97 -9.15 -61.94
CA LYS A 106 -11.65 -9.68 -61.64
C LYS A 106 -11.57 -11.15 -62.03
N THR A 107 -10.37 -11.58 -62.43
CA THR A 107 -10.16 -12.98 -62.80
C THR A 107 -10.11 -13.86 -61.55
N ILE A 108 -10.26 -15.16 -61.78
CA ILE A 108 -10.21 -16.13 -60.69
C ILE A 108 -8.83 -16.13 -60.05
N ASN A 109 -7.78 -15.94 -60.86
CA ASN A 109 -6.42 -15.98 -60.34
C ASN A 109 -6.10 -14.75 -59.49
N GLU A 110 -6.64 -13.58 -59.82
CA GLU A 110 -6.40 -12.38 -59.05
C GLU A 110 -7.37 -12.23 -57.88
N ILE A 111 -8.19 -13.26 -57.63
CA ILE A 111 -9.05 -13.34 -56.45
C ILE A 111 -8.53 -14.40 -55.47
N TRP A 112 -8.55 -15.67 -55.88
CA TRP A 112 -8.24 -16.76 -54.97
C TRP A 112 -6.76 -16.84 -54.58
N ASP A 113 -5.87 -16.27 -55.38
CA ASP A 113 -4.44 -16.29 -55.10
C ASP A 113 -3.90 -14.93 -54.68
N ASN A 114 -4.78 -13.96 -54.43
CA ASN A 114 -4.31 -12.63 -54.04
C ASN A 114 -5.12 -12.08 -52.88
N MET A 115 -6.41 -11.85 -53.10
CA MET A 115 -7.25 -11.22 -52.08
C MET A 115 -7.56 -12.18 -50.95
N THR A 116 -7.77 -11.61 -49.76
CA THR A 116 -8.22 -12.39 -48.61
C THR A 116 -9.74 -12.37 -48.53
N TRP A 117 -10.27 -13.31 -47.75
CA TRP A 117 -11.73 -13.45 -47.66
C TRP A 117 -12.38 -12.20 -47.08
N MET A 118 -11.65 -11.45 -46.24
CA MET A 118 -12.20 -10.20 -45.73
C MET A 118 -12.08 -9.07 -46.74
N GLN A 119 -11.06 -9.12 -47.60
CA GLN A 119 -10.98 -8.13 -48.68
C GLN A 119 -12.08 -8.33 -49.70
N TRP A 120 -12.39 -9.59 -50.01
CA TRP A 120 -13.29 -9.89 -51.13
C TRP A 120 -14.70 -9.38 -50.86
N GLU A 121 -15.27 -9.76 -49.72
CA GLU A 121 -16.68 -9.48 -49.47
C GLU A 121 -16.95 -8.03 -49.11
N LYS A 122 -15.92 -7.22 -48.85
CA LYS A 122 -16.11 -5.78 -48.84
C LYS A 122 -16.36 -5.25 -50.24
N GLU A 123 -15.72 -5.87 -51.24
CA GLU A 123 -15.91 -5.46 -52.62
C GLU A 123 -17.24 -5.94 -53.17
N ILE A 124 -17.76 -7.06 -52.65
CA ILE A 124 -19.05 -7.60 -53.09
C ILE A 124 -20.20 -7.15 -52.19
N ASP A 125 -19.90 -6.46 -51.09
CA ASP A 125 -20.85 -6.12 -50.04
C ASP A 125 -22.19 -5.61 -50.59
N ASN A 126 -22.16 -4.79 -51.63
CA ASN A 126 -23.40 -4.25 -52.18
C ASN A 126 -24.25 -5.33 -52.81
N TYR A 127 -23.66 -6.11 -53.73
CA TYR A 127 -24.40 -7.13 -54.47
C TYR A 127 -24.66 -8.39 -53.68
N THR A 128 -24.26 -8.44 -52.41
CA THR A 128 -24.46 -9.66 -51.61
C THR A 128 -25.94 -9.97 -51.45
N GLN A 129 -26.76 -8.94 -51.23
CA GLN A 129 -28.20 -9.17 -51.12
C GLN A 129 -28.85 -9.50 -52.45
N HIS A 130 -28.21 -9.13 -53.57
CA HIS A 130 -28.74 -9.49 -54.88
C HIS A 130 -28.50 -10.96 -55.21
N ILE A 131 -27.35 -11.49 -54.78
CA ILE A 131 -27.02 -12.88 -55.09
C ILE A 131 -27.76 -13.85 -54.17
N TYR A 132 -28.16 -13.41 -52.97
CA TYR A 132 -28.99 -14.25 -52.11
C TYR A 132 -30.34 -14.52 -52.75
N THR A 133 -30.87 -13.53 -53.48
CA THR A 133 -32.12 -13.74 -54.18
C THR A 133 -31.95 -14.63 -55.40
N LEU A 134 -30.78 -14.57 -56.04
CA LEU A 134 -30.55 -15.39 -57.23
C LEU A 134 -30.40 -16.86 -56.87
N LEU A 135 -29.74 -17.16 -55.75
CA LEU A 135 -29.57 -18.54 -55.34
C LEU A 135 -30.91 -19.18 -54.96
N GLU A 136 -31.84 -18.39 -54.43
CA GLU A 136 -33.12 -18.94 -53.99
C GLU A 136 -34.03 -19.28 -55.15
N VAL A 137 -34.02 -18.47 -56.21
CA VAL A 137 -34.86 -18.79 -57.36
C VAL A 137 -34.25 -19.92 -58.19
N SER A 138 -32.91 -20.03 -58.19
CA SER A 138 -32.28 -21.14 -58.88
C SER A 138 -32.45 -22.47 -58.15
N GLN A 139 -32.88 -22.43 -56.89
CA GLN A 139 -33.19 -23.65 -56.16
C GLN A 139 -34.66 -24.01 -56.24
N ILE A 140 -35.54 -23.00 -56.28
CA ILE A 140 -36.96 -23.28 -56.48
C ILE A 140 -37.27 -23.62 -57.93
N GLN A 141 -36.41 -23.20 -58.87
CA GLN A 141 -36.50 -23.60 -60.27
C GLN A 141 -35.53 -24.72 -60.58
N GLN A 142 -35.34 -25.62 -59.60
CA GLN A 142 -34.48 -26.77 -59.78
C GLN A 142 -35.20 -27.99 -59.22
N GLU A 143 -35.83 -27.83 -58.05
CA GLU A 143 -36.70 -28.86 -57.52
C GLU A 143 -38.05 -28.88 -58.24
N LYS A 144 -38.43 -27.77 -58.86
CA LYS A 144 -39.65 -27.77 -59.67
C LYS A 144 -39.41 -28.45 -61.01
N ASN A 145 -38.22 -28.29 -61.59
CA ASN A 145 -37.86 -29.07 -62.76
C ASN A 145 -37.55 -30.52 -62.39
N GLU A 146 -37.13 -30.74 -61.14
CA GLU A 146 -36.92 -32.11 -60.67
C GLU A 146 -38.24 -32.82 -60.42
N GLN A 147 -39.28 -32.08 -60.04
CA GLN A 147 -40.58 -32.70 -59.78
C GLN A 147 -41.21 -33.20 -61.07
N GLU A 148 -41.06 -32.45 -62.17
CA GLU A 148 -41.54 -32.94 -63.45
C GLU A 148 -40.69 -34.09 -63.96
N LEU A 149 -39.41 -34.13 -63.58
CA LEU A 149 -38.53 -35.21 -64.01
C LEU A 149 -39.01 -36.55 -63.48
N LEU A 150 -39.40 -36.60 -62.21
CA LEU A 150 -39.85 -37.85 -61.61
C LEU A 150 -41.32 -38.15 -61.87
N GLU A 151 -42.00 -37.34 -62.69
CA GLU A 151 -43.36 -37.66 -63.07
C GLU A 151 -43.42 -38.79 -64.10
N LEU A 152 -42.30 -39.11 -64.74
CA LEU A 152 -42.26 -40.17 -65.73
C LEU A 152 -41.65 -41.44 -65.12
N GLN B 1 -0.81 -1.48 -56.42
CA GLN B 1 -1.63 -0.27 -56.50
C GLN B 1 -1.04 0.85 -55.65
N GLY B 2 0.29 0.89 -55.56
CA GLY B 2 0.98 1.91 -54.79
C GLY B 2 2.27 2.33 -55.47
N GLN B 3 2.95 3.28 -54.85
CA GLN B 3 4.18 3.85 -55.38
C GLN B 3 5.39 3.18 -54.76
N LEU B 4 6.46 3.08 -55.57
CA LEU B 4 7.74 2.54 -55.14
C LEU B 4 8.83 3.55 -55.50
N VAL B 5 8.86 4.67 -54.77
CA VAL B 5 9.85 5.71 -55.03
C VAL B 5 11.23 5.21 -54.62
N GLN B 6 12.25 5.65 -55.37
CA GLN B 6 13.62 5.23 -55.14
C GLN B 6 14.46 6.45 -54.73
N SER B 7 15.78 6.27 -54.72
CA SER B 7 16.70 7.33 -54.37
C SER B 7 16.96 8.20 -55.60
N GLY B 8 17.96 9.08 -55.51
CA GLY B 8 18.34 9.93 -56.62
C GLY B 8 19.26 9.24 -57.59
N ALA B 9 20.06 10.04 -58.30
CA ALA B 9 21.03 9.54 -59.28
C ALA B 9 22.43 9.81 -58.72
N THR B 10 22.96 8.84 -58.00
CA THR B 10 24.29 8.95 -57.40
C THR B 10 25.31 8.24 -58.27
N THR B 11 26.38 8.94 -58.62
CA THR B 11 27.42 8.43 -59.50
C THR B 11 28.76 8.46 -58.76
N THR B 12 29.30 7.28 -58.45
CA THR B 12 30.61 7.16 -57.87
C THR B 12 31.58 6.62 -58.93
N LYS B 13 32.68 6.03 -58.47
CA LYS B 13 33.72 5.51 -59.34
C LYS B 13 33.99 4.05 -59.01
N PRO B 14 34.58 3.29 -59.95
CA PRO B 14 34.80 1.85 -59.72
C PRO B 14 35.51 1.51 -58.42
N GLY B 15 35.27 0.30 -57.91
CA GLY B 15 35.82 -0.15 -56.66
C GLY B 15 34.98 0.18 -55.44
N SER B 16 34.11 1.18 -55.52
CA SER B 16 33.32 1.63 -54.40
C SER B 16 32.03 0.82 -54.29
N SER B 17 31.08 1.31 -53.50
CA SER B 17 29.78 0.68 -53.31
C SER B 17 28.72 1.76 -53.17
N VAL B 18 27.55 1.51 -53.76
CA VAL B 18 26.46 2.48 -53.81
C VAL B 18 25.22 1.86 -53.16
N LYS B 19 24.50 2.68 -52.40
CA LYS B 19 23.27 2.27 -51.73
C LYS B 19 22.07 2.87 -52.43
N ILE B 20 21.10 2.03 -52.78
CA ILE B 20 19.88 2.44 -53.47
C ILE B 20 18.68 2.06 -52.61
N SER B 21 17.76 3.01 -52.43
CA SER B 21 16.57 2.82 -51.60
C SER B 21 15.35 2.51 -52.46
N CYS B 22 14.26 2.18 -51.78
CA CYS B 22 13.02 1.78 -52.48
C CYS B 22 11.89 1.83 -51.44
N LYS B 23 11.30 3.01 -51.28
CA LYS B 23 10.25 3.24 -50.29
C LYS B 23 8.89 2.93 -50.89
N THR B 24 8.15 2.05 -50.23
CA THR B 24 6.85 1.59 -50.69
C THR B 24 5.72 2.30 -49.96
N SER B 25 4.54 2.24 -50.56
CA SER B 25 3.33 2.84 -49.99
C SER B 25 2.13 2.33 -50.79
N GLY B 26 0.96 2.37 -50.15
CA GLY B 26 -0.29 2.03 -50.81
C GLY B 26 -0.58 0.55 -50.91
N TYR B 27 0.27 -0.33 -50.38
CA TYR B 27 0.02 -1.76 -50.43
C TYR B 27 0.76 -2.43 -49.29
N ARG B 28 0.24 -3.59 -48.86
CA ARG B 28 0.87 -4.38 -47.81
C ARG B 28 2.27 -4.81 -48.25
N PHE B 29 3.29 -4.17 -47.68
CA PHE B 29 4.65 -4.39 -48.12
C PHE B 29 5.12 -5.82 -47.84
N ASN B 30 4.57 -6.47 -46.81
CA ASN B 30 4.99 -7.81 -46.45
C ASN B 30 4.41 -8.89 -47.35
N PHE B 31 3.34 -8.59 -48.09
CA PHE B 31 2.65 -9.63 -48.86
C PHE B 31 3.30 -9.92 -50.21
N TYR B 32 4.26 -9.11 -50.65
CA TYR B 32 4.80 -9.25 -52.00
C TYR B 32 6.31 -9.11 -51.98
N HIS B 33 6.97 -9.89 -52.83
CA HIS B 33 8.42 -9.83 -52.96
C HIS B 33 8.85 -8.50 -53.56
N ILE B 34 10.14 -8.20 -53.41
CA ILE B 34 10.75 -7.01 -54.00
C ILE B 34 11.87 -7.47 -54.91
N ASN B 35 11.67 -7.33 -56.22
CA ASN B 35 12.66 -7.70 -57.21
C ASN B 35 13.56 -6.51 -57.53
N TRP B 36 14.75 -6.82 -58.04
CA TRP B 36 15.71 -5.79 -58.45
C TRP B 36 16.17 -6.09 -59.87
N ILE B 37 15.94 -5.14 -60.78
CA ILE B 37 16.29 -5.28 -62.18
C ILE B 37 17.11 -4.08 -62.60
N ARG B 38 17.90 -4.27 -63.65
CA ARG B 38 18.72 -3.20 -64.19
C ARG B 38 18.83 -3.35 -65.71
N GLN B 39 19.09 -2.23 -66.37
CA GLN B 39 19.31 -2.20 -67.82
C GLN B 39 20.57 -1.38 -68.07
N THR B 40 21.66 -2.08 -68.39
CA THR B 40 22.97 -1.45 -68.55
C THR B 40 23.25 -1.12 -70.01
N ALA B 41 24.19 -0.20 -70.21
CA ALA B 41 24.66 0.17 -71.54
C ALA B 41 25.75 -0.81 -71.94
N GLY B 42 25.35 -1.89 -72.61
CA GLY B 42 26.25 -2.96 -72.98
C GLY B 42 25.51 -4.27 -73.11
N ARG B 43 24.43 -4.40 -72.35
CA ARG B 43 23.52 -5.53 -72.46
C ARG B 43 22.11 -4.97 -72.58
N GLY B 44 21.12 -5.80 -72.26
CA GLY B 44 19.76 -5.35 -72.15
C GLY B 44 19.32 -5.36 -70.69
N PRO B 45 18.09 -5.79 -70.44
CA PRO B 45 17.65 -5.98 -69.05
C PRO B 45 18.23 -7.26 -68.47
N GLU B 46 18.46 -7.24 -67.15
CA GLU B 46 19.05 -8.37 -66.45
C GLU B 46 18.44 -8.47 -65.06
N TRP B 47 17.85 -9.62 -64.75
CA TRP B 47 17.27 -9.86 -63.44
C TRP B 47 18.37 -10.14 -62.43
N MET B 48 18.34 -9.43 -61.30
CA MET B 48 19.35 -9.57 -60.26
C MET B 48 18.90 -10.50 -59.13
N GLY B 49 17.73 -10.26 -58.55
CA GLY B 49 17.23 -11.11 -57.49
C GLY B 49 16.12 -10.46 -56.70
N TRP B 50 15.25 -11.27 -56.10
CA TRP B 50 14.16 -10.79 -55.27
C TRP B 50 14.38 -11.18 -53.81
N ILE B 51 13.72 -10.44 -52.92
CA ILE B 51 13.79 -10.67 -51.49
C ILE B 51 12.39 -10.65 -50.92
N SER B 52 12.16 -11.46 -49.89
CA SER B 52 10.85 -11.59 -49.29
C SER B 52 10.75 -10.68 -48.06
N PRO B 53 9.92 -9.64 -48.07
CA PRO B 53 9.76 -8.81 -46.87
C PRO B 53 9.12 -9.54 -45.70
N TYR B 54 8.51 -10.70 -45.93
CA TYR B 54 7.88 -11.49 -44.86
C TYR B 54 8.77 -12.66 -44.44
N SER B 55 9.09 -13.55 -45.37
CA SER B 55 9.93 -14.70 -45.06
C SER B 55 11.39 -14.32 -44.84
N GLY B 56 11.78 -13.08 -45.14
CA GLY B 56 13.18 -12.70 -45.08
C GLY B 56 14.07 -13.52 -46.00
N ASP B 57 13.50 -14.13 -47.03
CA ASP B 57 14.21 -15.07 -47.87
C ASP B 57 14.67 -14.38 -49.16
N LYS B 58 15.88 -14.69 -49.58
CA LYS B 58 16.51 -14.08 -50.75
C LYS B 58 16.78 -15.14 -51.80
N ASN B 59 16.60 -14.77 -53.07
CA ASN B 59 17.01 -15.59 -54.19
C ASN B 59 17.52 -14.67 -55.29
N LEU B 60 18.77 -14.85 -55.68
CA LEU B 60 19.42 -13.97 -56.63
C LEU B 60 20.21 -14.78 -57.64
N ALA B 61 20.33 -14.24 -58.85
CA ALA B 61 21.00 -14.94 -59.93
C ALA B 61 22.48 -15.16 -59.57
N PRO B 62 23.07 -16.26 -60.04
CA PRO B 62 24.49 -16.51 -59.75
C PRO B 62 25.42 -15.44 -60.27
N ALA B 63 25.00 -14.66 -61.28
CA ALA B 63 25.84 -13.59 -61.80
C ALA B 63 25.96 -12.41 -60.87
N PHE B 64 25.12 -12.34 -59.82
CA PHE B 64 25.15 -11.22 -58.87
C PHE B 64 25.12 -11.70 -57.42
N GLN B 65 25.52 -12.96 -57.16
CA GLN B 65 25.36 -13.50 -55.82
C GLN B 65 26.41 -12.95 -54.86
N ASP B 66 27.66 -12.84 -55.31
CA ASP B 66 28.76 -12.42 -54.44
C ASP B 66 29.05 -10.93 -54.56
N ARG B 67 28.11 -10.14 -55.06
CA ARG B 67 28.25 -8.69 -55.15
C ARG B 67 27.15 -7.92 -54.45
N VAL B 68 25.93 -8.45 -54.40
CA VAL B 68 24.76 -7.67 -54.02
C VAL B 68 24.52 -7.78 -52.52
N ILE B 69 24.33 -6.63 -51.86
CA ILE B 69 23.80 -6.56 -50.51
C ILE B 69 22.34 -6.13 -50.60
N MET B 70 21.44 -7.01 -50.16
CA MET B 70 20.01 -6.80 -50.34
C MET B 70 19.30 -7.00 -49.02
N THR B 71 18.57 -5.98 -48.57
CA THR B 71 17.89 -6.02 -47.29
C THR B 71 16.55 -5.28 -47.40
N THR B 72 15.74 -5.42 -46.35
CA THR B 72 14.48 -4.70 -46.22
C THR B 72 14.33 -4.23 -44.78
N ASP B 73 13.41 -3.29 -44.57
CA ASP B 73 13.06 -2.87 -43.23
C ASP B 73 11.92 -3.73 -42.69
N THR B 74 11.01 -3.11 -41.95
CA THR B 74 9.76 -3.74 -41.54
C THR B 74 8.67 -2.70 -41.68
N GLU B 75 7.57 -3.08 -42.34
CA GLU B 75 6.54 -2.11 -42.72
C GLU B 75 5.98 -1.40 -41.50
N VAL B 76 5.66 -0.12 -41.68
CA VAL B 76 4.96 0.67 -40.68
C VAL B 76 3.49 0.72 -41.09
N PRO B 77 2.61 0.00 -40.39
CA PRO B 77 1.22 -0.12 -40.88
C PRO B 77 0.49 1.22 -40.86
N VAL B 78 -0.21 1.50 -41.95
CA VAL B 78 -1.07 2.67 -42.05
C VAL B 78 -2.52 2.32 -41.76
N THR B 79 -3.06 1.33 -42.46
CA THR B 79 -4.41 0.83 -42.20
C THR B 79 -4.38 -0.68 -41.98
N SER B 80 -5.46 -1.36 -42.36
CA SER B 80 -5.49 -2.81 -42.28
C SER B 80 -4.83 -3.47 -43.48
N PHE B 81 -4.86 -2.79 -44.63
CA PHE B 81 -4.26 -3.32 -45.85
C PHE B 81 -3.21 -2.39 -46.46
N THR B 82 -2.87 -1.30 -45.79
CA THR B 82 -1.85 -0.37 -46.25
C THR B 82 -0.67 -0.37 -45.28
N SER B 83 0.51 -0.14 -45.82
CA SER B 83 1.72 -0.07 -45.02
C SER B 83 2.76 0.77 -45.74
N THR B 84 3.88 0.98 -45.07
CA THR B 84 5.01 1.73 -45.64
C THR B 84 6.30 1.02 -45.25
N GLY B 85 7.03 0.54 -46.25
CA GLY B 85 8.29 -0.14 -46.01
C GLY B 85 9.41 0.38 -46.89
N ALA B 86 10.55 -0.32 -46.89
CA ALA B 86 11.69 0.11 -47.68
C ALA B 86 12.60 -1.08 -47.95
N ALA B 87 13.08 -1.16 -49.19
CA ALA B 87 14.06 -2.17 -49.59
C ALA B 87 15.33 -1.47 -50.04
N TYR B 88 16.47 -2.07 -49.75
CA TYR B 88 17.77 -1.46 -49.98
C TYR B 88 18.61 -2.33 -50.91
N MET B 89 19.50 -1.68 -51.65
CA MET B 89 20.30 -2.36 -52.67
C MET B 89 21.72 -1.82 -52.63
N GLU B 90 22.70 -2.72 -52.52
CA GLU B 90 24.11 -2.38 -52.59
C GLU B 90 24.83 -3.41 -53.45
N ILE B 91 26.02 -3.02 -53.93
CA ILE B 91 26.85 -3.86 -54.77
C ILE B 91 28.28 -3.81 -54.23
N ARG B 92 29.04 -4.88 -54.46
CA ARG B 92 30.42 -4.98 -54.00
C ARG B 92 31.39 -4.40 -55.03
N ASN B 93 31.97 -5.26 -55.88
CA ASN B 93 32.97 -4.84 -56.85
C ASN B 93 32.28 -4.04 -57.95
N LEU B 94 32.41 -2.72 -57.90
CA LEU B 94 31.76 -1.82 -58.85
C LEU B 94 32.73 -1.47 -59.98
N THR B 95 32.19 -1.42 -61.19
CA THR B 95 32.93 -1.01 -62.39
C THR B 95 32.08 -0.05 -63.19
N SER B 96 32.59 0.36 -64.34
CA SER B 96 31.79 1.11 -65.31
C SER B 96 30.95 0.21 -66.20
N ASP B 97 31.12 -1.11 -66.09
CA ASP B 97 30.26 -2.04 -66.81
C ASP B 97 28.87 -2.10 -66.19
N ASP B 98 28.76 -1.89 -64.88
CA ASP B 98 27.48 -1.89 -64.18
C ASP B 98 26.73 -0.58 -64.32
N THR B 99 27.25 0.38 -65.09
CA THR B 99 26.57 1.65 -65.29
C THR B 99 25.24 1.43 -66.00
N GLY B 100 24.16 1.88 -65.38
CA GLY B 100 22.85 1.73 -65.99
C GLY B 100 21.77 2.20 -65.05
N THR B 101 20.52 2.03 -65.50
CA THR B 101 19.35 2.42 -64.74
C THR B 101 18.86 1.23 -63.92
N TYR B 102 18.58 1.47 -62.64
CA TYR B 102 18.18 0.44 -61.71
C TYR B 102 16.82 0.77 -61.11
N PHE B 103 15.96 -0.24 -60.99
CA PHE B 103 14.67 -0.07 -60.34
C PHE B 103 14.39 -1.28 -59.45
N CYS B 104 13.45 -1.08 -58.52
CA CYS B 104 12.87 -2.15 -57.73
C CYS B 104 11.48 -2.45 -58.24
N ALA B 105 11.03 -3.68 -58.01
CA ALA B 105 9.76 -4.13 -58.56
C ALA B 105 9.06 -5.04 -57.54
N LYS B 106 7.86 -4.66 -57.14
CA LYS B 106 7.03 -5.48 -56.26
C LYS B 106 6.46 -6.68 -57.03
N GLY B 107 6.35 -7.82 -56.33
CA GLY B 107 5.83 -9.06 -56.87
C GLY B 107 4.43 -8.95 -57.46
N LEU B 108 4.00 -10.01 -58.14
CA LEU B 108 2.71 -10.01 -58.84
C LEU B 108 1.56 -10.52 -57.97
N LEU B 109 1.71 -11.71 -57.41
CA LEU B 109 0.65 -12.31 -56.60
C LEU B 109 1.17 -12.73 -55.24
N ARG B 110 0.32 -13.40 -54.46
CA ARG B 110 0.70 -13.93 -53.15
C ARG B 110 0.75 -15.45 -53.10
N ASP B 111 0.27 -16.14 -54.13
CA ASP B 111 0.26 -17.60 -54.18
C ASP B 111 0.21 -18.02 -55.63
N GLY B 112 0.58 -19.29 -55.87
CA GLY B 112 0.52 -19.85 -57.21
C GLY B 112 1.87 -20.15 -57.81
N SER B 113 2.03 -19.83 -59.08
CA SER B 113 3.29 -20.04 -59.80
C SER B 113 3.94 -18.76 -60.30
N SER B 114 3.22 -17.64 -60.29
CA SER B 114 3.82 -16.36 -60.65
C SER B 114 3.73 -15.42 -59.45
N THR B 115 4.32 -15.82 -58.34
CA THR B 115 4.21 -15.05 -57.10
C THR B 115 5.14 -13.84 -57.10
N TRP B 116 6.39 -14.03 -57.51
CA TRP B 116 7.42 -13.01 -57.42
C TRP B 116 7.55 -12.15 -58.66
N LEU B 117 6.76 -12.42 -59.70
CA LEU B 117 6.99 -11.80 -61.00
C LEU B 117 6.99 -10.28 -60.89
N PRO B 118 8.08 -9.61 -61.27
CA PRO B 118 8.15 -8.15 -61.12
C PRO B 118 7.05 -7.42 -61.88
N TYR B 119 6.03 -6.97 -61.14
CA TYR B 119 4.85 -6.35 -61.73
C TYR B 119 4.86 -4.83 -61.58
N LEU B 120 4.94 -4.34 -60.34
CA LEU B 120 4.88 -2.91 -60.05
C LEU B 120 6.30 -2.38 -59.90
N TRP B 121 6.73 -1.59 -60.88
CA TRP B 121 8.10 -1.09 -60.93
C TRP B 121 8.23 0.26 -60.23
N GLY B 122 9.47 0.63 -59.94
CA GLY B 122 9.76 1.90 -59.32
C GLY B 122 9.86 3.04 -60.31
N GLN B 123 10.91 3.84 -60.20
CA GLN B 123 11.11 4.99 -61.07
C GLN B 123 12.42 4.98 -61.84
N GLY B 124 13.45 4.33 -61.32
CA GLY B 124 14.74 4.28 -61.98
C GLY B 124 15.76 5.15 -61.31
N THR B 125 16.98 4.64 -61.17
CA THR B 125 18.11 5.37 -60.62
C THR B 125 19.33 5.12 -61.51
N LEU B 126 19.97 6.22 -61.94
CA LEU B 126 21.10 6.15 -62.85
C LEU B 126 22.39 6.03 -62.05
N LEU B 127 23.13 4.94 -62.28
CA LEU B 127 24.37 4.68 -61.55
C LEU B 127 25.53 5.43 -62.19
N THR B 128 26.76 5.04 -61.85
CA THR B 128 27.98 5.71 -62.31
C THR B 128 28.04 5.82 -63.83
N SER C 1 25.79 -8.02 -74.66
CA SER C 1 24.62 -8.89 -74.69
C SER C 1 25.04 -10.36 -74.69
N GLN C 2 24.26 -11.18 -73.99
CA GLN C 2 24.53 -12.61 -73.89
C GLN C 2 23.24 -13.36 -73.60
N SER C 3 22.12 -12.81 -74.04
CA SER C 3 20.81 -13.39 -73.74
C SER C 3 20.63 -14.69 -74.52
N VAL C 4 20.48 -15.79 -73.77
CA VAL C 4 20.23 -17.10 -74.37
C VAL C 4 18.82 -17.21 -74.95
N LEU C 5 17.92 -16.29 -74.58
CA LEU C 5 16.54 -16.29 -75.06
C LEU C 5 16.40 -15.24 -76.16
N THR C 6 16.41 -15.69 -77.41
CA THR C 6 16.35 -14.79 -78.55
C THR C 6 14.90 -14.50 -78.92
N GLN C 7 14.67 -13.32 -79.50
CA GLN C 7 13.36 -12.85 -79.91
C GLN C 7 13.31 -12.71 -81.43
N SER C 8 12.44 -11.83 -81.94
CA SER C 8 12.21 -11.65 -83.36
C SER C 8 12.99 -10.48 -83.94
N ALA C 9 14.15 -10.15 -83.36
CA ALA C 9 14.95 -9.01 -83.78
C ALA C 9 14.11 -7.73 -83.80
N SER C 10 13.56 -7.40 -84.97
CA SER C 10 12.66 -6.26 -85.10
C SER C 10 11.53 -6.64 -86.06
N VAL C 11 10.45 -5.85 -86.01
CA VAL C 11 9.28 -6.10 -86.84
C VAL C 11 8.52 -4.79 -86.96
N SER C 12 7.70 -4.68 -88.00
CA SER C 12 6.92 -3.47 -88.27
C SER C 12 5.45 -3.83 -88.41
N GLY C 13 4.61 -2.80 -88.43
CA GLY C 13 3.18 -3.00 -88.57
C GLY C 13 2.52 -1.71 -89.01
N SER C 14 1.19 -1.79 -89.15
CA SER C 14 0.39 -0.64 -89.57
C SER C 14 -0.87 -0.58 -88.72
N LEU C 15 -1.47 0.61 -88.66
CA LEU C 15 -2.65 0.83 -87.85
C LEU C 15 -3.79 -0.08 -88.28
N GLY C 16 -4.47 -0.68 -87.29
CA GLY C 16 -5.53 -1.62 -87.55
C GLY C 16 -5.11 -3.04 -87.78
N GLN C 17 -3.82 -3.28 -88.05
CA GLN C 17 -3.32 -4.62 -88.31
C GLN C 17 -2.82 -5.26 -87.02
N SER C 18 -2.33 -6.49 -87.13
CA SER C 18 -1.83 -7.25 -85.99
C SER C 18 -0.44 -7.79 -86.28
N VAL C 19 0.40 -7.81 -85.24
CA VAL C 19 1.79 -8.23 -85.36
C VAL C 19 1.98 -9.50 -84.53
N THR C 20 3.17 -10.08 -84.57
CA THR C 20 3.52 -11.25 -83.77
C THR C 20 5.02 -11.21 -83.49
N ILE C 21 5.40 -11.46 -82.24
CA ILE C 21 6.79 -11.45 -81.83
C ILE C 21 7.15 -12.83 -81.29
N SER C 22 8.27 -13.37 -81.77
CA SER C 22 8.75 -14.67 -81.34
C SER C 22 9.61 -14.55 -80.09
N CYS C 23 9.85 -15.71 -79.46
CA CYS C 23 10.66 -15.79 -78.25
C CYS C 23 11.03 -17.25 -77.99
N THR C 24 12.22 -17.67 -78.43
CA THR C 24 12.63 -19.06 -78.30
C THR C 24 14.09 -19.12 -77.89
N GLY C 25 14.44 -20.25 -77.28
CA GLY C 25 15.81 -20.54 -76.89
C GLY C 25 16.05 -22.03 -76.86
N PRO C 26 17.19 -22.45 -76.32
CA PRO C 26 17.46 -23.89 -76.19
C PRO C 26 16.58 -24.54 -75.15
N ASN C 27 16.71 -25.86 -74.98
CA ASN C 27 15.91 -26.60 -74.03
C ASN C 27 16.21 -26.24 -72.58
N SER C 28 17.19 -25.36 -72.34
CA SER C 28 17.56 -24.95 -70.99
C SER C 28 16.71 -23.82 -70.46
N VAL C 29 15.89 -23.18 -71.29
CA VAL C 29 15.12 -22.00 -70.87
C VAL C 29 13.80 -21.91 -71.60
N CYS C 30 13.38 -23.00 -72.26
CA CYS C 30 12.22 -22.94 -73.15
C CYS C 30 11.85 -24.35 -73.58
N CYS C 31 10.54 -24.65 -73.60
CA CYS C 31 9.47 -23.75 -73.17
C CYS C 31 8.38 -24.49 -72.40
N SER C 32 8.19 -25.77 -72.74
CA SER C 32 7.12 -26.57 -72.16
C SER C 32 7.27 -26.79 -70.66
N HIS C 33 8.40 -26.40 -70.08
CA HIS C 33 8.66 -26.56 -68.65
C HIS C 33 9.02 -25.22 -68.03
N LYS C 34 8.40 -24.15 -68.50
CA LYS C 34 8.70 -22.79 -68.04
C LYS C 34 7.58 -21.85 -68.47
N SER C 35 7.21 -20.93 -67.59
CA SER C 35 6.25 -19.90 -67.94
C SER C 35 6.92 -18.81 -68.75
N ILE C 36 6.10 -18.05 -69.47
CA ILE C 36 6.57 -16.98 -70.35
C ILE C 36 5.85 -15.69 -69.98
N SER C 37 6.60 -14.67 -69.60
CA SER C 37 6.06 -13.34 -69.29
C SER C 37 6.48 -12.35 -70.36
N TRP C 38 5.60 -11.42 -70.68
CA TRP C 38 5.83 -10.43 -71.73
C TRP C 38 5.75 -9.03 -71.14
N TYR C 39 6.78 -8.23 -71.38
CA TYR C 39 6.90 -6.89 -70.83
C TYR C 39 6.96 -5.86 -71.95
N GLN C 40 6.09 -4.86 -71.89
CA GLN C 40 6.28 -3.65 -72.69
C GLN C 40 7.28 -2.74 -71.96
N TRP C 41 8.30 -2.29 -72.69
CA TRP C 41 9.40 -1.56 -72.07
C TRP C 41 9.84 -0.40 -72.96
N PRO C 42 9.34 0.81 -72.70
CA PRO C 42 9.91 2.00 -73.35
C PRO C 42 11.38 2.13 -73.02
N PRO C 43 12.16 2.86 -73.84
CA PRO C 43 13.61 2.89 -73.65
C PRO C 43 14.06 3.41 -72.29
N GLY C 44 14.51 2.51 -71.43
CA GLY C 44 15.06 2.86 -70.13
C GLY C 44 14.11 3.62 -69.23
N ARG C 45 12.87 3.15 -69.12
CA ARG C 45 11.88 3.83 -68.29
C ARG C 45 11.00 2.84 -67.54
N ALA C 46 9.75 3.22 -67.30
CA ALA C 46 8.84 2.39 -66.53
C ALA C 46 8.32 1.23 -67.39
N PRO C 47 8.63 -0.02 -67.05
CA PRO C 47 8.11 -1.14 -67.84
C PRO C 47 6.62 -1.38 -67.58
N THR C 48 6.09 -2.47 -68.13
CA THR C 48 4.69 -2.82 -67.94
C THR C 48 4.52 -4.30 -68.19
N LEU C 49 3.95 -5.02 -67.23
CA LEU C 49 3.64 -6.44 -67.40
C LEU C 49 2.40 -6.56 -68.29
N ILE C 50 2.58 -7.10 -69.49
CA ILE C 50 1.47 -7.27 -70.42
C ILE C 50 0.82 -8.63 -70.24
N ILE C 51 1.63 -9.69 -70.20
CA ILE C 51 1.12 -11.07 -70.19
C ILE C 51 2.04 -11.92 -69.33
N TYR C 52 1.46 -12.75 -68.48
CA TYR C 52 2.21 -13.71 -67.68
C TYR C 52 1.59 -15.09 -67.83
N GLU C 53 2.36 -16.12 -67.46
CA GLU C 53 1.93 -17.51 -67.56
C GLU C 53 1.39 -17.83 -68.95
N ASP C 54 2.27 -17.67 -69.94
CA ASP C 54 1.96 -17.92 -71.34
C ASP C 54 0.90 -16.98 -71.89
N ASN C 55 -0.37 -17.22 -71.53
CA ASN C 55 -1.48 -16.55 -72.17
C ASN C 55 -2.29 -15.63 -71.25
N GLU C 56 -1.94 -15.53 -69.97
CA GLU C 56 -2.73 -14.76 -69.02
C GLU C 56 -2.31 -13.29 -69.03
N ARG C 57 -3.29 -12.40 -69.09
CA ARG C 57 -3.04 -10.97 -69.11
C ARG C 57 -3.02 -10.41 -67.68
N ALA C 58 -2.25 -9.33 -67.52
CA ALA C 58 -2.19 -8.62 -66.25
C ALA C 58 -3.47 -7.83 -66.04
N PRO C 59 -3.69 -7.28 -64.84
CA PRO C 59 -4.89 -6.46 -64.63
C PRO C 59 -4.94 -5.26 -65.56
N GLY C 60 -6.08 -5.09 -66.22
CA GLY C 60 -6.32 -3.95 -67.07
C GLY C 60 -5.69 -3.99 -68.44
N ILE C 61 -4.99 -5.07 -68.77
CA ILE C 61 -4.35 -5.18 -70.08
C ILE C 61 -5.41 -5.29 -71.17
N SER C 62 -5.22 -4.56 -72.26
CA SER C 62 -6.19 -4.54 -73.34
C SER C 62 -6.38 -5.93 -73.94
N PRO C 63 -7.59 -6.29 -74.35
CA PRO C 63 -7.81 -7.61 -74.95
C PRO C 63 -7.11 -7.81 -76.29
N ARG C 64 -6.46 -6.77 -76.82
CA ARG C 64 -5.72 -6.92 -78.07
C ARG C 64 -4.56 -7.89 -77.91
N PHE C 65 -3.81 -7.77 -76.81
CA PHE C 65 -2.62 -8.58 -76.61
C PHE C 65 -2.99 -10.02 -76.34
N SER C 66 -2.33 -10.95 -77.04
CA SER C 66 -2.59 -12.38 -76.90
C SER C 66 -1.28 -13.11 -76.68
N GLY C 67 -1.40 -14.32 -76.15
CA GLY C 67 -0.23 -15.15 -75.87
C GLY C 67 -0.47 -16.58 -76.32
N TYR C 68 0.63 -17.26 -76.61
CA TYR C 68 0.59 -18.65 -77.04
C TYR C 68 1.98 -19.24 -76.82
N LYS C 69 2.03 -20.51 -76.45
CA LYS C 69 3.31 -21.18 -76.20
C LYS C 69 3.25 -22.59 -76.76
N SER C 70 4.05 -22.84 -77.80
CA SER C 70 4.24 -24.19 -78.31
C SER C 70 5.41 -24.84 -77.58
N TYR C 71 5.74 -26.07 -77.96
CA TYR C 71 6.77 -26.82 -77.24
C TYR C 71 8.18 -26.32 -77.49
N TRP C 72 8.36 -25.27 -78.31
CA TRP C 72 9.69 -24.76 -78.57
C TRP C 72 9.77 -23.24 -78.66
N SER C 73 8.64 -22.52 -78.63
CA SER C 73 8.67 -21.07 -78.73
C SER C 73 7.35 -20.52 -78.20
N ALA C 74 7.39 -19.26 -77.77
CA ALA C 74 6.21 -18.55 -77.30
C ALA C 74 6.00 -17.30 -78.13
N TYR C 75 4.74 -16.97 -78.40
CA TYR C 75 4.40 -15.89 -79.32
C TYR C 75 3.57 -14.83 -78.61
N LEU C 76 3.86 -13.57 -78.93
CA LEU C 76 3.10 -12.42 -78.45
C LEU C 76 2.52 -11.68 -79.64
N THR C 77 1.20 -11.66 -79.74
CA THR C 77 0.50 -10.99 -80.83
C THR C 77 -0.12 -9.71 -80.32
N ILE C 78 -0.07 -8.67 -81.15
CA ILE C 78 -0.60 -7.35 -80.81
C ILE C 78 -1.72 -7.05 -81.80
N SER C 79 -2.93 -7.49 -81.47
CA SER C 79 -4.07 -7.30 -82.35
C SER C 79 -4.48 -5.83 -82.39
N ASP C 80 -5.03 -5.42 -83.54
CA ASP C 80 -5.54 -4.06 -83.74
C ASP C 80 -4.52 -3.02 -83.30
N LEU C 81 -3.54 -2.75 -84.16
CA LEU C 81 -2.47 -1.82 -83.81
C LEU C 81 -2.99 -0.40 -83.60
N ARG C 82 -2.94 0.08 -82.37
CA ARG C 82 -3.20 1.47 -82.05
C ARG C 82 -1.90 2.25 -82.08
N PRO C 83 -1.95 3.57 -82.30
CA PRO C 83 -0.71 4.34 -82.50
C PRO C 83 0.24 4.32 -81.31
N GLU C 84 -0.25 4.11 -80.09
CA GLU C 84 0.60 4.17 -78.90
C GLU C 84 1.34 2.86 -78.62
N ASP C 85 1.75 2.14 -79.67
CA ASP C 85 2.40 0.85 -79.52
C ASP C 85 3.88 0.85 -79.88
N GLU C 86 4.45 2.00 -80.23
CA GLU C 86 5.85 2.09 -80.61
C GLU C 86 6.73 1.96 -79.37
N THR C 87 7.32 0.80 -79.16
CA THR C 87 8.21 0.54 -78.04
C THR C 87 8.96 -0.76 -78.31
N THR C 88 9.68 -1.24 -77.30
CA THR C 88 10.43 -2.49 -77.38
C THR C 88 9.86 -3.48 -76.38
N TYR C 89 9.69 -4.72 -76.83
CA TYR C 89 9.04 -5.77 -76.03
C TYR C 89 10.06 -6.86 -75.70
N TYR C 90 10.08 -7.26 -74.43
CA TYR C 90 10.96 -8.31 -73.95
C TYR C 90 10.13 -9.45 -73.37
N CYS C 91 10.60 -10.68 -73.57
CA CYS C 91 10.01 -11.84 -72.93
C CYS C 91 10.89 -12.31 -71.77
N CYS C 92 10.36 -13.24 -70.99
CA CYS C 92 11.09 -13.78 -69.85
C CYS C 92 10.57 -15.18 -69.53
N SER C 93 11.49 -16.10 -69.32
CA SER C 93 11.16 -17.48 -68.95
C SER C 93 11.41 -17.68 -67.46
N TYR C 94 10.47 -18.36 -66.80
CA TYR C 94 10.53 -18.49 -65.35
C TYR C 94 9.61 -19.61 -64.89
N THR C 95 9.93 -20.14 -63.70
CA THR C 95 9.07 -21.06 -62.97
C THR C 95 8.57 -20.36 -61.70
N HIS C 96 8.18 -21.16 -60.70
CA HIS C 96 7.62 -20.56 -59.49
C HIS C 96 8.70 -20.11 -58.51
N ASN C 97 9.87 -20.74 -58.52
CA ASN C 97 10.93 -20.43 -57.57
C ASN C 97 12.23 -20.06 -58.29
N SER C 98 12.11 -19.33 -59.40
CA SER C 98 13.29 -18.93 -60.16
C SER C 98 13.31 -17.42 -60.40
N GLY C 99 13.93 -17.01 -61.51
CA GLY C 99 14.00 -15.61 -61.87
C GLY C 99 13.68 -15.41 -63.34
N CYS C 100 13.58 -14.14 -63.73
CA CYS C 100 13.24 -13.79 -65.11
C CYS C 100 14.48 -13.88 -65.98
N VAL C 101 14.51 -14.86 -66.88
CA VAL C 101 15.55 -14.98 -67.90
C VAL C 101 15.05 -14.18 -69.10
N PHE C 102 15.47 -12.93 -69.20
CA PHE C 102 14.88 -11.99 -70.15
C PHE C 102 15.29 -12.33 -71.58
N GLY C 103 14.66 -11.63 -72.53
CA GLY C 103 14.91 -11.81 -73.94
C GLY C 103 15.70 -10.66 -74.54
N THR C 104 16.00 -10.82 -75.83
CA THR C 104 16.87 -9.88 -76.53
C THR C 104 16.18 -8.56 -76.89
N GLY C 105 14.86 -8.54 -76.97
CA GLY C 105 14.16 -7.32 -77.28
C GLY C 105 13.70 -7.26 -78.72
N THR C 106 12.58 -6.57 -78.95
CA THR C 106 12.02 -6.45 -80.29
C THR C 106 11.32 -5.09 -80.40
N LYS C 107 11.90 -4.20 -81.20
CA LYS C 107 11.30 -2.89 -81.44
C LYS C 107 10.17 -3.03 -82.44
N VAL C 108 9.03 -2.40 -82.15
CA VAL C 108 7.85 -2.48 -82.99
C VAL C 108 7.49 -1.07 -83.45
N SER C 109 7.41 -0.88 -84.76
CA SER C 109 7.08 0.41 -85.36
C SER C 109 5.69 0.34 -85.97
N VAL C 110 4.86 1.35 -85.69
CA VAL C 110 3.48 1.39 -86.13
C VAL C 110 3.25 2.43 -87.22
N LEU C 111 4.34 3.01 -87.76
CA LEU C 111 4.25 4.11 -88.70
C LEU C 111 3.29 3.81 -89.85
N GLY C 112 2.30 4.68 -90.01
CA GLY C 112 1.30 4.52 -91.05
C GLY C 112 0.55 5.80 -91.36
N ALA D 2 -12.45 -19.10 -69.40
CA ALA D 2 -13.38 -19.99 -68.72
C ALA D 2 -14.61 -19.24 -68.24
N LYS D 3 -15.67 -19.98 -67.92
CA LYS D 3 -16.90 -19.41 -67.42
C LYS D 3 -16.87 -19.38 -65.88
N LYS D 4 -17.67 -18.49 -65.31
CA LYS D 4 -17.67 -18.27 -63.87
C LYS D 4 -19.09 -18.26 -63.33
N TRP D 5 -19.34 -19.10 -62.32
CA TRP D 5 -20.59 -19.10 -61.58
C TRP D 5 -20.30 -18.85 -60.10
N VAL D 6 -21.33 -18.41 -59.38
CA VAL D 6 -21.22 -18.22 -57.93
C VAL D 6 -21.21 -19.58 -57.25
N THR D 7 -20.33 -19.75 -56.27
CA THR D 7 -20.30 -20.94 -55.44
C THR D 7 -20.23 -20.51 -53.98
N VAL D 8 -21.15 -21.03 -53.17
CA VAL D 8 -21.30 -20.60 -51.79
C VAL D 8 -20.32 -21.34 -50.90
N TYR D 9 -19.60 -20.58 -50.08
CA TYR D 9 -18.69 -21.13 -49.07
C TYR D 9 -19.24 -20.83 -47.69
N TYR D 10 -19.09 -21.79 -46.78
CA TYR D 10 -19.61 -21.67 -45.42
C TYR D 10 -18.46 -21.86 -44.43
N GLY D 11 -18.32 -20.89 -43.52
CA GLY D 11 -17.26 -20.93 -42.53
C GLY D 11 -15.99 -20.26 -42.97
N VAL D 12 -16.12 -19.07 -43.57
CA VAL D 12 -14.96 -18.35 -44.11
C VAL D 12 -14.45 -17.34 -43.09
N PRO D 13 -13.14 -17.17 -42.96
CA PRO D 13 -12.60 -16.23 -41.97
C PRO D 13 -12.88 -14.77 -42.32
N VAL D 14 -14.05 -14.28 -41.94
CA VAL D 14 -14.41 -12.87 -42.16
C VAL D 14 -15.29 -12.43 -40.99
N TRP D 15 -15.00 -11.25 -40.43
CA TRP D 15 -15.71 -10.77 -39.26
C TRP D 15 -16.04 -9.29 -39.41
N LYS D 16 -17.09 -8.87 -38.71
CA LYS D 16 -17.48 -7.48 -38.59
C LYS D 16 -17.37 -7.05 -37.14
N GLU D 17 -17.19 -5.74 -36.94
CA GLU D 17 -17.22 -5.18 -35.60
C GLU D 17 -18.66 -5.07 -35.10
N ALA D 18 -18.92 -5.59 -33.91
CA ALA D 18 -20.27 -5.60 -33.36
C ALA D 18 -20.20 -5.42 -31.85
N THR D 19 -21.38 -5.32 -31.24
CA THR D 19 -21.51 -5.15 -29.79
C THR D 19 -22.56 -6.13 -29.30
N THR D 20 -22.14 -7.11 -28.51
CA THR D 20 -23.04 -8.12 -27.97
C THR D 20 -22.80 -8.27 -26.47
N THR D 21 -23.66 -9.05 -25.83
CA THR D 21 -23.60 -9.27 -24.39
C THR D 21 -22.62 -10.40 -24.09
N LEU D 22 -21.49 -10.06 -23.49
CA LEU D 22 -20.54 -11.05 -23.04
C LEU D 22 -21.01 -11.71 -21.75
N PHE D 23 -20.34 -12.79 -21.36
CA PHE D 23 -20.63 -13.48 -20.12
C PHE D 23 -19.31 -13.79 -19.40
N CYS D 24 -19.43 -14.16 -18.13
CA CYS D 24 -18.29 -14.30 -17.24
C CYS D 24 -17.86 -15.76 -17.10
N ALA D 25 -16.62 -15.94 -16.63
CA ALA D 25 -16.04 -17.26 -16.44
C ALA D 25 -15.01 -17.17 -15.33
N SER D 26 -15.27 -17.86 -14.22
CA SER D 26 -14.42 -17.78 -13.04
C SER D 26 -13.89 -19.16 -12.67
N ASP D 27 -12.95 -19.17 -11.73
CA ASP D 27 -12.15 -20.36 -11.43
C ASP D 27 -12.69 -21.13 -10.23
N ALA D 28 -12.56 -20.54 -9.04
CA ALA D 28 -12.96 -21.18 -7.78
C ALA D 28 -12.27 -22.53 -7.60
N VAL D 35 -16.08 -17.40 1.21
CA VAL D 35 -17.42 -17.88 0.95
C VAL D 35 -17.90 -17.37 -0.41
N HIS D 36 -18.64 -16.27 -0.40
CA HIS D 36 -19.14 -15.65 -1.61
C HIS D 36 -18.69 -14.19 -1.67
N ASN D 37 -18.34 -13.73 -2.86
CA ASN D 37 -17.91 -12.36 -3.07
C ASN D 37 -19.01 -11.57 -3.78
N VAL D 38 -18.91 -10.24 -3.67
CA VAL D 38 -19.89 -9.35 -4.29
C VAL D 38 -19.94 -9.57 -5.80
N TRP D 39 -18.81 -9.95 -6.40
CA TRP D 39 -18.74 -10.17 -7.84
C TRP D 39 -19.40 -11.47 -8.27
N ALA D 40 -19.86 -12.29 -7.33
CA ALA D 40 -20.65 -13.50 -7.62
C ALA D 40 -19.94 -14.42 -8.60
N THR D 41 -18.62 -14.55 -8.46
CA THR D 41 -17.84 -15.37 -9.36
C THR D 41 -18.12 -16.85 -9.23
N HIS D 42 -18.78 -17.28 -8.15
CA HIS D 42 -19.24 -18.66 -8.07
C HIS D 42 -20.28 -18.97 -9.12
N ALA D 43 -21.04 -17.96 -9.56
CA ALA D 43 -22.10 -18.15 -10.55
C ALA D 43 -21.59 -18.13 -11.98
N CYS D 44 -20.33 -17.79 -12.21
CA CYS D 44 -19.80 -17.81 -13.56
C CYS D 44 -19.49 -19.24 -13.99
N VAL D 45 -19.42 -19.42 -15.31
CA VAL D 45 -19.03 -20.72 -15.86
C VAL D 45 -17.63 -21.06 -15.37
N PRO D 46 -17.35 -22.30 -14.98
CA PRO D 46 -15.96 -22.67 -14.65
C PRO D 46 -15.05 -22.38 -15.82
N THR D 47 -14.14 -21.43 -15.63
CA THR D 47 -13.30 -20.95 -16.72
C THR D 47 -12.50 -22.09 -17.33
N ASP D 48 -12.34 -22.05 -18.65
CA ASP D 48 -11.68 -23.11 -19.38
C ASP D 48 -10.25 -23.31 -18.89
N PRO D 49 -9.89 -24.52 -18.45
CA PRO D 49 -8.48 -24.75 -18.07
C PRO D 49 -7.52 -24.63 -19.22
N ASN D 50 -7.96 -24.98 -20.44
CA ASN D 50 -7.14 -24.86 -21.63
C ASN D 50 -7.58 -23.63 -22.40
N PRO D 51 -6.93 -22.48 -22.23
CA PRO D 51 -7.36 -21.27 -22.96
C PRO D 51 -6.84 -21.26 -24.38
N GLN D 52 -7.70 -21.63 -25.33
CA GLN D 52 -7.30 -21.74 -26.73
C GLN D 52 -7.07 -20.36 -27.31
N GLU D 53 -5.81 -19.97 -27.42
CA GLU D 53 -5.42 -18.73 -28.09
C GLU D 53 -4.88 -19.08 -29.47
N ILE D 54 -5.51 -18.55 -30.51
CA ILE D 54 -5.13 -18.82 -31.89
C ILE D 54 -4.53 -17.55 -32.47
N VAL D 55 -3.30 -17.64 -32.97
CA VAL D 55 -2.61 -16.51 -33.56
C VAL D 55 -3.12 -16.32 -34.99
N LEU D 56 -3.54 -15.09 -35.30
CA LEU D 56 -4.02 -14.74 -36.63
C LEU D 56 -2.85 -14.18 -37.42
N GLY D 57 -2.19 -15.06 -38.19
CA GLY D 57 -1.06 -14.62 -38.98
C GLY D 57 -1.46 -13.70 -40.11
N ASN D 58 -0.56 -12.77 -40.44
CA ASN D 58 -0.72 -11.82 -41.54
C ASN D 58 -1.81 -10.79 -41.30
N VAL D 59 -2.55 -10.93 -40.20
CA VAL D 59 -3.72 -10.10 -39.94
C VAL D 59 -3.30 -8.81 -39.25
N THR D 60 -3.94 -7.71 -39.63
CA THR D 60 -3.78 -6.42 -38.96
C THR D 60 -5.17 -5.85 -38.71
N GLU D 61 -5.48 -5.57 -37.45
CA GLU D 61 -6.79 -5.09 -37.05
C GLU D 61 -6.69 -3.70 -36.42
N ASN D 62 -7.81 -2.99 -36.44
CA ASN D 62 -7.89 -1.60 -35.99
C ASN D 62 -8.55 -1.56 -34.62
N PHE D 63 -7.74 -1.39 -33.58
CA PHE D 63 -8.21 -1.34 -32.21
C PHE D 63 -8.40 0.11 -31.75
N ASN D 64 -9.22 0.28 -30.71
CA ASN D 64 -9.34 1.57 -30.03
C ASN D 64 -9.93 1.29 -28.65
N MET D 65 -9.07 1.36 -27.63
CA MET D 65 -9.49 1.10 -26.25
C MET D 65 -10.47 2.14 -25.74
N TRP D 66 -10.66 3.25 -26.45
CA TRP D 66 -11.51 4.32 -25.97
C TRP D 66 -12.92 4.25 -26.52
N LYS D 67 -13.10 3.65 -27.70
CA LYS D 67 -14.42 3.29 -28.18
C LYS D 67 -14.84 1.89 -27.74
N ASN D 68 -13.91 1.11 -27.20
CA ASN D 68 -14.16 -0.27 -26.81
C ASN D 68 -15.36 -0.36 -25.87
N ASN D 69 -16.34 -1.18 -26.27
CA ASN D 69 -17.59 -1.29 -25.53
C ASN D 69 -17.54 -2.30 -24.40
N MET D 70 -16.50 -3.14 -24.34
CA MET D 70 -16.39 -4.09 -23.25
C MET D 70 -16.23 -3.38 -21.91
N VAL D 71 -15.56 -2.24 -21.89
CA VAL D 71 -15.42 -1.48 -20.64
C VAL D 71 -16.73 -0.80 -20.28
N GLU D 72 -17.49 -0.34 -21.27
CA GLU D 72 -18.81 0.22 -21.01
C GLU D 72 -19.79 -0.84 -20.53
N GLN D 73 -19.56 -2.10 -20.92
CA GLN D 73 -20.40 -3.20 -20.47
C GLN D 73 -19.95 -3.76 -19.12
N MET D 74 -18.65 -3.92 -18.93
CA MET D 74 -18.14 -4.38 -17.63
C MET D 74 -18.50 -3.38 -16.53
N HIS D 75 -18.29 -2.09 -16.80
CA HIS D 75 -18.57 -1.07 -15.80
C HIS D 75 -20.01 -1.13 -15.33
N GLU D 76 -20.95 -1.41 -16.25
CA GLU D 76 -22.34 -1.55 -15.84
C GLU D 76 -22.60 -2.88 -15.14
N ASP D 77 -21.79 -3.89 -15.41
CA ASP D 77 -21.93 -5.16 -14.68
C ASP D 77 -21.45 -5.03 -13.25
N ILE D 78 -20.40 -4.23 -13.03
CA ILE D 78 -19.93 -3.99 -11.66
C ILE D 78 -21.01 -3.24 -10.87
N ILE D 79 -21.61 -2.22 -11.48
CA ILE D 79 -22.64 -1.45 -10.81
C ILE D 79 -23.85 -2.32 -10.52
N SER D 80 -24.16 -3.25 -11.42
CA SER D 80 -25.29 -4.14 -11.20
C SER D 80 -24.98 -5.17 -10.13
N LEU D 81 -23.74 -5.68 -10.10
CA LEU D 81 -23.35 -6.62 -9.05
C LEU D 81 -23.38 -5.96 -7.68
N TRP D 82 -23.08 -4.66 -7.62
CA TRP D 82 -23.13 -3.95 -6.35
C TRP D 82 -24.55 -3.87 -5.81
N ASP D 83 -25.50 -3.45 -6.66
CA ASP D 83 -26.89 -3.36 -6.24
C ASP D 83 -27.47 -4.74 -5.96
N GLN D 84 -27.04 -5.76 -6.71
CA GLN D 84 -27.57 -7.10 -6.51
C GLN D 84 -27.12 -7.69 -5.18
N SER D 85 -25.92 -7.32 -4.71
CA SER D 85 -25.38 -7.91 -3.49
C SER D 85 -25.94 -7.27 -2.23
N LEU D 86 -26.64 -6.13 -2.34
CA LEU D 86 -27.19 -5.45 -1.18
C LEU D 86 -28.70 -5.63 -1.06
N LYS D 87 -29.32 -6.45 -1.92
CA LYS D 87 -30.76 -6.65 -1.81
C LYS D 87 -31.14 -7.40 -0.53
N PRO D 88 -30.50 -8.52 -0.16
CA PRO D 88 -30.93 -9.21 1.06
C PRO D 88 -30.43 -8.57 2.34
N CYS D 89 -29.40 -7.75 2.30
CA CYS D 89 -28.73 -7.29 3.50
C CYS D 89 -29.60 -6.28 4.26
N VAL D 90 -29.23 -6.03 5.51
CA VAL D 90 -30.02 -5.19 6.40
C VAL D 90 -29.87 -3.73 6.04
N LYS D 91 -30.98 -2.99 6.06
CA LYS D 91 -30.99 -1.58 5.72
C LYS D 91 -30.92 -0.74 7.00
N LEU D 92 -29.95 0.16 7.07
CA LEU D 92 -29.69 0.92 8.29
C LEU D 92 -30.41 2.28 8.25
N THR D 93 -31.73 2.21 8.20
CA THR D 93 -32.54 3.42 8.28
C THR D 93 -32.86 3.82 9.73
N PRO D 94 -33.04 2.89 10.68
CA PRO D 94 -33.26 3.33 12.07
C PRO D 94 -32.03 3.96 12.71
N LEU D 95 -30.85 3.86 12.10
CA LEU D 95 -29.69 4.55 12.62
C LEU D 95 -29.70 6.04 12.31
N CYS D 96 -30.56 6.50 11.40
CA CYS D 96 -30.72 7.92 11.14
C CYS D 96 -31.46 8.56 12.30
N VAL D 97 -30.74 8.74 13.40
CA VAL D 97 -31.27 9.27 14.64
C VAL D 97 -30.25 10.26 15.20
N THR D 98 -30.70 11.09 16.14
CA THR D 98 -29.82 12.07 16.76
C THR D 98 -28.72 11.36 17.55
N LEU D 99 -27.47 11.71 17.26
CA LEU D 99 -26.30 11.11 17.88
C LEU D 99 -25.66 12.10 18.85
N ASN D 100 -25.36 11.62 20.06
CA ASN D 100 -24.59 12.39 21.04
C ASN D 100 -23.18 11.84 21.01
N CYS D 101 -22.28 12.57 20.35
CA CYS D 101 -20.95 12.07 20.03
C CYS D 101 -19.89 12.74 20.90
N ASN D 102 -18.98 11.92 21.44
CA ASN D 102 -17.80 12.40 22.14
C ASN D 102 -16.64 12.50 21.15
N ASN D 103 -15.42 12.57 21.66
CA ASN D 103 -14.20 12.41 20.88
C ASN D 103 -13.39 11.25 21.48
N VAL D 104 -12.16 11.09 21.00
CA VAL D 104 -11.26 10.10 21.57
C VAL D 104 -9.94 10.78 21.92
N ASN D 105 -9.36 11.48 20.95
CA ASN D 105 -8.12 12.22 21.17
C ASN D 105 -8.21 13.61 20.54
N GLU D 127 -9.19 10.07 13.60
CA GLU D 127 -10.14 10.48 14.61
C GLU D 127 -11.55 9.97 14.30
N MET D 128 -12.17 9.35 15.30
CA MET D 128 -13.55 8.89 15.20
C MET D 128 -14.29 9.29 16.46
N LYS D 129 -15.55 9.69 16.29
CA LYS D 129 -16.36 10.13 17.42
C LYS D 129 -16.84 8.92 18.23
N ASN D 130 -17.24 9.20 19.47
CA ASN D 130 -17.87 8.21 20.34
C ASN D 130 -19.32 8.65 20.53
N CYS D 131 -20.21 8.03 19.76
CA CYS D 131 -21.60 8.47 19.66
C CYS D 131 -22.53 7.51 20.39
N SER D 132 -23.54 8.08 21.05
CA SER D 132 -24.59 7.33 21.72
C SER D 132 -25.95 7.78 21.21
N PHE D 133 -26.91 6.86 21.20
CA PHE D 133 -28.18 7.14 20.55
C PHE D 133 -29.24 6.14 21.01
N ASN D 134 -30.48 6.62 21.15
CA ASN D 134 -31.61 5.74 21.41
C ASN D 134 -31.98 4.99 20.13
N VAL D 135 -32.34 3.70 20.30
CA VAL D 135 -32.70 2.85 19.17
C VAL D 135 -33.84 1.94 19.55
N THR D 136 -34.78 1.75 18.63
CA THR D 136 -35.80 0.72 18.77
C THR D 136 -35.17 -0.65 18.64
N THR D 137 -35.60 -1.58 19.48
CA THR D 137 -34.96 -2.89 19.57
C THR D 137 -35.81 -3.95 18.84
N SER D 138 -35.64 -5.22 19.23
CA SER D 138 -36.45 -6.28 18.66
C SER D 138 -37.91 -6.13 19.05
N ILE D 139 -38.18 -5.61 20.25
CA ILE D 139 -39.54 -5.27 20.67
C ILE D 139 -39.80 -3.83 20.27
N ARG D 140 -40.96 -3.60 19.63
CA ARG D 140 -41.18 -2.34 18.94
C ARG D 140 -41.41 -1.15 19.88
N ASP D 141 -41.68 -1.39 21.16
CA ASP D 141 -42.02 -0.30 22.08
C ASP D 141 -41.05 -0.15 23.24
N LYS D 142 -39.88 -0.78 23.17
CA LYS D 142 -38.85 -0.64 24.18
C LYS D 142 -37.61 0.01 23.57
N ILE D 143 -36.97 0.89 24.33
CA ILE D 143 -35.85 1.70 23.85
C ILE D 143 -34.60 1.31 24.62
N LYS D 144 -33.48 1.22 23.90
CA LYS D 144 -32.17 1.05 24.49
C LYS D 144 -31.25 2.17 24.02
N LYS D 145 -30.26 2.50 24.85
CA LYS D 145 -29.28 3.54 24.53
C LYS D 145 -27.95 2.85 24.29
N GLU D 146 -27.58 2.73 23.02
CA GLU D 146 -26.32 2.12 22.62
C GLU D 146 -25.26 3.19 22.38
N TYR D 147 -24.00 2.76 22.35
CA TYR D 147 -22.89 3.62 22.01
C TYR D 147 -22.07 2.96 20.91
N ALA D 148 -21.44 3.79 20.08
CA ALA D 148 -20.64 3.29 18.98
C ALA D 148 -19.69 4.38 18.51
N LEU D 149 -18.69 3.97 17.72
CA LEU D 149 -17.72 4.89 17.15
C LEU D 149 -18.01 5.10 15.67
N PHE D 150 -17.91 6.35 15.23
CA PHE D 150 -18.10 6.69 13.82
C PHE D 150 -17.03 7.70 13.42
N TYR D 151 -16.32 7.41 12.33
CA TYR D 151 -15.33 8.34 11.82
C TYR D 151 -15.96 9.68 11.49
N LYS D 152 -15.16 10.74 11.55
CA LYS D 152 -15.68 12.08 11.31
C LYS D 152 -16.25 12.22 9.90
N LEU D 153 -15.76 11.43 8.96
CA LEU D 153 -16.31 11.49 7.60
C LEU D 153 -17.67 10.83 7.51
N ASP D 154 -18.05 10.02 8.49
CA ASP D 154 -19.36 9.37 8.50
C ASP D 154 -20.42 10.18 9.25
N VAL D 155 -20.05 11.27 9.89
CA VAL D 155 -20.97 12.07 10.69
C VAL D 155 -20.76 13.55 10.39
N VAL D 156 -21.81 14.33 10.65
CA VAL D 156 -21.80 15.79 10.45
C VAL D 156 -22.57 16.43 11.60
N PRO D 157 -22.07 17.54 12.17
CA PRO D 157 -22.82 18.22 13.23
C PRO D 157 -24.17 18.71 12.74
N LEU D 158 -25.12 18.80 13.67
CA LEU D 158 -26.48 19.23 13.35
C LEU D 158 -26.62 20.75 13.45
N THR D 170 -21.97 18.41 21.39
CA THR D 170 -22.93 18.70 20.33
C THR D 170 -23.59 17.43 19.82
N ASN D 171 -24.72 17.59 19.12
CA ASN D 171 -25.44 16.45 18.56
C ASN D 171 -25.01 16.23 17.11
N TYR D 172 -25.08 14.98 16.68
CA TYR D 172 -24.61 14.57 15.36
C TYR D 172 -25.64 13.68 14.69
N ARG D 173 -25.35 13.32 13.44
CA ARG D 173 -26.13 12.36 12.69
C ARG D 173 -25.22 11.71 11.65
N LEU D 174 -25.75 10.70 10.95
CA LEU D 174 -25.03 10.09 9.86
C LEU D 174 -25.11 10.96 8.62
N ILE D 175 -24.02 11.00 7.84
CA ILE D 175 -23.87 11.94 6.75
C ILE D 175 -24.92 11.76 5.65
N ASN D 176 -25.48 10.55 5.52
CA ASN D 176 -26.36 10.24 4.40
C ASN D 176 -27.82 10.64 4.62
N CYS D 177 -28.23 10.87 5.87
CA CYS D 177 -29.65 10.83 6.20
C CYS D 177 -30.46 11.88 5.45
N ASN D 178 -29.85 12.98 5.05
CA ASN D 178 -30.53 13.96 4.20
C ASN D 178 -30.34 13.67 2.72
N THR D 179 -29.86 12.48 2.36
CA THR D 179 -29.59 12.16 0.97
C THR D 179 -30.26 10.86 0.53
N SER D 180 -30.04 9.77 1.26
CA SER D 180 -30.38 8.47 0.71
C SER D 180 -30.53 7.43 1.82
N VAL D 181 -31.27 6.35 1.49
CA VAL D 181 -31.30 5.17 2.33
C VAL D 181 -29.98 4.43 2.24
N ILE D 182 -29.52 3.89 3.36
CA ILE D 182 -28.24 3.18 3.43
C ILE D 182 -28.48 1.73 3.81
N THR D 183 -27.79 0.83 3.11
CA THR D 183 -27.88 -0.61 3.37
C THR D 183 -26.53 -1.10 3.88
N GLN D 184 -26.55 -1.80 5.01
CA GLN D 184 -25.32 -2.38 5.54
C GLN D 184 -24.86 -3.53 4.65
N ALA D 185 -23.59 -3.50 4.25
CA ALA D 185 -23.04 -4.60 3.50
C ALA D 185 -23.06 -5.88 4.33
N CYS D 186 -23.52 -6.97 3.73
CA CYS D 186 -23.59 -8.24 4.42
C CYS D 186 -22.21 -8.63 4.93
N PRO D 187 -22.05 -8.92 6.22
CA PRO D 187 -20.71 -9.22 6.76
C PRO D 187 -20.20 -10.60 6.39
N LYS D 188 -20.77 -11.22 5.35
CA LYS D 188 -20.27 -12.48 4.84
C LYS D 188 -19.89 -12.43 3.37
N VAL D 189 -20.34 -11.44 2.61
CA VAL D 189 -19.90 -11.26 1.23
C VAL D 189 -18.56 -10.55 1.22
N SER D 190 -17.64 -11.03 0.40
CA SER D 190 -16.28 -10.50 0.36
C SER D 190 -16.14 -9.50 -0.77
N PHE D 191 -15.31 -8.48 -0.53
CA PHE D 191 -14.98 -7.49 -1.55
C PHE D 191 -13.75 -7.87 -2.36
N GLU D 192 -13.37 -9.15 -2.31
CA GLU D 192 -12.13 -9.60 -2.92
C GLU D 192 -12.19 -9.50 -4.45
N PRO D 193 -11.30 -8.74 -5.08
CA PRO D 193 -11.22 -8.79 -6.56
C PRO D 193 -10.82 -10.17 -7.05
N ILE D 194 -11.73 -10.85 -7.74
CA ILE D 194 -11.49 -12.19 -8.24
C ILE D 194 -11.22 -12.11 -9.74
N PRO D 195 -10.25 -12.86 -10.27
CA PRO D 195 -10.02 -12.89 -11.72
C PRO D 195 -11.29 -13.24 -12.50
N ILE D 196 -11.82 -12.26 -13.21
CA ILE D 196 -13.02 -12.43 -14.03
C ILE D 196 -12.60 -12.52 -15.49
N HIS D 197 -13.08 -13.55 -16.19
CA HIS D 197 -12.85 -13.72 -17.61
C HIS D 197 -14.12 -13.34 -18.36
N TYR D 198 -13.96 -12.52 -19.41
CA TYR D 198 -15.07 -12.13 -20.26
C TYR D 198 -15.01 -12.92 -21.57
N CYS D 199 -16.07 -13.68 -21.83
CA CYS D 199 -16.14 -14.54 -23.00
C CYS D 199 -17.20 -14.02 -23.97
N ALA D 200 -16.92 -14.16 -25.27
CA ALA D 200 -17.87 -13.79 -26.31
C ALA D 200 -18.77 -14.98 -26.63
N PRO D 201 -20.01 -14.72 -27.03
CA PRO D 201 -20.94 -15.83 -27.31
C PRO D 201 -20.47 -16.67 -28.48
N ALA D 202 -21.13 -17.81 -28.65
CA ALA D 202 -20.89 -18.64 -29.82
C ALA D 202 -21.28 -17.89 -31.08
N GLY D 203 -20.38 -17.85 -32.05
CA GLY D 203 -20.59 -17.05 -33.24
C GLY D 203 -20.01 -15.67 -33.19
N PHE D 204 -19.44 -15.27 -32.06
CA PHE D 204 -18.72 -14.01 -31.92
C PHE D 204 -17.25 -14.30 -31.64
N ALA D 205 -16.45 -13.24 -31.49
CA ALA D 205 -15.03 -13.42 -31.26
C ALA D 205 -14.47 -12.19 -30.57
N ILE D 206 -13.46 -12.42 -29.73
CA ILE D 206 -12.66 -11.36 -29.13
C ILE D 206 -11.28 -11.40 -29.77
N LEU D 207 -10.72 -10.24 -30.04
CA LEU D 207 -9.43 -10.12 -30.69
C LEU D 207 -8.42 -9.52 -29.72
N LYS D 208 -7.25 -10.14 -29.63
CA LYS D 208 -6.17 -9.72 -28.75
C LYS D 208 -5.18 -8.86 -29.52
N CYS D 209 -4.15 -8.39 -28.82
CA CYS D 209 -3.09 -7.61 -29.45
C CYS D 209 -1.80 -7.85 -28.70
N ASN D 210 -0.89 -8.64 -29.29
CA ASN D 210 0.35 -9.02 -28.65
C ASN D 210 1.48 -8.03 -28.88
N SER D 211 1.20 -6.87 -29.47
CA SER D 211 2.24 -5.86 -29.67
C SER D 211 2.66 -5.27 -28.33
N LYS D 212 3.91 -5.50 -27.96
CA LYS D 212 4.43 -5.15 -26.64
C LYS D 212 4.73 -3.67 -26.48
N THR D 213 4.40 -2.85 -27.48
CA THR D 213 4.54 -1.40 -27.38
C THR D 213 3.26 -0.71 -27.87
N PHE D 214 2.13 -1.38 -27.75
CA PHE D 214 0.88 -0.90 -28.33
C PHE D 214 0.34 0.28 -27.53
N ASN D 215 0.21 1.43 -28.18
CA ASN D 215 -0.51 2.55 -27.60
C ASN D 215 -1.99 2.43 -27.94
N GLY D 216 -2.82 3.02 -27.09
CA GLY D 216 -4.27 2.83 -27.07
C GLY D 216 -5.04 2.54 -28.34
N SER D 217 -4.65 3.17 -29.45
CA SER D 217 -5.41 3.09 -30.69
C SER D 217 -4.49 2.80 -31.86
N GLY D 218 -5.11 2.54 -33.01
CA GLY D 218 -4.38 2.31 -34.24
C GLY D 218 -4.44 0.88 -34.70
N PRO D 219 -3.53 0.50 -35.60
CA PRO D 219 -3.50 -0.88 -36.09
C PRO D 219 -2.47 -1.72 -35.36
N CYS D 220 -2.91 -2.83 -34.76
CA CYS D 220 -2.02 -3.76 -34.09
C CYS D 220 -1.61 -4.86 -35.08
N THR D 221 -0.31 -5.01 -35.31
CA THR D 221 0.20 -5.95 -36.28
C THR D 221 0.48 -7.34 -35.69
N ASN D 222 0.06 -7.59 -34.45
CA ASN D 222 0.21 -8.90 -33.82
C ASN D 222 -1.13 -9.21 -33.15
N VAL D 223 -2.05 -9.77 -33.93
CA VAL D 223 -3.41 -10.04 -33.46
C VAL D 223 -3.56 -11.54 -33.24
N SER D 224 -4.35 -11.87 -32.22
CA SER D 224 -4.75 -13.25 -31.96
C SER D 224 -6.19 -13.25 -31.47
N THR D 225 -6.92 -14.31 -31.79
CA THR D 225 -8.30 -14.46 -31.37
C THR D 225 -8.37 -15.30 -30.10
N VAL D 226 -9.30 -14.94 -29.21
CA VAL D 226 -9.49 -15.61 -27.94
C VAL D 226 -10.97 -15.84 -27.71
N GLN D 227 -11.32 -16.96 -27.08
CA GLN D 227 -12.69 -17.19 -26.68
C GLN D 227 -13.07 -16.28 -25.51
N CYS D 228 -12.13 -16.08 -24.59
CA CYS D 228 -12.35 -15.27 -23.40
C CYS D 228 -11.16 -14.35 -23.19
N THR D 229 -11.39 -13.30 -22.40
CA THR D 229 -10.29 -12.44 -21.97
C THR D 229 -9.49 -13.14 -20.87
N HIS D 230 -8.40 -12.50 -20.47
CA HIS D 230 -7.53 -13.08 -19.44
C HIS D 230 -8.19 -12.87 -18.07
N GLY D 231 -7.47 -13.25 -17.01
CA GLY D 231 -7.96 -13.04 -15.67
C GLY D 231 -7.94 -11.58 -15.26
N ILE D 232 -9.11 -10.94 -15.24
CA ILE D 232 -9.24 -9.53 -14.91
C ILE D 232 -9.79 -9.40 -13.50
N ARG D 233 -9.13 -8.61 -12.67
CA ARG D 233 -9.59 -8.34 -11.31
C ARG D 233 -10.34 -7.02 -11.28
N PRO D 234 -11.59 -7.00 -10.82
CA PRO D 234 -12.38 -5.75 -10.80
C PRO D 234 -12.00 -4.84 -9.63
N VAL D 235 -10.74 -4.41 -9.63
CA VAL D 235 -10.22 -3.60 -8.53
C VAL D 235 -10.81 -2.20 -8.61
N VAL D 236 -11.57 -1.82 -7.57
CA VAL D 236 -12.04 -0.45 -7.43
C VAL D 236 -10.92 0.39 -6.85
N SER D 237 -10.45 1.37 -7.61
CA SER D 237 -9.30 2.17 -7.20
C SER D 237 -9.50 3.60 -7.68
N THR D 238 -8.52 4.45 -7.37
CA THR D 238 -8.57 5.86 -7.74
C THR D 238 -7.15 6.41 -7.75
N GLN D 239 -6.81 7.15 -8.81
CA GLN D 239 -5.52 7.82 -8.97
C GLN D 239 -4.36 6.84 -9.17
N LEU D 240 -4.43 5.67 -8.54
CA LEU D 240 -3.36 4.68 -8.60
C LEU D 240 -3.97 3.32 -8.90
N LEU D 241 -3.56 2.70 -10.01
CA LEU D 241 -4.07 1.40 -10.40
C LEU D 241 -3.39 0.30 -9.59
N LEU D 242 -4.19 -0.55 -8.95
CA LEU D 242 -3.69 -1.54 -8.01
C LEU D 242 -3.88 -2.94 -8.56
N ASN D 243 -2.86 -3.79 -8.35
CA ASN D 243 -2.92 -5.22 -8.64
C ASN D 243 -3.20 -5.53 -10.10
N GLY D 244 -3.05 -4.53 -10.98
CA GLY D 244 -3.36 -4.70 -12.38
C GLY D 244 -2.29 -5.45 -13.15
N SER D 245 -2.51 -5.55 -14.46
CA SER D 245 -1.57 -6.22 -15.34
C SER D 245 -0.44 -5.27 -15.72
N LEU D 246 0.80 -5.74 -15.57
CA LEU D 246 1.95 -4.94 -15.94
C LEU D 246 2.08 -4.87 -17.46
N ALA D 247 3.09 -4.15 -17.91
CA ALA D 247 3.45 -4.08 -19.31
C ALA D 247 4.75 -4.84 -19.55
N GLU D 248 4.95 -5.26 -20.78
CA GLU D 248 6.20 -5.90 -21.20
C GLU D 248 7.10 -4.88 -21.85
N GLU D 249 8.40 -5.21 -21.93
CA GLU D 249 9.42 -4.28 -22.38
C GLU D 249 9.42 -3.01 -21.53
N GLU D 250 9.04 -1.87 -22.10
CA GLU D 250 9.07 -0.62 -21.36
C GLU D 250 7.66 -0.23 -20.93
N ILE D 251 7.58 0.81 -20.08
CA ILE D 251 6.29 1.32 -19.64
C ILE D 251 5.70 2.19 -20.73
N VAL D 252 4.38 2.11 -20.88
CA VAL D 252 3.67 2.83 -21.93
C VAL D 252 2.67 3.78 -21.29
N ILE D 253 2.45 4.92 -21.96
CA ILE D 253 1.41 5.86 -21.59
C ILE D 253 0.40 5.92 -22.73
N ARG D 254 -0.86 6.15 -22.39
CA ARG D 254 -1.93 6.16 -23.36
C ARG D 254 -2.81 7.39 -23.15
N SER D 255 -3.64 7.65 -24.17
CA SER D 255 -4.61 8.75 -24.16
C SER D 255 -5.45 8.70 -25.43
N GLU D 256 -6.44 9.58 -25.53
CA GLU D 256 -7.15 9.78 -26.78
C GLU D 256 -6.45 10.87 -27.59
N ASN D 257 -6.66 12.11 -27.18
CA ASN D 257 -6.02 13.29 -27.75
C ASN D 257 -5.17 13.86 -26.62
N ILE D 258 -3.89 13.48 -26.58
CA ILE D 258 -3.04 13.88 -25.46
C ILE D 258 -2.84 15.39 -25.44
N THR D 259 -2.95 16.04 -26.60
CA THR D 259 -2.89 17.50 -26.63
C THR D 259 -4.13 18.14 -26.02
N ASP D 260 -5.22 17.39 -25.89
CA ASP D 260 -6.40 17.87 -25.17
C ASP D 260 -6.20 17.64 -23.68
N ASN D 261 -6.18 18.72 -22.90
CA ASN D 261 -5.91 18.59 -21.47
C ASN D 261 -7.06 17.91 -20.73
N ALA D 262 -8.29 18.08 -21.20
CA ALA D 262 -9.46 17.44 -20.59
C ALA D 262 -9.63 15.99 -21.00
N LYS D 263 -8.52 15.25 -21.15
CA LYS D 263 -8.55 13.83 -21.49
C LYS D 263 -7.56 13.10 -20.59
N THR D 264 -8.07 12.17 -19.79
CA THR D 264 -7.25 11.49 -18.80
C THR D 264 -6.13 10.71 -19.48
N ILE D 265 -5.00 10.58 -18.77
CA ILE D 265 -3.84 9.86 -19.26
C ILE D 265 -3.74 8.56 -18.47
N ILE D 266 -3.78 7.44 -19.18
CA ILE D 266 -3.64 6.12 -18.56
C ILE D 266 -2.22 5.65 -18.80
N VAL D 267 -1.42 5.61 -17.73
CA VAL D 267 -0.04 5.16 -17.78
C VAL D 267 0.01 3.74 -17.25
N GLN D 268 0.74 2.87 -17.95
CA GLN D 268 0.91 1.47 -17.53
C GLN D 268 2.38 1.23 -17.22
N LEU D 269 2.65 0.68 -16.04
CA LEU D 269 4.01 0.41 -15.61
C LEU D 269 4.45 -0.98 -16.06
N ASN D 270 5.76 -1.15 -16.18
CA ASN D 270 6.36 -2.44 -16.53
C ASN D 270 6.91 -3.19 -15.34
N GLU D 271 7.08 -2.52 -14.20
CA GLU D 271 7.56 -3.14 -12.98
C GLU D 271 6.85 -2.47 -11.81
N ALA D 272 6.13 -3.27 -11.03
CA ALA D 272 5.32 -2.72 -9.96
C ALA D 272 6.18 -2.19 -8.82
N VAL D 273 5.68 -1.13 -8.18
CA VAL D 273 6.29 -0.59 -6.97
C VAL D 273 5.45 -1.03 -5.78
N GLU D 274 6.10 -1.58 -4.77
CA GLU D 274 5.39 -2.20 -3.66
C GLU D 274 4.72 -1.14 -2.78
N ILE D 275 3.42 -1.29 -2.55
CA ILE D 275 2.66 -0.46 -1.63
C ILE D 275 2.19 -1.32 -0.47
N ASN D 276 2.29 -0.77 0.74
CA ASN D 276 1.91 -1.48 1.96
C ASN D 276 1.06 -0.55 2.82
N CYS D 277 -0.21 -0.88 2.97
CA CYS D 277 -1.14 -0.08 3.75
C CYS D 277 -1.60 -0.85 4.97
N THR D 278 -2.08 -0.11 5.97
CA THR D 278 -2.49 -0.73 7.23
C THR D 278 -3.33 0.24 8.04
N ARG D 279 -4.27 -0.32 8.79
CA ARG D 279 -4.92 0.39 9.89
C ARG D 279 -4.49 -0.28 11.19
N PRO D 280 -3.61 0.36 11.97
CA PRO D 280 -3.03 -0.33 13.13
C PRO D 280 -3.93 -0.38 14.36
N ASN D 281 -5.01 0.40 14.40
CA ASN D 281 -5.89 0.38 15.56
C ASN D 281 -6.57 -0.98 15.68
N ASN D 282 -6.58 -1.53 16.89
CA ASN D 282 -7.18 -2.83 17.17
C ASN D 282 -8.62 -2.59 17.60
N ASN D 283 -9.54 -2.60 16.64
CA ASN D 283 -10.93 -2.30 16.88
C ASN D 283 -11.71 -3.56 17.29
N THR D 284 -12.94 -3.34 17.73
CA THR D 284 -13.84 -4.40 18.17
C THR D 284 -15.20 -4.20 17.53
N ARG D 285 -15.86 -5.31 17.21
CA ARG D 285 -17.17 -5.30 16.58
C ARG D 285 -18.26 -5.60 17.61
N LYS D 286 -19.34 -4.83 17.57
CA LYS D 286 -20.47 -5.00 18.47
C LYS D 286 -21.74 -5.24 17.67
N SER D 287 -22.46 -6.30 18.02
CA SER D 287 -23.73 -6.62 17.40
C SER D 287 -24.87 -5.93 18.15
N ILE D 288 -25.62 -5.10 17.44
CA ILE D 288 -26.72 -4.35 18.02
C ILE D 288 -28.01 -4.82 17.36
N HIS D 289 -28.86 -5.51 18.11
CA HIS D 289 -30.14 -6.00 17.61
C HIS D 289 -31.12 -4.83 17.58
N ILE D 290 -31.39 -4.32 16.39
CA ILE D 290 -32.30 -3.20 16.20
C ILE D 290 -33.59 -3.65 15.50
N GLY D 291 -33.87 -4.94 15.53
CA GLY D 291 -35.06 -5.48 14.90
C GLY D 291 -35.01 -7.00 14.85
N PRO D 292 -36.16 -7.62 14.58
CA PRO D 292 -36.18 -9.10 14.47
C PRO D 292 -35.26 -9.61 13.37
N GLY D 293 -34.07 -10.07 13.74
CA GLY D 293 -33.10 -10.55 12.79
C GLY D 293 -32.19 -9.50 12.21
N ARG D 294 -32.56 -8.22 12.31
CA ARG D 294 -31.72 -7.14 11.81
C ARG D 294 -30.67 -6.80 12.85
N ALA D 295 -29.41 -7.15 12.56
CA ALA D 295 -28.29 -6.96 13.48
C ALA D 295 -27.30 -6.00 12.85
N PHE D 296 -27.26 -4.77 13.33
CA PHE D 296 -26.32 -3.77 12.85
C PHE D 296 -24.99 -3.94 13.55
N TYR D 297 -23.92 -4.13 12.78
CA TYR D 297 -22.58 -4.29 13.33
C TYR D 297 -21.91 -2.91 13.43
N ALA D 298 -21.56 -2.52 14.66
CA ALA D 298 -20.99 -1.21 14.95
C ALA D 298 -19.55 -1.36 15.43
N THR D 299 -18.94 -0.23 15.78
CA THR D 299 -17.58 -0.20 16.31
C THR D 299 -17.61 0.32 17.74
N GLY D 300 -16.83 -0.31 18.61
CA GLY D 300 -16.75 0.11 19.98
C GLY D 300 -15.43 -0.23 20.63
N ASP D 301 -14.77 0.77 21.20
CA ASP D 301 -13.53 0.62 21.96
C ASP D 301 -12.34 0.24 21.07
N ILE D 302 -11.22 0.91 21.26
CA ILE D 302 -9.97 0.57 20.58
C ILE D 302 -9.06 -0.07 21.63
N ILE D 303 -8.83 -1.37 21.49
CA ILE D 303 -7.92 -2.06 22.39
C ILE D 303 -6.49 -1.64 22.05
N GLY D 304 -5.73 -1.25 23.07
CA GLY D 304 -4.33 -0.92 22.86
C GLY D 304 -4.15 0.51 22.36
N ASN D 305 -3.04 0.71 21.64
CA ASN D 305 -2.67 2.05 21.20
C ASN D 305 -3.66 2.58 20.16
N ILE D 306 -3.91 3.89 20.23
CA ILE D 306 -4.57 4.59 19.14
C ILE D 306 -3.49 5.08 18.18
N ARG D 307 -3.66 4.79 16.90
CA ARG D 307 -2.63 5.10 15.91
C ARG D 307 -3.30 5.62 14.65
N GLN D 308 -2.55 5.59 13.54
CA GLN D 308 -2.96 6.27 12.31
C GLN D 308 -2.93 5.28 11.15
N ALA D 309 -4.04 5.21 10.41
CA ALA D 309 -4.07 4.41 9.18
C ALA D 309 -3.24 5.09 8.11
N HIS D 310 -2.38 4.33 7.45
CA HIS D 310 -1.42 4.91 6.52
C HIS D 310 -0.98 3.84 5.53
N CYS D 311 -0.11 4.24 4.59
CA CYS D 311 0.48 3.35 3.61
C CYS D 311 2.00 3.56 3.57
N ASN D 312 2.67 2.70 2.82
CA ASN D 312 4.12 2.76 2.66
C ASN D 312 4.48 2.29 1.26
N ILE D 313 5.28 3.09 0.55
CA ILE D 313 5.95 2.63 -0.67
C ILE D 313 7.41 3.03 -0.60
N SER D 314 8.24 2.32 -1.36
CA SER D 314 9.67 2.55 -1.32
C SER D 314 10.00 3.87 -1.99
N LYS D 315 10.80 4.68 -1.31
CA LYS D 315 11.17 5.99 -1.86
C LYS D 315 12.04 5.83 -3.09
N ALA D 316 12.90 4.82 -3.11
CA ALA D 316 13.78 4.61 -4.26
C ALA D 316 13.01 4.01 -5.43
N ARG D 317 12.19 3.00 -5.16
CA ARG D 317 11.45 2.34 -6.24
C ARG D 317 10.41 3.26 -6.86
N TRP D 318 9.80 4.14 -6.06
CA TRP D 318 8.93 5.17 -6.63
C TRP D 318 9.73 6.30 -7.27
N ASN D 319 11.01 6.43 -6.93
CA ASN D 319 11.86 7.42 -7.58
C ASN D 319 12.30 6.94 -8.97
N GLU D 320 12.69 5.67 -9.08
CA GLU D 320 13.06 5.13 -10.38
C GLU D 320 11.85 4.95 -11.28
N THR D 321 10.68 4.70 -10.70
CA THR D 321 9.48 4.49 -11.51
C THR D 321 8.89 5.82 -11.96
N LEU D 322 8.85 6.82 -11.08
CA LEU D 322 8.50 8.16 -11.52
C LEU D 322 9.47 8.65 -12.59
N GLY D 323 10.74 8.25 -12.52
CA GLY D 323 11.67 8.59 -13.57
C GLY D 323 11.33 7.94 -14.89
N GLN D 324 10.85 6.69 -14.85
CA GLN D 324 10.44 6.02 -16.08
C GLN D 324 9.17 6.66 -16.65
N ILE D 325 8.27 7.10 -15.77
CA ILE D 325 7.09 7.82 -16.23
C ILE D 325 7.50 9.18 -16.80
N VAL D 326 8.57 9.77 -16.28
CA VAL D 326 9.08 11.03 -16.80
C VAL D 326 9.70 10.84 -18.18
N ALA D 327 10.23 9.65 -18.46
CA ALA D 327 10.90 9.42 -19.73
C ALA D 327 9.94 9.57 -20.91
N LYS D 328 8.77 8.93 -20.83
CA LYS D 328 7.80 8.96 -21.91
C LYS D 328 6.89 10.18 -21.88
N LEU D 329 6.92 10.96 -20.81
CA LEU D 329 6.30 12.28 -20.87
C LEU D 329 7.13 13.27 -21.67
N GLU D 330 8.30 12.84 -22.16
CA GLU D 330 9.07 13.56 -23.16
C GLU D 330 8.78 13.07 -24.57
N GLU D 331 8.59 11.76 -24.76
CA GLU D 331 8.33 11.22 -26.09
C GLU D 331 7.03 11.72 -26.67
N GLN D 332 6.13 12.24 -25.85
CA GLN D 332 4.88 12.85 -26.32
C GLN D 332 4.87 14.37 -26.21
N PHE D 333 5.77 14.95 -25.42
CA PHE D 333 5.88 16.39 -25.24
C PHE D 333 7.24 16.86 -25.74
N PRO D 334 7.69 18.08 -25.41
CA PRO D 334 9.13 18.29 -25.64
C PRO D 334 9.99 17.69 -24.53
N LYS D 336 10.32 20.26 -22.49
CA LYS D 336 9.84 21.04 -21.35
C LYS D 336 10.21 20.33 -20.04
N THR D 337 9.80 20.94 -18.92
CA THR D 337 10.02 20.36 -17.60
C THR D 337 8.77 19.66 -17.12
N ILE D 338 8.96 18.57 -16.39
CA ILE D 338 7.87 17.70 -15.93
C ILE D 338 7.66 17.94 -14.45
N ILE D 339 6.55 18.60 -14.12
CA ILE D 339 6.18 18.91 -12.75
C ILE D 339 5.07 17.97 -12.31
N PHE D 340 5.18 17.44 -11.10
CA PHE D 340 4.12 16.66 -10.48
C PHE D 340 3.60 17.42 -9.26
N ASN D 341 2.28 17.55 -9.18
CA ASN D 341 1.66 18.23 -8.05
C ASN D 341 0.46 17.42 -7.59
N HIS D 342 -0.13 17.86 -6.47
CA HIS D 342 -1.30 17.18 -5.91
C HIS D 342 -2.53 17.45 -6.79
N SER D 343 -3.63 16.81 -6.43
CA SER D 343 -4.85 16.90 -7.22
C SER D 343 -5.45 18.30 -7.12
N SER D 344 -6.35 18.61 -8.06
CA SER D 344 -6.99 19.91 -8.13
C SER D 344 -8.09 20.02 -7.08
N PRO D 348 -13.93 13.06 -0.07
CA PRO D 348 -12.53 12.82 -0.38
C PRO D 348 -12.32 11.67 -1.36
N GLU D 349 -13.36 11.37 -2.16
CA GLU D 349 -13.34 10.20 -3.02
C GLU D 349 -12.28 10.31 -4.11
N ILE D 350 -12.18 11.49 -4.75
CA ILE D 350 -11.31 11.68 -5.89
C ILE D 350 -10.02 12.41 -5.54
N VAL D 351 -10.02 13.28 -4.53
CA VAL D 351 -8.82 14.04 -4.19
C VAL D 351 -7.69 13.13 -3.68
N THR D 352 -8.03 11.99 -3.07
CA THR D 352 -7.06 11.09 -2.48
C THR D 352 -7.16 9.71 -3.10
N HIS D 353 -6.08 8.95 -2.95
CA HIS D 353 -6.05 7.54 -3.34
C HIS D 353 -7.07 6.77 -2.51
N SER D 354 -8.14 6.32 -3.15
CA SER D 354 -9.22 5.61 -2.47
C SER D 354 -9.29 4.19 -3.00
N PHE D 355 -9.17 3.21 -2.11
CA PHE D 355 -9.25 1.81 -2.50
C PHE D 355 -9.90 0.99 -1.38
N ASN D 356 -9.59 -0.30 -1.32
CA ASN D 356 -10.16 -1.18 -0.29
C ASN D 356 -9.05 -2.07 0.26
N CYS D 357 -8.80 -1.97 1.56
CA CYS D 357 -7.74 -2.72 2.23
C CYS D 357 -8.37 -3.61 3.29
N GLY D 358 -8.44 -4.90 3.00
CA GLY D 358 -9.03 -5.87 3.91
C GLY D 358 -10.51 -5.72 4.19
N GLY D 359 -11.19 -4.73 3.60
CA GLY D 359 -12.61 -4.56 3.83
C GLY D 359 -13.04 -3.14 4.17
N GLU D 360 -12.07 -2.30 4.49
CA GLU D 360 -12.33 -0.91 4.84
C GLU D 360 -11.72 0.01 3.80
N PHE D 361 -12.47 1.06 3.44
CA PHE D 361 -12.14 1.91 2.31
C PHE D 361 -11.25 3.05 2.78
N PHE D 362 -9.98 3.02 2.36
CA PHE D 362 -9.03 4.06 2.73
C PHE D 362 -9.19 5.26 1.81
N TYR D 363 -8.60 6.38 2.23
CA TYR D 363 -8.55 7.61 1.43
C TYR D 363 -7.19 8.24 1.71
N CYS D 364 -6.19 7.83 0.94
CA CYS D 364 -4.79 8.13 1.24
C CYS D 364 -4.36 9.41 0.51
N ASN D 365 -3.88 10.38 1.29
CA ASN D 365 -3.42 11.65 0.75
C ASN D 365 -2.13 11.43 -0.03
N THR D 366 -2.20 11.60 -1.36
CA THR D 366 -1.09 11.30 -2.26
C THR D 366 -0.24 12.51 -2.58
N THR D 367 -0.20 13.52 -1.70
CA THR D 367 0.66 14.67 -1.93
C THR D 367 2.14 14.33 -1.74
N PRO D 368 2.52 13.48 -0.76
CA PRO D 368 3.92 13.03 -0.69
C PRO D 368 4.28 12.08 -1.82
N LEU D 369 3.39 11.91 -2.79
CA LEU D 369 3.63 11.08 -3.97
C LEU D 369 3.93 11.89 -5.22
N PHE D 370 3.12 12.90 -5.49
CA PHE D 370 3.27 13.75 -6.67
C PHE D 370 3.70 15.13 -6.19
N ASN D 371 5.01 15.25 -5.97
CA ASN D 371 5.61 16.50 -5.51
C ASN D 371 7.05 16.55 -6.00
N SER D 372 7.25 16.70 -7.31
CA SER D 372 8.58 16.62 -7.90
C SER D 372 8.59 17.37 -9.23
N THR D 373 9.75 17.91 -9.59
CA THR D 373 9.96 18.56 -10.87
C THR D 373 11.22 18.02 -11.50
N TRP D 374 11.08 17.37 -12.65
CA TRP D 374 12.19 16.74 -13.35
C TRP D 374 12.45 17.49 -14.64
N ASN D 375 13.66 17.99 -14.81
CA ASN D 375 14.03 18.68 -16.04
C ASN D 375 14.17 17.70 -17.20
N GLU D 387 15.72 1.46 3.29
CA GLU D 387 15.68 2.74 4.00
C GLU D 387 14.35 3.45 3.81
N GLN D 388 14.43 4.71 3.37
CA GLN D 388 13.30 5.64 3.35
C GLN D 388 12.02 5.02 2.80
N ASN D 389 10.94 5.16 3.57
CA ASN D 389 9.60 4.84 3.12
C ASN D 389 8.81 6.13 2.96
N ILE D 390 8.05 6.24 1.87
CA ILE D 390 7.10 7.33 1.71
C ILE D 390 5.77 6.88 2.29
N THR D 391 5.28 7.61 3.28
CA THR D 391 4.04 7.24 3.98
C THR D 391 2.96 8.26 3.68
N LEU D 392 1.77 7.77 3.34
CA LEU D 392 0.61 8.60 3.11
C LEU D 392 -0.31 8.54 4.33
N GLN D 393 -0.94 9.66 4.65
CA GLN D 393 -1.88 9.72 5.78
C GLN D 393 -3.27 9.40 5.25
N CYS D 394 -3.72 8.16 5.48
CA CYS D 394 -5.00 7.69 4.98
C CYS D 394 -6.09 7.89 6.02
N ARG D 395 -7.23 8.40 5.57
CA ARG D 395 -8.44 8.39 6.38
C ARG D 395 -9.26 7.14 6.05
N ILE D 396 -10.27 6.88 6.88
CA ILE D 396 -11.11 5.70 6.71
C ILE D 396 -12.57 6.10 6.78
N LYS D 397 -13.34 5.70 5.78
CA LYS D 397 -14.78 5.86 5.74
C LYS D 397 -15.44 4.49 5.90
N GLN D 398 -16.62 4.48 6.49
CA GLN D 398 -17.45 3.29 6.54
C GLN D 398 -18.64 3.35 5.61
N ILE D 399 -19.14 4.55 5.34
CA ILE D 399 -20.24 4.75 4.40
C ILE D 399 -19.68 5.27 3.09
N ILE D 400 -20.00 4.58 2.00
CA ILE D 400 -19.56 4.98 0.67
C ILE D 400 -20.78 5.16 -0.22
N ASN D 401 -20.68 6.08 -1.18
CA ASN D 401 -21.74 6.35 -2.14
C ASN D 401 -21.60 5.51 -3.41
N MET D 402 -20.98 4.33 -3.30
CA MET D 402 -20.59 3.47 -4.42
C MET D 402 -20.15 4.29 -5.64
N TRP D 403 -20.96 4.30 -6.69
CA TRP D 403 -20.61 4.96 -7.95
C TRP D 403 -21.51 6.15 -8.24
N GLN D 404 -22.81 5.92 -8.40
CA GLN D 404 -23.76 6.96 -8.77
C GLN D 404 -24.21 7.73 -7.54
N GLY D 405 -25.16 8.64 -7.76
CA GLY D 405 -25.75 9.41 -6.68
C GLY D 405 -27.26 9.45 -6.76
N VAL D 406 -27.85 8.36 -7.24
CA VAL D 406 -29.32 8.31 -7.36
C VAL D 406 -29.96 8.38 -5.98
N GLY D 407 -29.49 7.55 -5.05
CA GLY D 407 -30.02 7.56 -3.71
C GLY D 407 -29.86 6.26 -2.97
N LYS D 408 -28.70 5.63 -3.10
CA LYS D 408 -28.40 4.38 -2.40
C LYS D 408 -26.95 4.39 -1.96
N ALA D 409 -26.73 4.26 -0.65
CA ALA D 409 -25.40 4.18 -0.07
C ALA D 409 -25.25 2.85 0.66
N MET D 410 -23.99 2.51 0.96
CA MET D 410 -23.66 1.24 1.59
C MET D 410 -22.80 1.46 2.82
N TYR D 411 -23.11 0.75 3.90
CA TYR D 411 -22.35 0.79 5.14
C TYR D 411 -21.44 -0.43 5.19
N ALA D 412 -20.14 -0.20 5.14
CA ALA D 412 -19.18 -1.28 5.29
C ALA D 412 -19.07 -1.67 6.77
N PRO D 413 -19.44 -2.89 7.15
CA PRO D 413 -19.34 -3.27 8.55
C PRO D 413 -17.88 -3.28 8.99
N PRO D 414 -17.60 -2.96 10.24
CA PRO D 414 -16.21 -2.84 10.68
C PRO D 414 -15.51 -4.19 10.71
N ILE D 415 -14.24 -4.16 10.37
CA ILE D 415 -13.40 -5.35 10.40
C ILE D 415 -12.74 -5.43 11.77
N ARG D 416 -12.79 -6.62 12.39
CA ARG D 416 -12.24 -6.79 13.73
C ARG D 416 -10.74 -6.98 13.68
N GLY D 417 -10.05 -6.48 14.72
CA GLY D 417 -8.62 -6.62 14.85
C GLY D 417 -7.83 -5.58 14.08
N GLN D 418 -6.63 -5.94 13.63
CA GLN D 418 -5.79 -5.04 12.84
C GLN D 418 -5.89 -5.38 11.35
N ILE D 419 -5.68 -4.35 10.52
CA ILE D 419 -5.78 -4.47 9.07
C ILE D 419 -4.44 -4.10 8.46
N ARG D 420 -3.95 -4.94 7.55
CA ARG D 420 -2.78 -4.62 6.76
C ARG D 420 -2.84 -5.42 5.47
N CYS D 421 -2.66 -4.73 4.34
CA CYS D 421 -2.70 -5.36 3.03
C CYS D 421 -1.51 -4.86 2.21
N SER D 422 -1.02 -5.72 1.33
CA SER D 422 0.10 -5.41 0.44
C SER D 422 -0.36 -5.55 -1.00
N SER D 423 -0.16 -4.51 -1.80
CA SER D 423 -0.64 -4.47 -3.16
C SER D 423 0.47 -4.01 -4.10
N ASN D 424 0.18 -4.10 -5.41
CA ASN D 424 1.08 -3.66 -6.47
C ASN D 424 0.42 -2.51 -7.22
N ILE D 425 1.06 -1.34 -7.22
CA ILE D 425 0.65 -0.24 -8.08
C ILE D 425 1.29 -0.46 -9.46
N THR D 426 0.47 -0.81 -10.44
CA THR D 426 0.95 -1.07 -11.78
C THR D 426 0.54 -0.02 -12.79
N GLY D 427 -0.26 0.95 -12.39
CA GLY D 427 -0.70 1.99 -13.29
C GLY D 427 -0.75 3.36 -12.65
N LEU D 428 -1.30 4.34 -13.36
CA LEU D 428 -1.37 5.71 -12.89
C LEU D 428 -2.29 6.49 -13.82
N LEU D 429 -3.17 7.31 -13.23
CA LEU D 429 -4.12 8.11 -13.99
C LEU D 429 -3.79 9.57 -13.73
N LEU D 430 -3.17 10.22 -14.73
CA LEU D 430 -2.69 11.59 -14.59
C LEU D 430 -3.63 12.56 -15.30
N THR D 431 -3.31 13.85 -15.17
CA THR D 431 -4.11 14.91 -15.80
C THR D 431 -3.26 16.17 -15.87
N ARG D 432 -2.82 16.54 -17.06
CA ARG D 432 -2.07 17.77 -17.24
C ARG D 432 -3.00 18.97 -17.33
N ASP D 433 -2.48 20.12 -16.91
CA ASP D 433 -3.28 21.33 -16.86
C ASP D 433 -3.35 22.02 -18.22
N ASN D 439 1.80 28.38 -19.62
CA ASN D 439 3.11 28.95 -19.27
C ASN D 439 4.24 28.20 -19.95
N GLY D 440 5.38 28.09 -19.26
CA GLY D 440 6.55 27.47 -19.85
C GLY D 440 6.78 26.03 -19.42
N THR D 441 5.99 25.55 -18.46
CA THR D 441 6.12 24.20 -17.94
C THR D 441 4.82 23.45 -18.11
N GLU D 442 4.86 22.14 -17.82
CA GLU D 442 3.69 21.28 -17.86
C GLU D 442 3.65 20.46 -16.58
N THR D 443 2.56 20.62 -15.83
CA THR D 443 2.39 19.93 -14.55
C THR D 443 1.32 18.86 -14.69
N PHE D 444 1.62 17.66 -14.17
CA PHE D 444 0.72 16.52 -14.23
C PHE D 444 0.24 16.19 -12.81
N ARG D 445 -1.07 16.18 -12.61
CA ARG D 445 -1.68 15.89 -11.33
C ARG D 445 -2.43 14.55 -11.39
N PRO D 446 -2.52 13.83 -10.28
CA PRO D 446 -3.27 12.57 -10.28
C PRO D 446 -4.75 12.81 -10.55
N GLY D 447 -5.27 12.14 -11.57
CA GLY D 447 -6.63 12.38 -12.00
C GLY D 447 -7.62 11.31 -11.60
N GLY D 448 -7.68 10.24 -12.39
CA GLY D 448 -8.71 9.24 -12.21
C GLY D 448 -9.81 9.41 -13.24
N GLY D 449 -10.41 10.60 -13.28
CA GLY D 449 -11.41 10.92 -14.28
C GLY D 449 -12.72 10.18 -14.11
N ASN D 450 -12.69 8.86 -14.27
CA ASN D 450 -13.90 8.06 -14.15
C ASN D 450 -13.50 6.63 -13.81
N MET D 451 -14.47 5.88 -13.28
CA MET D 451 -14.19 4.51 -12.85
C MET D 451 -14.00 3.58 -14.04
N ARG D 452 -14.64 3.86 -15.17
CA ARG D 452 -14.48 3.00 -16.33
C ARG D 452 -13.10 3.11 -16.95
N ASP D 453 -12.27 4.06 -16.50
CA ASP D 453 -10.87 4.09 -16.89
C ASP D 453 -10.08 2.95 -16.24
N ASN D 454 -10.56 2.44 -15.11
CA ASN D 454 -9.89 1.32 -14.46
C ASN D 454 -9.98 0.06 -15.31
N TRP D 455 -11.21 -0.32 -15.68
CA TRP D 455 -11.38 -1.48 -16.56
C TRP D 455 -10.77 -1.22 -17.93
N ARG D 456 -10.75 0.03 -18.36
CA ARG D 456 -10.17 0.36 -19.67
C ARG D 456 -8.67 0.11 -19.70
N SER D 457 -8.00 0.26 -18.55
CA SER D 457 -6.57 -0.05 -18.48
C SER D 457 -6.29 -1.53 -18.66
N GLU D 458 -7.30 -2.38 -18.47
CA GLU D 458 -7.14 -3.83 -18.64
C GLU D 458 -7.82 -4.36 -19.90
N LEU D 459 -8.79 -3.64 -20.46
CA LEU D 459 -9.49 -4.06 -21.68
C LEU D 459 -9.05 -3.25 -22.90
N TYR D 460 -7.78 -2.84 -22.95
CA TYR D 460 -7.24 -2.22 -24.15
C TYR D 460 -6.81 -3.25 -25.18
N LYS D 461 -6.38 -4.43 -24.72
CA LYS D 461 -5.92 -5.48 -25.61
C LYS D 461 -7.05 -6.16 -26.37
N TYR D 462 -8.30 -5.92 -26.00
CA TYR D 462 -9.41 -6.73 -26.48
C TYR D 462 -10.41 -5.88 -27.28
N LYS D 463 -11.27 -6.59 -28.00
CA LYS D 463 -12.17 -6.00 -28.99
C LYS D 463 -13.17 -7.05 -29.48
N VAL D 464 -14.45 -6.70 -29.51
CA VAL D 464 -15.50 -7.65 -29.87
C VAL D 464 -15.80 -7.55 -31.36
N VAL D 465 -15.71 -8.68 -32.05
CA VAL D 465 -16.09 -8.79 -33.46
C VAL D 465 -17.03 -9.98 -33.60
N LYS D 466 -17.93 -9.91 -34.57
CA LYS D 466 -18.87 -10.99 -34.84
C LYS D 466 -18.48 -11.72 -36.13
N ILE D 467 -18.69 -13.02 -36.14
CA ILE D 467 -18.33 -13.86 -37.28
C ILE D 467 -19.53 -13.92 -38.23
N GLU D 468 -19.27 -13.74 -39.52
CA GLU D 468 -20.27 -13.91 -40.58
C GLU D 468 -19.70 -14.95 -41.55
N PRO D 469 -19.98 -16.24 -41.32
CA PRO D 469 -19.22 -17.29 -42.02
C PRO D 469 -19.66 -17.59 -43.44
N LEU D 470 -20.69 -16.92 -43.96
CA LEU D 470 -21.15 -17.18 -45.32
C LEU D 470 -20.36 -16.33 -46.30
N GLY D 471 -19.84 -16.98 -47.34
CA GLY D 471 -19.06 -16.28 -48.34
C GLY D 471 -19.32 -16.79 -49.75
N ILE D 472 -19.65 -15.89 -50.67
CA ILE D 472 -19.90 -16.23 -52.06
C ILE D 472 -18.73 -15.71 -52.89
N ALA D 473 -18.37 -16.46 -53.93
CA ALA D 473 -17.22 -16.11 -54.75
C ALA D 473 -17.31 -16.90 -56.05
N PRO D 474 -16.74 -16.39 -57.14
CA PRO D 474 -16.85 -17.09 -58.42
C PRO D 474 -15.74 -18.09 -58.66
N THR D 475 -16.14 -19.28 -59.13
CA THR D 475 -15.22 -20.29 -59.65
C THR D 475 -15.86 -20.98 -60.84
N ALA D 476 -15.02 -21.65 -61.64
CA ALA D 476 -15.50 -22.41 -62.79
C ALA D 476 -16.10 -23.72 -62.28
N CYS D 477 -17.33 -23.64 -61.77
CA CYS D 477 -17.99 -24.79 -61.16
C CYS D 477 -19.49 -24.60 -61.25
N LYS D 478 -20.15 -25.42 -62.06
CA LYS D 478 -21.60 -25.41 -62.20
C LYS D 478 -22.15 -26.77 -61.81
N ARG D 479 -23.29 -26.76 -61.11
CA ARG D 479 -23.93 -28.00 -60.72
C ARG D 479 -24.75 -28.56 -61.89
N ARG D 480 -24.99 -29.86 -61.84
CA ARG D 480 -25.68 -30.56 -62.93
C ARG D 480 -27.19 -30.33 -62.89
N GLN E 1 29.31 13.06 41.93
CA GLN E 1 28.02 13.00 41.27
C GLN E 1 27.13 14.15 41.70
N VAL E 2 25.86 13.86 41.95
CA VAL E 2 24.84 14.87 42.20
C VAL E 2 24.13 14.54 43.51
N GLN E 3 24.09 15.51 44.42
CA GLN E 3 23.28 15.40 45.63
C GLN E 3 22.54 16.72 45.84
N LEU E 4 21.52 16.67 46.69
CA LEU E 4 20.69 17.85 46.95
C LEU E 4 20.45 17.98 48.44
N GLN E 5 20.12 19.21 48.85
CA GLN E 5 19.82 19.50 50.25
C GLN E 5 18.84 20.65 50.31
N GLU E 6 17.63 20.39 50.81
CA GLU E 6 16.61 21.42 50.94
C GLU E 6 16.83 22.21 52.22
N SER E 7 16.09 23.31 52.35
CA SER E 7 16.14 24.15 53.54
C SER E 7 14.95 25.10 53.56
N GLY E 8 14.13 25.01 54.61
CA GLY E 8 12.94 25.83 54.70
C GLY E 8 12.67 26.31 56.11
N PRO E 9 11.69 27.22 56.24
CA PRO E 9 11.32 27.74 57.57
C PRO E 9 11.04 26.66 58.60
N GLY E 10 10.48 25.53 58.19
CA GLY E 10 10.14 24.47 59.12
C GLY E 10 8.80 24.71 59.78
N LEU E 11 8.42 25.98 59.92
CA LEU E 11 7.13 26.37 60.48
C LEU E 11 6.64 27.61 59.73
N VAL E 12 5.43 27.51 59.19
CA VAL E 12 4.81 28.62 58.48
C VAL E 12 3.38 28.80 59.00
N LYS E 13 2.98 30.04 59.23
CA LYS E 13 1.65 30.32 59.74
C LYS E 13 0.60 30.07 58.66
N PRO E 14 -0.65 29.83 59.05
CA PRO E 14 -1.71 29.64 58.05
C PRO E 14 -1.90 30.87 57.19
N SER E 15 -2.26 30.63 55.92
CA SER E 15 -2.48 31.68 54.93
C SER E 15 -1.22 32.54 54.76
N GLU E 16 -0.16 31.90 54.26
CA GLU E 16 1.14 32.54 54.15
C GLU E 16 1.93 31.84 53.04
N THR E 17 3.02 32.48 52.64
CA THR E 17 3.89 31.95 51.59
C THR E 17 4.85 30.93 52.18
N LEU E 18 4.66 29.66 51.81
CA LEU E 18 5.56 28.58 52.25
C LEU E 18 6.77 28.57 51.31
N SER E 19 7.71 29.46 51.61
CA SER E 19 8.92 29.54 50.81
C SER E 19 9.84 28.36 51.12
N LEU E 20 10.72 28.08 50.17
CA LEU E 20 11.62 26.93 50.26
C LEU E 20 12.73 27.12 49.24
N THR E 21 13.75 26.25 49.33
CA THR E 21 14.94 26.34 48.51
C THR E 21 15.61 24.98 48.50
N CYS E 22 16.37 24.71 47.43
CA CYS E 22 17.06 23.43 47.27
C CYS E 22 18.33 23.66 46.45
N THR E 23 19.48 23.47 47.09
CA THR E 23 20.77 23.62 46.43
C THR E 23 21.31 22.25 46.04
N VAL E 24 21.68 22.10 44.77
CA VAL E 24 22.22 20.85 44.26
C VAL E 24 23.74 20.93 44.27
N SER E 25 24.39 19.76 44.33
CA SER E 25 25.84 19.69 44.45
C SER E 25 26.41 18.84 43.32
N GLY E 26 27.55 19.28 42.79
CA GLY E 26 28.26 18.50 41.78
C GLY E 26 27.49 18.32 40.49
N GLY E 27 26.71 19.32 40.08
CA GLY E 27 25.94 19.22 38.86
C GLY E 27 25.40 20.55 38.39
N SER E 28 25.27 20.71 37.08
CA SER E 28 24.75 21.95 36.52
C SER E 28 23.25 22.04 36.71
N ILE E 29 22.79 23.22 37.11
CA ILE E 29 21.36 23.43 37.36
C ILE E 29 20.56 23.47 36.07
N SER E 30 21.19 23.86 34.96
CA SER E 30 20.48 24.22 33.74
C SER E 30 20.58 23.14 32.65
N ASN E 31 20.76 21.88 33.04
CA ASN E 31 20.74 20.82 32.04
C ASN E 31 20.02 19.57 32.54
N TYR E 32 19.09 19.71 33.49
CA TYR E 32 18.29 18.59 33.96
C TYR E 32 16.91 19.11 34.34
N TYR E 33 15.98 18.18 34.56
CA TYR E 33 14.68 18.50 35.09
C TYR E 33 14.68 18.33 36.60
N TRP E 34 13.85 19.12 37.27
CA TRP E 34 13.82 19.14 38.74
C TRP E 34 12.38 19.07 39.22
N SER E 35 12.10 18.12 40.10
CA SER E 35 10.76 17.88 40.60
C SER E 35 10.70 18.14 42.10
N TRP E 36 9.57 18.67 42.55
CA TRP E 36 9.27 18.85 43.97
C TRP E 36 8.20 17.83 44.38
N ILE E 37 8.44 17.14 45.49
CA ILE E 37 7.54 16.10 45.98
C ILE E 37 7.35 16.28 47.48
N ARG E 38 6.11 16.23 47.95
CA ARG E 38 5.79 16.25 49.36
C ARG E 38 5.03 14.98 49.73
N GLN E 39 4.97 14.71 51.03
CA GLN E 39 4.33 13.50 51.52
C GLN E 39 3.91 13.71 52.96
N SER E 40 2.60 13.83 53.19
CA SER E 40 2.02 14.05 54.51
C SER E 40 1.82 12.73 55.23
N PRO E 41 1.62 12.78 56.55
CA PRO E 41 1.24 11.54 57.26
C PRO E 41 -0.18 11.13 56.91
N GLY E 42 -0.36 9.83 56.68
CA GLY E 42 -1.62 9.28 56.25
C GLY E 42 -1.84 9.28 54.76
N LYS E 43 -1.34 10.29 54.05
CA LYS E 43 -1.39 10.35 52.61
C LYS E 43 -0.17 9.70 51.99
N GLY E 44 -0.17 9.58 50.67
CA GLY E 44 0.95 9.05 49.93
C GLY E 44 1.80 10.15 49.32
N LEU E 45 2.69 9.72 48.42
CA LEU E 45 3.54 10.67 47.71
C LEU E 45 2.71 11.55 46.79
N GLU E 46 3.07 12.82 46.72
CA GLU E 46 2.36 13.79 45.89
C GLU E 46 3.38 14.59 45.08
N TRP E 47 3.23 14.57 43.76
CA TRP E 47 4.11 15.28 42.84
C TRP E 47 3.63 16.72 42.71
N ILE E 48 4.36 17.66 43.30
CA ILE E 48 4.00 19.08 43.26
C ILE E 48 4.09 19.57 41.82
N GLY E 49 5.30 19.69 41.30
CA GLY E 49 5.48 20.11 39.93
C GLY E 49 6.90 19.85 39.50
N TYR E 50 7.30 20.46 38.38
CA TYR E 50 8.66 20.28 37.91
C TYR E 50 9.03 21.40 36.95
N ILE E 51 10.29 21.82 37.02
CA ILE E 51 10.87 22.77 36.08
C ILE E 51 11.86 22.04 35.19
N SER E 52 12.05 22.56 33.98
CA SER E 52 12.87 21.93 32.97
C SER E 52 14.25 22.57 32.91
N ASP E 53 15.11 22.01 32.06
CA ASP E 53 16.34 22.70 31.69
C ASP E 53 16.06 23.94 30.86
N SER E 54 14.87 24.04 30.29
CA SER E 54 14.40 25.25 29.61
C SER E 54 13.60 26.16 30.54
N GLU E 55 13.57 25.83 31.84
CA GLU E 55 12.88 26.65 32.85
C GLU E 55 11.40 26.80 32.54
N SER E 56 10.76 25.70 32.14
CA SER E 56 9.34 25.68 31.83
C SER E 56 8.54 25.21 33.03
N THR E 57 7.40 25.86 33.28
CA THR E 57 6.57 25.59 34.44
C THR E 57 5.50 24.57 34.10
N ASN E 58 5.22 23.68 35.05
CA ASN E 58 4.17 22.66 34.88
C ASN E 58 3.89 22.08 36.26
N TYR E 59 2.71 22.37 36.80
CA TYR E 59 2.35 22.00 38.16
C TYR E 59 1.22 20.98 38.16
N ASN E 60 1.07 20.31 39.30
CA ASN E 60 -0.06 19.41 39.51
C ASN E 60 -1.34 20.23 39.57
N PRO E 61 -2.34 19.95 38.73
CA PRO E 61 -3.62 20.68 38.84
C PRO E 61 -4.32 20.48 40.16
N SER E 62 -3.90 19.51 40.97
CA SER E 62 -4.42 19.38 42.32
C SER E 62 -4.24 20.67 43.10
N LEU E 63 -3.11 21.34 42.90
CA LEU E 63 -2.79 22.62 43.55
C LEU E 63 -3.13 23.72 42.57
N LYS E 64 -4.26 24.40 42.81
CA LYS E 64 -4.86 25.33 41.86
C LYS E 64 -3.98 26.54 41.57
N SER E 65 -4.29 27.67 42.19
CA SER E 65 -3.57 28.92 41.94
C SER E 65 -2.58 29.20 43.06
N ARG E 66 -1.67 28.25 43.28
CA ARG E 66 -0.84 28.32 44.48
C ARG E 66 0.65 28.13 44.21
N VAL E 67 1.02 27.11 43.44
CA VAL E 67 2.43 26.77 43.27
C VAL E 67 3.09 27.74 42.30
N ILE E 68 4.37 28.01 42.54
CA ILE E 68 5.23 28.71 41.59
C ILE E 68 6.67 28.27 41.82
N ILE E 69 7.21 27.46 40.92
CA ILE E 69 8.52 26.83 41.08
C ILE E 69 9.53 27.69 40.33
N SER E 70 10.32 28.46 41.07
CA SER E 70 11.33 29.32 40.49
C SER E 70 12.67 28.59 40.42
N VAL E 71 13.69 29.29 39.92
CA VAL E 71 15.06 28.78 39.83
C VAL E 71 16.00 29.92 39.47
N ASP E 72 17.13 30.01 40.16
CA ASP E 72 18.17 30.99 39.87
C ASP E 72 19.47 30.26 39.62
N THR E 73 20.02 30.41 38.41
CA THR E 73 21.15 29.62 37.95
C THR E 73 22.49 30.24 38.28
N SER E 74 22.52 31.39 38.97
CA SER E 74 23.79 31.94 39.42
C SER E 74 24.50 30.97 40.36
N LYS E 75 23.75 30.33 41.25
CA LYS E 75 24.22 29.22 42.03
C LYS E 75 23.59 27.94 41.46
N ASN E 76 23.59 26.87 42.27
CA ASN E 76 22.91 25.63 41.94
C ASN E 76 21.59 25.52 42.67
N GLN E 77 20.81 26.60 42.67
CA GLN E 77 19.70 26.81 43.59
C GLN E 77 18.40 26.96 42.83
N LEU E 78 17.36 26.27 43.29
CA LEU E 78 16.01 26.46 42.78
C LEU E 78 15.04 26.39 43.94
N SER E 79 14.01 27.23 43.89
CA SER E 79 13.12 27.43 45.03
C SER E 79 11.75 26.81 44.78
N LEU E 80 10.83 27.07 45.70
CA LEU E 80 9.46 26.58 45.63
C LEU E 80 8.63 27.44 46.58
N LYS E 81 7.54 28.04 46.07
CA LYS E 81 6.76 29.03 46.81
C LYS E 81 5.29 28.63 46.82
N LEU E 82 4.91 27.81 47.80
CA LEU E 82 3.50 27.55 48.06
C LEU E 82 2.93 28.68 48.92
N ASN E 83 1.68 29.04 48.66
CA ASN E 83 1.03 30.10 49.43
C ASN E 83 -0.39 29.68 49.81
N SER E 84 -1.02 30.50 50.65
CA SER E 84 -2.35 30.22 51.19
C SER E 84 -2.40 28.84 51.83
N VAL E 85 -1.39 28.56 52.66
CA VAL E 85 -1.24 27.23 53.24
C VAL E 85 -2.34 26.96 54.26
N THR E 86 -2.53 25.69 54.57
CA THR E 86 -3.50 25.26 55.58
C THR E 86 -2.95 24.02 56.25
N ALA E 87 -3.73 23.47 57.20
CA ALA E 87 -3.24 22.38 58.04
C ALA E 87 -2.83 21.16 57.21
N ALA E 88 -3.56 20.89 56.12
CA ALA E 88 -3.26 19.71 55.31
C ALA E 88 -1.94 19.83 54.56
N ASP E 89 -1.29 20.98 54.58
CA ASP E 89 -0.05 21.19 53.83
C ASP E 89 1.19 20.76 54.59
N SER E 90 1.05 20.32 55.85
CA SER E 90 2.18 19.81 56.60
C SER E 90 2.67 18.50 56.00
N ALA E 91 3.95 18.46 55.61
CA ALA E 91 4.52 17.28 54.98
C ALA E 91 6.03 17.45 54.93
N ILE E 92 6.70 16.37 54.53
CA ILE E 92 8.12 16.40 54.24
C ILE E 92 8.29 16.72 52.76
N TYR E 93 9.04 17.77 52.45
CA TYR E 93 9.18 18.25 51.08
C TYR E 93 10.53 17.79 50.53
N TYR E 94 10.49 17.07 49.42
CA TYR E 94 11.68 16.47 48.81
C TYR E 94 12.05 17.20 47.52
N CYS E 95 13.34 17.21 47.22
CA CYS E 95 13.89 17.83 46.03
C CYS E 95 14.64 16.77 45.24
N ALA E 96 14.13 16.45 44.04
CA ALA E 96 14.69 15.37 43.25
C ALA E 96 14.98 15.85 41.83
N ARG E 97 15.94 15.18 41.18
CA ARG E 97 16.28 15.45 39.80
C ARG E 97 15.43 14.56 38.90
N ALA E 98 14.58 15.17 38.09
CA ALA E 98 13.80 14.44 37.11
C ALA E 98 14.58 14.32 35.80
N GLN E 99 14.38 13.21 35.11
CA GLN E 99 14.96 12.99 33.79
C GLN E 99 13.87 12.61 32.81
N GLN E 100 14.01 13.06 31.58
CA GLN E 100 12.98 12.90 30.55
C GLN E 100 13.28 11.68 29.69
N GLY E 101 12.27 10.83 29.53
CA GLY E 101 12.32 9.75 28.58
C GLY E 101 11.21 9.91 27.56
N LYS E 102 11.47 9.45 26.34
CA LYS E 102 10.50 9.54 25.24
C LYS E 102 10.12 8.12 24.83
N ARG E 103 8.91 7.71 25.20
CA ARG E 103 8.44 6.36 24.94
C ARG E 103 7.72 6.33 23.59
N ILE E 104 8.42 5.87 22.56
CA ILE E 104 7.87 5.76 21.22
C ILE E 104 7.21 4.40 21.07
N TYR E 105 6.00 4.39 20.53
CA TYR E 105 5.28 3.15 20.26
C TYR E 105 4.83 3.01 18.81
N GLY E 106 4.57 4.11 18.11
CA GLY E 106 4.19 4.05 16.71
C GLY E 106 5.20 4.71 15.81
N MET E 107 4.81 5.81 15.17
CA MET E 107 5.69 6.56 14.27
C MET E 107 6.02 7.90 14.91
N VAL E 108 7.32 8.21 14.96
CA VAL E 108 7.77 9.47 15.55
C VAL E 108 7.21 10.66 14.79
N SER E 109 7.05 10.52 13.47
CA SER E 109 6.58 11.64 12.65
C SER E 109 5.10 11.90 12.86
N PHE E 110 4.30 10.86 13.08
CA PHE E 110 2.88 11.03 13.34
C PHE E 110 2.58 11.47 14.76
N GLY E 111 3.58 11.52 15.63
CA GLY E 111 3.35 11.92 17.01
C GLY E 111 2.91 10.80 17.91
N GLU E 112 3.27 9.55 17.59
CA GLU E 112 2.83 8.39 18.37
C GLU E 112 3.87 8.05 19.43
N PHE E 113 4.12 9.02 20.31
CA PHE E 113 4.96 8.83 21.48
C PHE E 113 4.39 9.66 22.62
N PHE E 114 4.92 9.41 23.82
CA PHE E 114 4.55 10.21 24.99
C PHE E 114 5.78 10.35 25.88
N TYR E 115 5.82 11.45 26.64
CA TYR E 115 6.95 11.76 27.50
C TYR E 115 6.64 11.34 28.94
N TYR E 116 7.54 10.53 29.51
CA TYR E 116 7.46 10.12 30.90
C TYR E 116 8.66 10.68 31.66
N TYR E 117 8.49 10.87 32.96
CA TYR E 117 9.51 11.46 33.80
C TYR E 117 9.79 10.56 35.00
N TYR E 118 11.08 10.38 35.31
CA TYR E 118 11.51 9.58 36.43
C TYR E 118 12.56 10.35 37.23
N MET E 119 12.44 10.31 38.56
CA MET E 119 13.39 10.95 39.46
C MET E 119 14.43 9.92 39.89
N ASP E 120 15.71 10.23 39.65
CA ASP E 120 16.78 9.28 39.90
C ASP E 120 17.62 9.60 41.13
N VAL E 121 17.68 10.86 41.56
CA VAL E 121 18.40 11.24 42.77
C VAL E 121 17.55 12.25 43.53
N TRP E 122 17.38 12.02 44.83
CA TRP E 122 16.49 12.81 45.66
C TRP E 122 17.26 13.60 46.71
N GLY E 123 16.60 14.63 47.24
CA GLY E 123 17.11 15.31 48.41
C GLY E 123 16.74 14.58 49.68
N LYS E 124 17.25 15.07 50.80
CA LYS E 124 17.02 14.39 52.07
C LYS E 124 15.61 14.65 52.60
N GLY E 125 15.14 15.88 52.50
CA GLY E 125 13.81 16.21 52.95
C GLY E 125 13.76 17.31 54.00
N THR E 126 12.84 18.25 53.84
CA THR E 126 12.65 19.34 54.79
C THR E 126 11.28 19.20 55.44
N THR E 127 11.27 18.97 56.75
CA THR E 127 10.02 18.89 57.48
C THR E 127 9.42 20.28 57.64
N VAL E 128 8.15 20.43 57.28
CA VAL E 128 7.44 21.69 57.37
C VAL E 128 6.14 21.45 58.13
N THR E 129 5.90 22.25 59.16
CA THR E 129 4.68 22.20 59.95
C THR E 129 3.96 23.53 59.85
N VAL E 130 2.64 23.49 59.79
CA VAL E 130 1.81 24.68 59.68
C VAL E 130 0.86 24.71 60.88
N SER E 131 0.89 25.82 61.62
CA SER E 131 0.04 26.02 62.78
C SER E 131 0.21 27.45 63.27
N SER E 132 -0.87 28.00 63.83
CA SER E 132 -0.79 29.33 64.42
C SER E 132 0.06 29.36 65.68
N ALA E 133 0.39 28.20 66.24
CA ALA E 133 1.22 28.15 67.43
C ALA E 133 2.62 28.67 67.14
N SER E 134 3.17 29.42 68.08
CA SER E 134 4.48 30.02 67.91
C SER E 134 5.58 28.95 68.06
N THR E 135 6.78 29.31 67.62
CA THR E 135 7.92 28.42 67.77
C THR E 135 8.29 28.29 69.25
N LYS E 136 9.15 27.32 69.54
CA LYS E 136 9.56 27.07 70.92
C LYS E 136 10.92 26.42 70.93
N GLY E 137 11.81 26.91 71.79
CA GLY E 137 13.08 26.28 72.00
C GLY E 137 12.98 25.20 73.06
N PRO E 138 13.87 24.22 73.01
CA PRO E 138 13.83 23.13 74.00
C PRO E 138 14.51 23.50 75.31
N SER E 139 14.87 22.47 76.09
CA SER E 139 15.60 22.64 77.34
C SER E 139 16.16 21.30 77.75
N VAL E 140 17.44 21.07 77.51
CA VAL E 140 18.03 19.76 77.75
C VAL E 140 18.27 19.59 79.25
N PHE E 141 18.20 18.33 79.70
CA PHE E 141 18.52 17.96 81.07
C PHE E 141 19.32 16.66 81.01
N PRO E 142 20.48 16.60 81.65
CA PRO E 142 21.34 15.42 81.50
C PRO E 142 20.74 14.18 82.14
N LEU E 143 21.24 13.03 81.72
CA LEU E 143 20.87 11.74 82.29
C LEU E 143 22.14 10.98 82.64
N ALA E 144 22.35 10.75 83.93
CA ALA E 144 23.60 10.22 84.45
C ALA E 144 23.56 8.69 84.53
N PRO E 145 24.68 8.04 84.22
CA PRO E 145 24.71 6.57 84.18
C PRO E 145 24.50 5.96 85.56
N SER E 146 24.40 4.64 85.57
CA SER E 146 24.14 3.87 86.78
C SER E 146 25.39 3.14 87.27
N GLY E 153 30.65 -3.28 83.58
CA GLY E 153 31.03 -3.66 82.23
C GLY E 153 30.53 -2.68 81.19
N THR E 154 29.23 -2.42 81.19
CA THR E 154 28.60 -1.51 80.24
C THR E 154 27.53 -0.70 80.95
N ALA E 155 27.42 0.57 80.59
CA ALA E 155 26.41 1.47 81.14
C ALA E 155 25.85 2.33 80.03
N ALA E 156 24.88 3.18 80.38
CA ALA E 156 24.21 4.01 79.40
C ALA E 156 23.91 5.39 79.98
N LEU E 157 24.08 6.42 79.15
CA LEU E 157 23.80 7.80 79.54
C LEU E 157 23.30 8.55 78.32
N GLY E 158 22.69 9.70 78.57
CA GLY E 158 22.16 10.48 77.46
C GLY E 158 21.66 11.84 77.90
N CYS E 159 20.80 12.41 77.06
CA CYS E 159 20.28 13.76 77.26
C CYS E 159 18.77 13.77 77.03
N LEU E 160 18.07 14.58 77.81
CA LEU E 160 16.61 14.69 77.76
C LEU E 160 16.24 16.05 77.20
N VAL E 161 15.74 16.07 75.96
CA VAL E 161 15.38 17.31 75.27
C VAL E 161 13.88 17.51 75.49
N LYS E 162 13.53 18.44 76.37
CA LYS E 162 12.17 18.58 76.86
C LYS E 162 11.45 19.75 76.19
N ASP E 163 10.21 19.49 75.76
CA ASP E 163 9.25 20.54 75.41
C ASP E 163 9.77 21.55 74.39
N TYR E 164 9.80 21.15 73.11
CA TYR E 164 10.16 22.02 72.01
C TYR E 164 9.07 21.96 70.95
N PHE E 165 9.16 22.86 69.96
CA PHE E 165 8.20 22.92 68.87
C PHE E 165 8.77 23.80 67.75
N PRO E 166 8.68 23.37 66.49
CA PRO E 166 8.16 22.05 66.10
C PRO E 166 9.28 21.08 65.73
N GLU E 167 8.88 19.87 65.30
CA GLU E 167 9.83 18.87 64.84
C GLU E 167 10.68 19.45 63.70
N PRO E 168 11.96 19.08 63.60
CA PRO E 168 12.75 18.20 64.48
C PRO E 168 13.90 18.87 65.20
N VAL E 169 14.64 18.08 65.97
CA VAL E 169 15.89 18.50 66.59
C VAL E 169 16.99 17.52 66.16
N THR E 170 18.23 18.00 66.19
CA THR E 170 19.39 17.21 65.84
C THR E 170 20.29 17.10 67.06
N VAL E 171 20.73 15.88 67.38
CA VAL E 171 21.52 15.61 68.57
C VAL E 171 22.82 14.96 68.13
N SER E 172 23.94 15.66 68.34
CA SER E 172 25.27 15.11 68.15
C SER E 172 25.95 14.94 69.49
N TRP E 173 26.94 14.05 69.53
CA TRP E 173 27.69 13.76 70.74
C TRP E 173 29.15 14.13 70.54
N ASN E 174 29.67 14.98 71.41
CA ASN E 174 31.04 15.49 71.33
C ASN E 174 31.29 16.16 69.98
N SER E 175 30.32 16.96 69.52
CA SER E 175 30.26 17.67 68.25
C SER E 175 30.33 16.76 67.02
N GLY E 176 30.36 15.44 67.19
CA GLY E 176 30.42 14.52 66.07
C GLY E 176 31.42 13.40 66.26
N ALA E 177 32.24 13.51 67.31
CA ALA E 177 33.26 12.50 67.56
C ALA E 177 32.62 11.17 67.99
N LEU E 178 31.87 11.19 69.08
CA LEU E 178 31.19 10.00 69.57
C LEU E 178 30.02 9.66 68.67
N THR E 179 30.17 8.62 67.85
CA THR E 179 29.12 8.18 66.95
C THR E 179 28.79 6.71 67.04
N SER E 180 29.55 5.92 67.80
CA SER E 180 29.25 4.51 68.00
C SER E 180 28.39 4.35 69.25
N GLY E 181 27.34 3.55 69.14
CA GLY E 181 26.44 3.31 70.25
C GLY E 181 25.41 4.39 70.48
N VAL E 182 25.50 5.52 69.77
CA VAL E 182 24.50 6.58 69.93
C VAL E 182 23.15 6.07 69.44
N HIS E 183 22.09 6.47 70.15
CA HIS E 183 20.74 5.99 69.83
C HIS E 183 19.74 7.09 70.21
N THR E 184 19.57 8.05 69.30
CA THR E 184 18.56 9.08 69.47
C THR E 184 17.19 8.49 69.16
N PHE E 185 16.22 8.75 70.03
CA PHE E 185 14.90 8.14 69.96
C PHE E 185 13.91 9.05 69.27
N PRO E 186 12.81 8.49 68.75
CA PRO E 186 11.74 9.34 68.22
C PRO E 186 11.10 10.18 69.31
N ALA E 187 10.52 11.30 68.90
CA ALA E 187 9.98 12.27 69.83
C ALA E 187 8.61 11.82 70.35
N VAL E 188 8.03 12.63 71.23
CA VAL E 188 6.71 12.41 71.79
C VAL E 188 5.94 13.72 71.73
N LEU E 189 4.83 13.72 71.00
CA LEU E 189 3.95 14.89 70.97
C LEU E 189 3.09 14.86 72.23
N GLN E 190 3.49 15.63 73.24
CA GLN E 190 2.70 15.74 74.45
C GLN E 190 1.40 16.49 74.17
N SER E 191 0.41 16.25 75.03
CA SER E 191 -0.88 16.92 74.88
C SER E 191 -0.76 18.44 74.99
N SER E 192 0.34 18.93 75.56
CA SER E 192 0.60 20.37 75.61
C SER E 192 0.95 20.96 74.26
N GLY E 193 1.17 20.13 73.24
CA GLY E 193 1.53 20.61 71.92
C GLY E 193 3.02 20.71 71.67
N LEU E 194 3.86 20.22 72.57
CA LEU E 194 5.30 20.29 72.43
C LEU E 194 5.89 18.89 72.35
N TYR E 195 6.84 18.70 71.45
CA TYR E 195 7.51 17.43 71.30
C TYR E 195 8.61 17.27 72.36
N SER E 196 8.97 16.02 72.62
CA SER E 196 10.00 15.69 73.60
C SER E 196 10.81 14.50 73.12
N LEU E 197 12.13 14.66 73.08
CA LEU E 197 13.04 13.65 72.57
C LEU E 197 14.00 13.21 73.67
N SER E 198 14.61 12.04 73.47
CA SER E 198 15.57 11.51 74.45
C SER E 198 16.66 10.75 73.70
N SER E 199 17.90 11.21 73.84
CA SER E 199 19.06 10.54 73.28
C SER E 199 19.78 9.74 74.37
N VAL E 200 20.52 8.72 73.94
CA VAL E 200 21.19 7.82 74.88
C VAL E 200 22.33 7.12 74.15
N VAL E 201 23.48 7.04 74.81
CA VAL E 201 24.67 6.41 74.26
C VAL E 201 25.15 5.33 75.23
N THR E 202 25.30 4.11 74.73
CA THR E 202 25.91 3.03 75.50
C THR E 202 27.42 3.18 75.46
N VAL E 203 28.04 3.27 76.63
CA VAL E 203 29.48 3.57 76.72
C VAL E 203 30.18 2.52 77.56
N PRO E 204 31.45 2.23 77.29
CA PRO E 204 32.19 1.29 78.16
C PRO E 204 32.31 1.86 79.57
N SER E 205 32.09 0.98 80.56
CA SER E 205 32.12 1.41 81.96
C SER E 205 33.51 1.87 82.38
N SER E 206 34.56 1.49 81.65
CA SER E 206 35.90 1.94 81.98
C SER E 206 36.06 3.44 81.70
N SER E 207 35.42 3.93 80.63
CA SER E 207 35.50 5.34 80.27
C SER E 207 34.57 6.22 81.11
N LEU E 208 33.88 5.66 82.09
CA LEU E 208 33.00 6.47 82.93
C LEU E 208 33.77 7.51 83.72
N GLY E 209 35.02 7.21 84.09
CA GLY E 209 35.84 8.16 84.82
C GLY E 209 37.28 8.16 84.38
N THR E 210 37.66 9.11 83.53
CA THR E 210 36.74 10.11 83.00
C THR E 210 36.98 10.37 81.52
N GLN E 211 36.01 10.01 80.70
CA GLN E 211 36.01 10.35 79.27
C GLN E 211 34.84 11.31 79.06
N THR E 212 35.18 12.60 78.90
CA THR E 212 34.17 13.65 78.86
C THR E 212 33.13 13.40 77.77
N TYR E 213 31.86 13.55 78.13
CA TYR E 213 30.74 13.31 77.23
C TYR E 213 29.83 14.52 77.23
N ILE E 214 29.59 15.10 76.05
CA ILE E 214 28.71 16.26 75.89
C ILE E 214 27.83 16.02 74.68
N CYS E 215 26.53 16.26 74.83
CA CYS E 215 25.58 16.15 73.74
C CYS E 215 25.31 17.53 73.14
N ASN E 216 25.23 17.59 71.82
CA ASN E 216 25.05 18.84 71.09
C ASN E 216 23.63 18.87 70.52
N VAL E 217 22.79 19.75 71.05
CA VAL E 217 21.39 19.85 70.67
C VAL E 217 21.21 21.07 69.77
N ASN E 218 20.58 20.85 68.61
CA ASN E 218 20.28 21.92 67.68
C ASN E 218 18.81 21.87 67.31
N HIS E 219 18.12 23.01 67.42
CA HIS E 219 16.71 23.13 67.08
C HIS E 219 16.58 24.37 66.20
N LYS E 220 16.42 24.14 64.89
CA LYS E 220 16.50 25.24 63.93
C LYS E 220 15.41 26.29 64.08
N PRO E 221 14.13 25.95 64.26
CA PRO E 221 13.10 27.01 64.34
C PRO E 221 13.27 27.96 65.53
N SER E 222 14.20 27.69 66.44
CA SER E 222 14.42 28.55 67.59
C SER E 222 15.81 29.18 67.62
N ASN E 223 16.65 28.92 66.61
CA ASN E 223 18.01 29.48 66.53
C ASN E 223 18.83 29.12 67.76
N THR E 224 18.62 27.93 68.32
CA THR E 224 19.24 27.52 69.57
C THR E 224 20.27 26.42 69.33
N LYS E 225 21.38 26.51 70.05
CA LYS E 225 22.43 25.49 70.04
C LYS E 225 22.94 25.36 71.47
N VAL E 226 22.56 24.29 72.15
CA VAL E 226 22.88 24.10 73.55
C VAL E 226 23.66 22.80 73.73
N ASP E 227 24.45 22.75 74.80
CA ASP E 227 25.26 21.59 75.14
C ASP E 227 25.21 21.37 76.65
N LYS E 228 25.35 20.11 77.05
CA LYS E 228 25.31 19.75 78.47
C LYS E 228 26.16 18.51 78.72
N LYS E 229 26.84 18.52 79.86
CA LYS E 229 27.69 17.43 80.30
C LYS E 229 26.84 16.35 80.98
N VAL E 230 27.39 15.14 81.02
CA VAL E 230 26.78 14.02 81.73
C VAL E 230 27.83 13.38 82.62
N GLU E 231 27.48 13.18 83.89
CA GLU E 231 28.37 12.58 84.87
C GLU E 231 27.59 12.17 86.11
N PRO E 232 27.95 11.06 86.78
CA PRO E 232 27.23 10.49 87.91
C PRO E 232 26.82 11.50 88.98
N SER F 4 -3.87 9.00 49.48
CA SER F 4 -3.59 7.67 48.97
C SER F 4 -3.75 6.61 50.06
N TYR F 5 -4.43 5.53 49.72
CA TYR F 5 -4.67 4.43 50.64
C TYR F 5 -3.63 3.33 50.42
N VAL F 6 -3.62 2.35 51.34
CA VAL F 6 -2.57 1.35 51.42
C VAL F 6 -3.13 -0.01 51.04
N ARG F 7 -2.34 -0.77 50.27
CA ARG F 7 -2.65 -2.16 49.95
C ARG F 7 -1.71 -3.07 50.74
N PRO F 8 -2.21 -3.93 51.61
CA PRO F 8 -1.31 -4.80 52.39
C PRO F 8 -0.79 -5.96 51.56
N LEU F 9 0.48 -6.31 51.80
CA LEU F 9 1.13 -7.43 51.13
C LEU F 9 2.01 -8.16 52.12
N SER F 10 1.98 -9.49 52.07
CA SER F 10 2.75 -10.33 52.98
C SER F 10 3.51 -11.37 52.17
N VAL F 11 4.83 -11.38 52.30
CA VAL F 11 5.68 -12.42 51.76
C VAL F 11 6.53 -12.98 52.90
N ALA F 12 7.19 -14.10 52.62
CA ALA F 12 8.07 -14.72 53.59
C ALA F 12 9.53 -14.37 53.29
N LEU F 13 10.35 -14.39 54.34
CA LEU F 13 11.76 -14.03 54.20
C LEU F 13 12.47 -15.02 53.29
N GLY F 14 12.98 -14.51 52.16
CA GLY F 14 13.71 -15.30 51.21
C GLY F 14 12.95 -15.69 49.96
N GLU F 15 11.62 -15.59 49.98
CA GLU F 15 10.80 -15.98 48.85
C GLU F 15 10.86 -14.96 47.73
N THR F 16 9.85 -14.93 46.87
CA THR F 16 9.76 -13.99 45.77
C THR F 16 8.50 -13.14 45.92
N ALA F 17 8.66 -11.83 45.87
CA ALA F 17 7.53 -10.91 45.95
C ALA F 17 6.99 -10.61 44.56
N SER F 18 5.68 -10.36 44.48
CA SER F 18 5.00 -10.08 43.22
C SER F 18 4.02 -8.94 43.47
N ILE F 19 4.50 -7.71 43.29
CA ILE F 19 3.69 -6.52 43.52
C ILE F 19 3.03 -6.13 42.20
N SER F 20 1.74 -6.38 42.09
CA SER F 20 1.00 -6.01 40.89
C SER F 20 0.59 -4.55 40.97
N CYS F 21 0.67 -3.87 39.83
CA CYS F 21 0.27 -2.46 39.77
C CYS F 21 -1.24 -2.33 39.94
N GLY F 22 -1.66 -1.25 40.61
CA GLY F 22 -3.06 -1.02 40.83
C GLY F 22 -3.80 -0.33 39.70
N ARG F 23 -3.06 0.16 38.70
CA ARG F 23 -3.64 0.88 37.57
C ARG F 23 -3.03 0.29 36.30
N GLN F 24 -3.67 -0.75 35.77
CA GLN F 24 -3.15 -1.42 34.57
C GLN F 24 -3.26 -0.50 33.36
N ALA F 25 -2.33 -0.69 32.43
CA ALA F 25 -2.19 0.22 31.29
C ALA F 25 -3.26 -0.05 30.24
N LEU F 26 -3.52 0.99 29.44
CA LEU F 26 -4.43 0.89 28.30
C LEU F 26 -3.70 0.81 26.97
N GLY F 27 -2.55 1.48 26.84
CA GLY F 27 -1.72 1.37 25.66
C GLY F 27 -0.31 0.94 26.01
N SER F 28 0.65 1.27 25.15
CA SER F 28 2.05 1.02 25.47
C SER F 28 2.46 1.86 26.67
N ARG F 29 3.13 1.21 27.63
CA ARG F 29 3.35 1.81 28.95
C ARG F 29 4.82 2.09 29.19
N ALA F 30 5.08 2.99 30.14
CA ALA F 30 6.41 3.28 30.67
C ALA F 30 6.24 3.45 32.17
N VAL F 31 6.41 2.36 32.92
CA VAL F 31 6.05 2.30 34.34
C VAL F 31 7.29 2.55 35.19
N GLN F 32 7.12 3.36 36.23
CA GLN F 32 8.17 3.62 37.21
C GLN F 32 7.81 2.97 38.54
N TRP F 33 8.82 2.41 39.20
CA TRP F 33 8.67 1.80 40.51
C TRP F 33 9.55 2.54 41.51
N TYR F 34 8.95 2.98 42.61
CA TYR F 34 9.64 3.72 43.66
C TYR F 34 9.53 2.97 44.98
N GLN F 35 10.67 2.82 45.67
CA GLN F 35 10.70 2.24 47.01
C GLN F 35 10.75 3.39 48.02
N HIS F 36 9.62 3.64 48.68
CA HIS F 36 9.51 4.72 49.64
C HIS F 36 9.37 4.13 51.04
N ARG F 37 10.39 4.32 51.86
CA ARG F 37 10.23 3.97 53.26
C ARG F 37 9.60 5.14 54.00
N PRO F 38 8.70 4.88 54.95
CA PRO F 38 7.93 5.98 55.57
C PRO F 38 8.84 7.00 56.25
N GLY F 39 8.60 8.28 55.96
CA GLY F 39 9.42 9.34 56.49
C GLY F 39 10.88 9.28 56.05
N GLN F 40 11.11 8.97 54.77
CA GLN F 40 12.46 8.77 54.28
C GLN F 40 12.47 9.06 52.78
N ALA F 41 13.67 9.17 52.23
CA ALA F 41 13.81 9.50 50.81
C ALA F 41 13.38 8.31 49.95
N PRO F 42 12.48 8.53 48.98
CA PRO F 42 12.12 7.44 48.07
C PRO F 42 13.30 7.02 47.19
N ILE F 43 13.30 5.75 46.81
CA ILE F 43 14.38 5.15 46.02
C ILE F 43 13.80 4.73 44.68
N LEU F 44 14.37 5.26 43.60
CA LEU F 44 13.99 4.83 42.26
C LEU F 44 14.47 3.41 42.03
N LEU F 45 13.53 2.47 41.93
CA LEU F 45 13.87 1.07 41.66
C LEU F 45 13.97 0.80 40.16
N ILE F 46 12.95 1.20 39.41
CA ILE F 46 12.84 0.87 37.99
C ILE F 46 12.11 2.01 37.29
N TYR F 47 12.79 2.67 36.34
CA TYR F 47 12.26 3.86 35.69
C TYR F 47 11.57 3.56 34.36
N ASN F 48 12.32 3.04 33.38
CA ASN F 48 11.67 2.45 32.24
C ASN F 48 10.99 1.14 32.68
N ASN F 49 10.19 0.57 31.79
CA ASN F 49 9.37 -0.59 32.16
C ASN F 49 10.16 -1.67 32.90
N GLN F 50 11.46 -1.77 32.64
CA GLN F 50 12.26 -2.81 33.26
C GLN F 50 13.70 -2.37 33.48
N ASP F 51 14.05 -1.12 33.19
CA ASP F 51 15.41 -0.63 33.36
C ASP F 51 15.62 -0.12 34.78
N ARG F 52 16.76 -0.49 35.37
CA ARG F 52 17.10 -0.10 36.72
C ARG F 52 18.26 0.90 36.70
N PRO F 53 18.38 1.75 37.72
CA PRO F 53 19.52 2.67 37.79
C PRO F 53 20.78 1.98 38.27
N SER F 54 21.82 2.76 38.53
CA SER F 54 23.06 2.21 39.06
C SER F 54 22.93 2.04 40.57
N GLY F 55 23.19 0.84 41.06
CA GLY F 55 23.13 0.59 42.49
C GLY F 55 21.84 -0.04 42.96
N ILE F 56 21.17 -0.81 42.11
CA ILE F 56 19.95 -1.52 42.47
C ILE F 56 20.20 -3.00 42.22
N PRO F 57 19.93 -3.88 43.18
CA PRO F 57 20.24 -5.29 43.00
C PRO F 57 19.46 -5.91 41.85
N GLU F 58 20.04 -6.99 41.30
CA GLU F 58 19.41 -7.73 40.21
C GLU F 58 18.06 -8.32 40.63
N ARG F 59 17.89 -8.59 41.93
CA ARG F 59 16.67 -9.22 42.43
C ARG F 59 15.43 -8.34 42.27
N PHE F 60 15.59 -7.07 41.92
CA PHE F 60 14.47 -6.18 41.63
C PHE F 60 14.25 -6.17 40.12
N SER F 61 13.20 -6.85 39.66
CA SER F 61 12.93 -7.00 38.25
C SER F 61 11.53 -6.47 37.92
N GLY F 62 11.42 -5.84 36.75
CA GLY F 62 10.15 -5.32 36.27
C GLY F 62 9.76 -5.95 34.95
N THR F 63 8.46 -5.94 34.64
CA THR F 63 7.96 -6.62 33.45
C THR F 63 7.92 -5.65 32.27
N PRO F 64 8.58 -5.96 31.16
CA PRO F 64 8.47 -5.12 29.96
C PRO F 64 7.16 -5.37 29.23
N ASP F 65 6.86 -4.47 28.30
CA ASP F 65 5.67 -4.57 27.46
C ASP F 65 6.12 -4.80 26.02
N ILE F 66 6.51 -6.05 25.73
CA ILE F 66 6.78 -6.44 24.34
C ILE F 66 5.48 -6.71 23.60
N ASN F 67 4.68 -7.64 24.11
CA ASN F 67 3.34 -7.89 23.61
C ASN F 67 2.35 -7.21 24.54
N PHE F 68 1.40 -6.47 23.97
CA PHE F 68 0.38 -5.81 24.77
C PHE F 68 -0.50 -6.83 25.47
N GLY F 69 -0.83 -6.55 26.73
CA GLY F 69 -1.65 -7.44 27.53
C GLY F 69 -0.99 -7.82 28.84
N THR F 70 0.33 -7.98 28.84
CA THR F 70 1.06 -8.32 30.05
C THR F 70 1.05 -7.13 31.00
N ARG F 71 0.37 -7.29 32.14
CA ARG F 71 0.32 -6.22 33.12
C ARG F 71 1.69 -6.03 33.77
N ALA F 72 1.87 -4.86 34.36
CA ALA F 72 3.13 -4.48 34.99
C ALA F 72 3.15 -4.97 36.43
N THR F 73 4.16 -5.77 36.77
CA THR F 73 4.36 -6.26 38.12
C THR F 73 5.81 -6.09 38.53
N LEU F 74 6.03 -5.82 39.82
CA LEU F 74 7.36 -5.73 40.39
C LEU F 74 7.70 -7.04 41.08
N THR F 75 8.82 -7.63 40.71
CA THR F 75 9.24 -8.94 41.21
C THR F 75 10.49 -8.77 42.06
N ILE F 76 10.36 -9.07 43.35
CA ILE F 76 11.47 -9.00 44.31
C ILE F 76 11.80 -10.42 44.73
N SER F 77 12.92 -10.94 44.24
CA SER F 77 13.37 -12.28 44.60
C SER F 77 14.35 -12.21 45.76
N GLY F 78 14.29 -13.22 46.63
CA GLY F 78 15.13 -13.24 47.81
C GLY F 78 14.88 -12.05 48.71
N VAL F 79 13.65 -11.91 49.20
CA VAL F 79 13.27 -10.76 50.01
C VAL F 79 14.05 -10.77 51.32
N GLU F 80 14.47 -9.59 51.76
CA GLU F 80 15.15 -9.42 53.03
C GLU F 80 14.19 -8.85 54.05
N ALA F 81 14.73 -8.35 55.17
CA ALA F 81 13.93 -7.60 56.12
C ALA F 81 13.91 -6.10 55.79
N GLY F 82 15.00 -5.57 55.23
CA GLY F 82 15.05 -4.19 54.81
C GLY F 82 14.20 -3.87 53.61
N ASP F 83 13.69 -4.89 52.91
CA ASP F 83 12.79 -4.65 51.79
C ASP F 83 11.40 -4.21 52.25
N GLU F 84 11.13 -4.20 53.55
CA GLU F 84 9.89 -3.64 54.07
C GLU F 84 9.83 -2.14 53.80
N ALA F 85 8.86 -1.73 52.99
CA ALA F 85 8.67 -0.32 52.64
C ALA F 85 7.35 -0.20 51.90
N ASP F 86 7.04 1.03 51.50
CA ASP F 86 5.96 1.26 50.55
C ASP F 86 6.50 1.11 49.13
N TYR F 87 5.60 0.77 48.21
CA TYR F 87 5.97 0.60 46.81
C TYR F 87 4.92 1.28 45.94
N TYR F 88 5.38 2.03 44.95
CA TYR F 88 4.51 2.82 44.10
C TYR F 88 4.67 2.41 42.63
N CYS F 89 3.57 2.52 41.88
CA CYS F 89 3.54 2.19 40.46
C CYS F 89 3.15 3.45 39.67
N HIS F 90 4.15 4.13 39.13
CA HIS F 90 3.91 5.33 38.32
C HIS F 90 3.61 4.89 36.89
N MET F 91 2.35 5.00 36.48
CA MET F 91 1.88 4.43 35.22
C MET F 91 1.82 5.53 34.15
N TRP F 92 2.65 5.39 33.12
CA TRP F 92 2.65 6.26 31.94
C TRP F 92 2.30 5.40 30.73
N ASP F 93 1.14 5.67 30.12
CA ASP F 93 0.73 4.96 28.92
C ASP F 93 0.24 5.95 27.88
N SER F 94 0.08 5.46 26.64
CA SER F 94 -0.25 6.34 25.53
C SER F 94 -1.68 6.85 25.59
N ARG F 95 -2.59 6.10 26.23
CA ARG F 95 -4.00 6.48 26.25
C ARG F 95 -4.28 7.50 27.35
N SER F 96 -4.05 7.12 28.60
CA SER F 96 -4.25 8.06 29.70
C SER F 96 -3.27 9.21 29.60
N GLY F 97 -3.70 10.37 30.09
CA GLY F 97 -2.96 11.61 29.88
C GLY F 97 -1.62 11.71 30.58
N PHE F 98 -1.52 12.62 31.55
CA PHE F 98 -0.28 12.88 32.26
C PHE F 98 -0.37 12.31 33.67
N SER F 99 0.63 11.52 34.06
CA SER F 99 0.61 10.80 35.33
C SER F 99 1.19 11.69 36.42
N TRP F 100 0.37 12.65 36.87
CA TRP F 100 0.76 13.46 38.02
C TRP F 100 0.80 12.62 39.28
N SER F 101 -0.20 11.76 39.47
CA SER F 101 -0.29 10.94 40.67
C SER F 101 0.63 9.73 40.57
N PHE F 102 1.31 9.44 41.68
CA PHE F 102 2.01 8.17 41.80
C PHE F 102 1.02 7.04 41.99
N GLY F 103 1.53 5.83 42.17
CA GLY F 103 0.66 4.68 42.38
C GLY F 103 -0.13 4.78 43.67
N GLY F 104 -0.94 3.76 43.96
CA GLY F 104 -1.61 3.72 45.24
C GLY F 104 -0.61 3.57 46.37
N ALA F 105 -0.42 2.33 46.84
CA ALA F 105 0.57 1.99 47.84
C ALA F 105 0.54 0.48 48.10
N THR F 106 1.70 -0.15 48.15
CA THR F 106 1.80 -1.58 48.45
C THR F 106 2.83 -1.73 49.56
N ARG F 107 2.37 -1.73 50.80
CA ARG F 107 3.25 -1.86 51.96
C ARG F 107 3.64 -3.32 52.13
N LEU F 108 4.90 -3.63 51.85
CA LEU F 108 5.40 -4.99 51.96
C LEU F 108 5.80 -5.27 53.41
N THR F 109 5.23 -6.31 53.99
CA THR F 109 5.56 -6.76 55.34
C THR F 109 6.10 -8.18 55.27
N VAL F 110 7.36 -8.34 55.64
CA VAL F 110 8.03 -9.63 55.54
C VAL F 110 7.72 -10.45 56.78
N LEU F 111 7.30 -11.70 56.58
CA LEU F 111 6.92 -12.59 57.67
C LEU F 111 8.05 -13.58 57.97
N GLY F 112 8.07 -14.05 59.21
CA GLY F 112 9.06 -15.03 59.62
C GLY F 112 10.42 -14.46 59.95
N GLN F 113 10.47 -13.31 60.59
CA GLN F 113 11.73 -12.68 60.97
C GLN F 113 12.15 -13.10 62.36
N PRO F 114 13.44 -12.98 62.68
CA PRO F 114 13.89 -13.34 64.04
C PRO F 114 13.25 -12.44 65.09
N LYS F 115 12.66 -13.07 66.10
CA LYS F 115 12.05 -12.34 67.20
C LYS F 115 13.11 -11.96 68.23
N ALA F 116 13.15 -10.68 68.57
CA ALA F 116 14.10 -10.16 69.54
C ALA F 116 13.36 -9.51 70.71
N ALA F 117 13.95 -9.60 71.88
CA ALA F 117 13.41 -9.06 73.11
C ALA F 117 13.91 -7.63 73.35
N PRO F 118 13.11 -6.79 73.98
CA PRO F 118 13.50 -5.38 74.16
C PRO F 118 14.66 -5.24 75.13
N SER F 119 15.26 -4.05 75.11
CA SER F 119 16.36 -3.67 75.99
C SER F 119 15.90 -2.44 76.78
N VAL F 120 15.12 -2.68 77.83
CA VAL F 120 14.57 -1.60 78.62
C VAL F 120 15.68 -0.88 79.38
N THR F 121 15.58 0.44 79.46
CA THR F 121 16.54 1.25 80.19
C THR F 121 15.82 2.45 80.78
N LEU F 122 15.80 2.53 82.12
CA LEU F 122 15.07 3.58 82.83
C LEU F 122 16.05 4.51 83.52
N PHE F 123 15.86 5.82 83.32
CA PHE F 123 16.67 6.83 83.98
C PHE F 123 15.83 7.59 85.00
N PRO F 124 16.37 7.88 86.17
CA PRO F 124 15.66 8.71 87.15
C PRO F 124 15.59 10.15 86.66
N PRO F 125 14.78 10.99 87.31
CA PRO F 125 14.73 12.41 86.93
C PRO F 125 16.09 13.08 87.02
N SER F 126 16.30 14.05 86.14
CA SER F 126 17.56 14.76 86.09
C SER F 126 17.73 15.67 87.31
N SER F 127 18.98 16.05 87.57
CA SER F 127 19.26 16.93 88.69
C SER F 127 18.80 18.36 88.42
N GLU F 128 19.06 18.86 87.20
CA GLU F 128 18.71 20.24 86.89
C GLU F 128 17.20 20.43 86.78
N GLU F 129 16.47 19.44 86.28
CA GLU F 129 15.02 19.58 86.17
C GLU F 129 14.33 19.39 87.52
N LEU F 130 14.84 18.50 88.37
CA LEU F 130 14.33 18.43 89.74
C LEU F 130 14.53 19.75 90.45
N GLN F 131 15.62 20.46 90.14
CA GLN F 131 15.79 21.81 90.64
C GLN F 131 14.83 22.78 89.97
N ALA F 132 14.41 22.48 88.74
CA ALA F 132 13.48 23.31 88.01
C ALA F 132 12.01 22.96 88.31
N ASN F 133 11.77 22.20 89.38
CA ASN F 133 10.42 21.95 89.89
C ASN F 133 9.60 21.07 88.94
N LYS F 134 10.23 20.06 88.34
CA LYS F 134 9.55 19.13 87.47
C LYS F 134 10.38 17.85 87.36
N ALA F 135 9.70 16.70 87.37
CA ALA F 135 10.35 15.40 87.30
C ALA F 135 9.88 14.64 86.06
N THR F 136 10.71 13.71 85.60
CA THR F 136 10.39 12.95 84.39
C THR F 136 11.17 11.63 84.42
N LEU F 137 10.45 10.52 84.42
CA LEU F 137 11.05 9.21 84.24
C LEU F 137 11.03 8.85 82.75
N VAL F 138 12.17 8.40 82.24
CA VAL F 138 12.30 8.07 80.83
C VAL F 138 12.61 6.57 80.71
N CYS F 139 11.61 5.80 80.28
CA CYS F 139 11.76 4.36 80.11
C CYS F 139 12.00 4.09 78.63
N LEU F 140 13.24 3.75 78.28
CA LEU F 140 13.66 3.62 76.89
C LEU F 140 13.63 2.15 76.48
N ILE F 141 12.99 1.87 75.35
CA ILE F 141 12.82 0.52 74.82
C ILE F 141 13.43 0.47 73.42
N SER F 142 14.16 -0.60 73.12
CA SER F 142 14.84 -0.68 71.83
C SER F 142 15.11 -2.14 71.47
N ASP F 143 15.29 -2.36 70.16
CA ASP F 143 15.73 -3.65 69.62
C ASP F 143 14.77 -4.78 69.99
N PHE F 144 13.49 -4.59 69.66
CA PHE F 144 12.48 -5.61 69.87
C PHE F 144 11.71 -5.86 68.59
N TYR F 145 11.37 -7.13 68.34
CA TYR F 145 10.59 -7.54 67.19
C TYR F 145 9.70 -8.69 67.62
N PRO F 146 8.41 -8.71 67.21
CA PRO F 146 7.77 -7.68 66.37
C PRO F 146 7.49 -6.39 67.12
N GLY F 147 7.59 -5.26 66.41
CA GLY F 147 7.42 -3.95 67.01
C GLY F 147 6.04 -3.67 67.54
N ALA F 148 5.73 -4.17 68.74
CA ALA F 148 4.44 -3.94 69.38
C ALA F 148 4.59 -4.27 70.86
N VAL F 149 4.63 -3.23 71.69
CA VAL F 149 4.80 -3.38 73.13
C VAL F 149 3.72 -2.56 73.83
N THR F 150 3.40 -2.95 75.06
CA THR F 150 2.54 -2.18 75.92
C THR F 150 3.28 -1.86 77.21
N VAL F 151 3.14 -0.64 77.69
CA VAL F 151 3.93 -0.09 78.78
C VAL F 151 3.04 0.06 80.00
N ALA F 152 3.53 -0.41 81.15
CA ALA F 152 2.84 -0.27 82.43
C ALA F 152 3.79 0.38 83.42
N TRP F 153 3.28 1.36 84.16
CA TRP F 153 4.05 2.07 85.17
C TRP F 153 3.49 1.75 86.56
N LYS F 154 4.39 1.51 87.50
CA LYS F 154 4.02 1.18 88.87
C LYS F 154 4.68 2.16 89.84
N ALA F 155 3.84 2.91 90.57
CA ALA F 155 4.32 3.71 91.69
C ALA F 155 4.42 2.80 92.91
N ASP F 156 5.64 2.46 93.30
CA ASP F 156 5.91 1.37 94.23
C ASP F 156 5.28 0.09 93.70
N SER F 157 4.09 -0.26 94.19
CA SER F 157 3.36 -1.42 93.70
C SER F 157 2.02 -1.06 93.05
N SER F 158 1.60 0.20 93.09
CA SER F 158 0.32 0.61 92.54
C SER F 158 0.48 1.12 91.11
N PRO F 159 -0.43 0.77 90.21
CA PRO F 159 -0.35 1.27 88.84
C PRO F 159 -0.55 2.79 88.80
N VAL F 160 -0.05 3.39 87.71
CA VAL F 160 -0.04 4.84 87.57
C VAL F 160 -1.12 5.29 86.59
N LYS F 161 -0.88 5.06 85.30
CA LYS F 161 -1.83 5.37 84.23
C LYS F 161 -2.07 6.86 84.05
N ALA F 162 -1.60 7.68 84.98
CA ALA F 162 -1.86 9.12 84.98
C ALA F 162 -0.57 9.86 84.68
N GLY F 163 -0.57 10.64 83.61
CA GLY F 163 0.59 11.46 83.28
C GLY F 163 1.71 10.72 82.60
N VAL F 164 1.40 9.79 81.70
CA VAL F 164 2.41 9.04 80.96
C VAL F 164 2.12 9.14 79.47
N GLU F 165 3.16 9.42 78.70
CA GLU F 165 3.10 9.39 77.24
C GLU F 165 3.90 8.20 76.73
N THR F 166 3.58 7.76 75.52
CA THR F 166 4.23 6.59 74.94
C THR F 166 4.36 6.75 73.44
N THR F 167 5.55 6.46 72.91
CA THR F 167 5.80 6.53 71.48
C THR F 167 5.30 5.29 70.79
N THR F 168 4.68 5.48 69.62
CA THR F 168 4.34 4.34 68.78
C THR F 168 5.63 3.71 68.25
N PRO F 169 5.77 2.38 68.29
CA PRO F 169 7.05 1.75 67.93
C PRO F 169 7.53 2.08 66.53
N SER F 170 8.63 2.83 66.44
CA SER F 170 9.25 3.18 65.17
C SER F 170 10.37 2.18 64.84
N LYS F 171 10.74 2.14 63.57
CA LYS F 171 11.74 1.19 63.11
C LYS F 171 13.16 1.74 63.33
N GLN F 172 14.13 0.86 63.20
CA GLN F 172 15.55 1.19 63.36
C GLN F 172 16.31 0.82 62.10
N SER F 173 17.62 1.08 62.12
CA SER F 173 18.46 0.73 60.98
C SER F 173 18.65 -0.78 60.87
N ASN F 174 18.80 -1.46 62.01
CA ASN F 174 18.93 -2.91 62.04
C ASN F 174 17.59 -3.63 61.92
N ASN F 175 16.56 -2.91 61.48
CA ASN F 175 15.21 -3.42 61.20
C ASN F 175 14.45 -3.84 62.44
N LYS F 176 14.97 -3.56 63.63
CA LYS F 176 14.20 -3.75 64.86
C LYS F 176 13.48 -2.46 65.19
N TYR F 177 12.74 -2.45 66.30
CA TYR F 177 11.89 -1.33 66.65
C TYR F 177 12.34 -0.71 67.97
N ALA F 178 11.86 0.52 68.21
CA ALA F 178 12.17 1.25 69.42
C ALA F 178 10.99 2.15 69.77
N ALA F 179 10.85 2.46 71.06
CA ALA F 179 9.75 3.28 71.54
C ALA F 179 10.11 3.85 72.90
N SER F 180 9.85 5.15 73.08
CA SER F 180 10.10 5.81 74.35
C SER F 180 8.85 5.75 75.24
N SER F 181 9.01 6.19 76.48
CA SER F 181 7.90 6.21 77.43
C SER F 181 8.23 7.20 78.53
N TYR F 182 7.58 8.35 78.51
CA TYR F 182 7.84 9.42 79.48
C TYR F 182 6.74 9.46 80.51
N LEU F 183 7.11 9.34 81.80
CA LEU F 183 6.19 9.50 82.91
C LEU F 183 6.55 10.81 83.62
N SER F 184 5.67 11.80 83.51
CA SER F 184 5.89 13.08 84.16
C SER F 184 5.33 13.06 85.58
N LEU F 185 6.16 13.43 86.54
CA LEU F 185 5.78 13.49 87.95
C LEU F 185 6.07 14.86 88.50
N THR F 186 5.37 15.22 89.57
CA THR F 186 5.74 16.39 90.33
C THR F 186 7.00 16.08 91.15
N PRO F 187 7.87 17.07 91.37
CA PRO F 187 9.12 16.77 92.10
C PRO F 187 8.88 16.23 93.49
N MET F 188 7.74 16.54 94.11
CA MET F 188 7.43 15.99 95.42
C MET F 188 6.85 14.58 95.31
N GLN F 189 6.11 14.29 94.23
CA GLN F 189 5.59 12.94 94.03
C GLN F 189 6.71 11.94 93.80
N TRP F 190 7.77 12.37 93.09
CA TRP F 190 8.88 11.47 92.81
C TRP F 190 9.68 11.15 94.07
N LYS F 191 9.72 12.08 95.01
CA LYS F 191 10.50 11.84 96.23
C LYS F 191 9.68 11.11 97.29
N MET F 192 8.36 11.23 97.25
CA MET F 192 7.50 10.68 98.28
C MET F 192 7.28 9.18 98.14
N HIS F 193 7.71 8.57 97.04
CA HIS F 193 7.50 7.15 96.80
C HIS F 193 8.81 6.39 96.89
N LYS F 194 8.72 5.15 97.37
CA LYS F 194 9.92 4.35 97.61
C LYS F 194 10.56 3.91 96.30
N SER F 195 9.75 3.43 95.36
CA SER F 195 10.27 2.90 94.11
C SER F 195 9.31 3.21 92.98
N TYR F 196 9.83 3.15 91.76
CA TYR F 196 9.05 3.31 90.53
C TYR F 196 9.53 2.29 89.52
N SER F 197 8.59 1.54 88.94
CA SER F 197 8.92 0.47 88.01
C SER F 197 8.37 0.76 86.63
N CYS F 198 8.93 0.09 85.63
CA CYS F 198 8.48 0.19 84.24
C CYS F 198 8.37 -1.24 83.70
N GLN F 199 7.14 -1.67 83.41
CA GLN F 199 6.89 -2.99 82.86
C GLN F 199 6.63 -2.87 81.37
N VAL F 200 7.50 -3.48 80.57
CA VAL F 200 7.37 -3.51 79.12
C VAL F 200 7.08 -4.95 78.73
N THR F 201 5.80 -5.29 78.58
CA THR F 201 5.43 -6.66 78.21
C THR F 201 5.39 -6.75 76.69
N HIS F 202 6.48 -7.26 76.11
CA HIS F 202 6.62 -7.43 74.68
C HIS F 202 6.23 -8.86 74.31
N GLU F 203 5.40 -8.99 73.27
CA GLU F 203 4.81 -10.27 72.90
C GLU F 203 4.11 -10.89 74.10
N GLY F 204 4.60 -12.03 74.57
CA GLY F 204 3.95 -12.71 75.68
C GLY F 204 4.73 -12.74 76.97
N SER F 205 5.54 -11.72 77.21
CA SER F 205 6.38 -11.69 78.40
C SER F 205 6.67 -10.25 78.78
N THR F 206 6.78 -9.99 80.08
CA THR F 206 7.04 -8.66 80.60
C THR F 206 8.46 -8.61 81.17
N VAL F 207 9.10 -7.45 80.99
CA VAL F 207 10.41 -7.16 81.58
C VAL F 207 10.26 -5.94 82.46
N GLU F 208 10.93 -5.95 83.61
CA GLU F 208 10.77 -4.90 84.61
C GLU F 208 12.07 -4.15 84.81
N LYS F 209 11.95 -2.83 84.96
CA LYS F 209 13.09 -1.95 85.22
C LYS F 209 12.63 -0.91 86.23
N THR F 210 13.20 -0.95 87.43
CA THR F 210 12.76 -0.09 88.53
C THR F 210 13.90 0.81 88.98
N VAL F 211 13.53 1.96 89.53
CA VAL F 211 14.48 2.99 89.98
C VAL F 211 13.93 3.64 91.25
N ALA F 212 14.82 3.94 92.20
CA ALA F 212 14.46 4.53 93.47
C ALA F 212 15.20 5.86 93.69
N PRO F 213 14.58 6.81 94.41
CA PRO F 213 15.21 8.15 94.62
C PRO F 213 16.34 8.15 95.65
N THR F 214 17.51 7.71 95.20
CA THR F 214 18.69 7.72 96.06
C THR F 214 19.90 8.31 95.33
C1 NAG G . 1.37 -14.60 -44.98
C2 NAG G . 1.27 -16.09 -45.35
C3 NAG G . 2.51 -16.52 -46.12
C4 NAG G . 2.78 -15.59 -47.29
C5 NAG G . 2.78 -14.13 -46.83
C6 NAG G . 2.90 -13.14 -47.98
C7 NAG G . -0.10 -17.14 -43.61
C8 NAG G . -0.09 -18.01 -42.39
N2 NAG G . 1.09 -16.91 -44.17
O3 NAG G . 2.33 -17.85 -46.59
O4 NAG G . 4.07 -15.89 -47.84
O5 NAG G . 1.57 -13.82 -46.15
O6 NAG G . 1.73 -13.16 -48.79
O7 NAG G . -1.14 -16.66 -44.06
C1 NAG G . 3.98 -16.35 -49.20
C2 NAG G . 5.41 -16.34 -49.77
C3 NAG G . 5.46 -16.88 -51.20
C4 NAG G . 4.76 -18.24 -51.27
C5 NAG G . 3.35 -18.15 -50.66
C6 NAG G . 2.65 -19.48 -50.61
C7 NAG G . 5.75 -13.86 -50.22
C8 NAG G . 4.53 -13.82 -51.11
N2 NAG G . 6.08 -15.04 -49.65
O3 NAG G . 6.81 -17.00 -51.63
O4 NAG G . 4.67 -18.67 -52.62
O5 NAG G . 3.44 -17.66 -49.31
O6 NAG G . 2.59 -19.99 -49.28
O7 NAG G . 6.42 -12.85 -50.02
C1 BMA G . 5.45 -19.89 -52.77
C2 BMA G . 4.86 -20.66 -53.98
C3 BMA G . 5.68 -21.93 -54.21
C4 BMA G . 7.19 -21.62 -54.27
C5 BMA G . 7.63 -20.80 -53.06
C6 BMA G . 9.08 -20.38 -53.13
O2 BMA G . 4.96 -19.89 -55.16
O3 BMA G . 5.27 -22.59 -55.40
O4 BMA G . 7.92 -22.85 -54.29
O5 BMA G . 6.82 -19.61 -52.99
O6 BMA G . 9.77 -20.97 -52.03
C1 MAN G . 10.85 -21.78 -52.53
C2 MAN G . 11.24 -22.79 -51.43
C3 MAN G . 11.80 -22.06 -50.19
C4 MAN G . 12.80 -20.93 -50.57
C5 MAN G . 12.36 -20.09 -51.79
C6 MAN G . 13.48 -19.24 -52.34
O2 MAN G . 12.28 -23.66 -51.87
O3 MAN G . 12.47 -23.00 -49.33
O4 MAN G . 12.94 -20.05 -49.46
O5 MAN G . 11.95 -20.96 -52.85
O6 MAN G . 14.11 -19.97 -53.41
C1 MAN G . 11.88 -23.25 -48.01
C2 MAN G . 10.28 -22.99 -48.00
C3 MAN G . 9.84 -21.68 -47.29
C4 MAN G . 10.73 -21.36 -46.09
C5 MAN G . 12.15 -21.21 -46.62
C6 MAN G . 13.11 -20.65 -45.58
O2 MAN G . 9.59 -24.04 -47.33
O3 MAN G . 8.49 -21.74 -46.87
O4 MAN G . 10.32 -20.14 -45.50
O5 MAN G . 12.62 -22.52 -46.98
O6 MAN G . 13.26 -19.25 -45.82
C1 MAN G . 4.86 -23.94 -55.10
C2 MAN G . 4.81 -24.70 -56.43
C3 MAN G . 3.69 -24.13 -57.29
C4 MAN G . 2.36 -24.15 -56.53
C5 MAN G . 2.50 -23.41 -55.19
C6 MAN G . 1.26 -23.54 -54.32
O2 MAN G . 4.49 -26.08 -56.24
O3 MAN G . 3.57 -24.83 -58.54
O4 MAN G . 1.35 -23.52 -57.31
O5 MAN G . 3.61 -23.96 -54.44
O6 MAN G . 1.50 -22.84 -53.10
C1 NAG H . -17.46 5.68 24.55
C2 NAG H . -16.34 5.01 25.34
C3 NAG H . -16.93 3.97 26.30
C4 NAG H . -18.04 4.57 27.16
C5 NAG H . -19.06 5.27 26.27
C6 NAG H . -20.13 6.00 27.04
C7 NAG H . -14.35 5.07 23.92
C8 NAG H . -13.43 4.27 23.03
N2 NAG H . -15.37 4.40 24.46
O3 NAG H . -15.88 3.47 27.13
O4 NAG H . -18.67 3.55 27.90
O5 NAG H . -18.42 6.24 25.44
O6 NAG H . -21.19 6.45 26.20
O7 NAG H . -14.17 6.26 24.13
C1 NAG H . -18.48 3.77 29.31
C2 NAG H . -19.32 2.76 30.08
C3 NAG H . -19.11 2.93 31.58
C4 NAG H . -17.64 2.89 31.93
C5 NAG H . -16.86 3.88 31.08
C6 NAG H . -15.36 3.79 31.28
C7 NAG H . -21.33 2.14 28.81
C8 NAG H . -22.79 2.40 28.59
N2 NAG H . -20.73 2.90 29.74
O3 NAG H . -19.81 1.89 32.27
O4 NAG H . -17.47 3.22 33.30
O5 NAG H . -17.10 3.63 29.68
O6 NAG H . -14.67 4.70 30.43
O7 NAG H . -20.72 1.28 28.19
C1 BMA H . -16.93 2.08 34.01
C2 BMA H . -16.20 2.60 35.25
C3 BMA H . -15.60 1.43 36.02
C4 BMA H . -16.66 0.35 36.31
C5 BMA H . -17.47 -0.02 35.04
C6 BMA H . -18.66 -0.91 35.35
O2 BMA H . -17.10 3.26 36.14
O3 BMA H . -15.01 1.85 37.24
O4 BMA H . -16.03 -0.81 36.82
O5 BMA H . -17.95 1.17 34.41
O6 BMA H . -18.91 -0.85 36.75
C1 MAN H . -20.25 -0.34 36.97
C2 MAN H . -20.15 0.97 37.81
C3 MAN H . -19.88 0.66 39.29
C4 MAN H . -20.85 -0.41 39.81
C5 MAN H . -20.70 -1.67 38.95
C6 MAN H . -21.59 -2.80 39.41
O2 MAN H . -21.36 1.72 37.79
O3 MAN H . -19.97 1.84 40.11
O4 MAN H . -20.56 -0.71 41.16
O5 MAN H . -21.07 -1.33 37.60
O6 MAN H . -20.78 -3.95 39.61
C1 NAG I . -3.92 -7.12 -4.14
C2 NAG I . -4.96 -6.69 -3.10
C3 NAG I . -4.56 -7.20 -1.71
C4 NAG I . -4.32 -8.71 -1.76
C5 NAG I . -3.29 -9.04 -2.84
C6 NAG I . -3.06 -10.52 -3.01
C7 NAG I . -6.22 -4.62 -3.47
C8 NAG I . -6.21 -3.13 -3.38
N2 NAG I . -5.11 -5.25 -3.08
O3 NAG I . -5.59 -6.89 -0.78
O4 NAG I . -3.87 -9.18 -0.49
O5 NAG I . -3.76 -8.54 -4.09
O6 NAG I . -4.18 -11.17 -3.58
O7 NAG I . -7.21 -5.24 -3.87
C1 NAG I . -4.85 -10.11 0.04
C2 NAG I . -4.13 -11.21 0.84
C3 NAG I . -5.15 -12.16 1.44
C4 NAG I . -6.18 -11.40 2.27
C5 NAG I . -6.81 -10.29 1.43
C6 NAG I . -7.74 -9.40 2.22
C7 NAG I . -1.85 -11.80 0.11
C8 NAG I . -1.03 -12.62 -0.82
N2 NAG I . -3.19 -11.93 0.00
O3 NAG I . -4.49 -13.12 2.26
O4 NAG I . -7.19 -12.28 2.73
O5 NAG I . -5.79 -9.43 0.89
O6 NAG I . -7.05 -8.32 2.81
O7 NAG I . -1.35 -11.04 0.94
C1 NAG J . 5.88 2.27 7.32
C2 NAG J . 6.57 1.16 8.07
C3 NAG J . 6.77 1.53 9.54
C4 NAG J . 7.44 2.90 9.66
C5 NAG J . 6.84 3.95 8.70
C6 NAG J . 7.69 5.18 8.58
C7 NAG J . 4.73 -0.56 8.30
C8 NAG J . 3.83 0.43 9.00
N2 NAG J . 5.95 -0.16 7.91
O3 NAG J . 7.58 0.52 10.13
O4 NAG J . 7.22 3.43 10.97
O5 NAG J . 6.68 3.43 7.36
O6 NAG J . 8.91 4.91 7.88
O7 NAG J . 4.35 -1.71 8.09
C1 NAG J . 7.96 2.74 12.01
C2 NAG J . 8.57 3.76 12.96
C3 NAG J . 9.32 3.05 14.09
C4 NAG J . 8.44 2.01 14.75
C5 NAG J . 7.77 1.09 13.72
C6 NAG J . 6.74 0.17 14.33
C7 NAG J . 9.46 5.99 12.47
C8 NAG J . 10.42 6.79 11.65
N2 NAG J . 9.44 4.67 12.25
O3 NAG J . 9.75 4.02 15.03
O4 NAG J . 9.23 1.18 15.60
O5 NAG J . 7.08 1.87 12.74
O6 NAG J . 5.44 0.73 14.26
O7 NAG J . 8.71 6.53 13.29
C1 BMA J . 9.19 1.60 16.97
C2 BMA J . 9.16 0.34 17.86
C3 BMA J . 9.36 0.69 19.34
C4 BMA J . 10.45 1.79 19.58
C5 BMA J . 10.33 2.93 18.57
C6 BMA J . 11.51 3.87 18.65
O2 BMA J . 10.21 -0.54 17.50
O3 BMA J . 9.69 -0.50 20.08
O4 BMA J . 10.34 2.32 20.89
O5 BMA J . 10.31 2.40 17.26
O6 BMA J . 12.70 3.08 18.54
C1 MAN J . 9.17 -0.49 21.43
C2 MAN J . 9.63 -1.82 22.12
C3 MAN J . 8.77 -3.00 21.68
C4 MAN J . 7.30 -2.66 21.89
C5 MAN J . 6.95 -1.45 21.01
C6 MAN J . 5.49 -1.04 21.11
O2 MAN J . 9.49 -1.76 23.55
O3 MAN J . 9.10 -4.19 22.38
O4 MAN J . 6.49 -3.77 21.51
O5 MAN J . 7.75 -0.32 21.45
O6 MAN J . 5.42 0.16 21.87
C1 MAN J . 10.80 -1.87 24.15
C2 MAN J . 10.67 -2.70 25.46
C3 MAN J . 9.96 -1.87 26.54
C4 MAN J . 10.55 -0.44 26.65
C5 MAN J . 10.57 0.24 25.27
C6 MAN J . 11.21 1.61 25.28
O2 MAN J . 11.95 -3.04 26.01
O3 MAN J . 10.00 -2.51 27.82
O4 MAN J . 9.75 0.35 27.53
O5 MAN J . 11.34 -0.59 24.39
O6 MAN J . 12.62 1.45 25.18
C1 MAN J . 12.37 -4.34 25.55
C2 MAN J . 13.38 -4.86 26.58
C3 MAN J . 14.57 -3.92 26.62
C4 MAN J . 15.19 -3.73 25.23
C5 MAN J . 14.10 -3.34 24.19
C6 MAN J . 14.61 -3.40 22.75
O2 MAN J . 13.91 -6.13 26.18
O3 MAN J . 15.56 -4.35 27.55
O4 MAN J . 16.16 -2.69 25.27
O5 MAN J . 12.98 -4.25 24.28
O6 MAN J . 13.62 -2.81 21.91
C1 MAN J . 13.83 3.94 18.29
C2 MAN J . 14.96 3.07 17.70
C3 MAN J . 15.48 2.09 18.76
C4 MAN J . 15.80 2.82 20.09
C5 MAN J . 14.62 3.68 20.54
C6 MAN J . 14.96 4.55 21.74
O2 MAN J . 16.08 3.86 17.31
O3 MAN J . 16.65 1.42 18.31
O4 MAN J . 16.09 1.85 21.09
O5 MAN J . 14.25 4.57 19.47
O6 MAN J . 16.01 5.44 21.35
C1 MAN J . 16.64 5.99 22.53
C2 MAN J . 17.55 7.16 22.09
C3 MAN J . 18.81 6.63 21.40
C4 MAN J . 19.50 5.56 22.25
C5 MAN J . 18.51 4.43 22.53
C6 MAN J . 19.10 3.33 23.41
O2 MAN J . 17.98 7.92 23.23
O3 MAN J . 19.74 7.66 21.06
O4 MAN J . 20.63 5.04 21.57
O5 MAN J . 17.37 4.98 23.23
O6 MAN J . 18.04 2.78 24.19
C1 MAN J . 17.87 9.35 22.97
C2 MAN J . 18.22 10.10 24.29
C3 MAN J . 17.06 10.02 25.27
C4 MAN J . 15.76 10.50 24.62
C5 MAN J . 15.46 9.64 23.39
C6 MAN J . 14.24 10.10 22.63
O2 MAN J . 18.42 11.50 24.06
O3 MAN J . 17.31 10.76 26.47
O4 MAN J . 14.69 10.38 25.54
O5 MAN J . 16.58 9.70 22.46
O6 MAN J . 13.64 8.97 22.01
C1 MAN J . 16.31 0.16 17.70
C2 MAN J . 17.27 -0.91 18.30
C3 MAN J . 17.84 -1.86 17.22
C4 MAN J . 18.33 -1.14 15.92
C5 MAN J . 17.75 0.29 15.82
C6 MAN J . 17.72 0.82 14.40
O2 MAN J . 16.60 -1.75 19.24
O3 MAN J . 16.91 -2.90 16.88
O4 MAN J . 19.75 -1.07 15.91
O5 MAN J . 16.41 0.25 16.31
O6 MAN J . 17.66 2.24 14.47
C1 NAG K . -21.76 0.34 -52.57
C2 NAG K . -20.53 0.59 -53.43
C3 NAG K . -19.81 1.86 -52.99
C4 NAG K . -20.78 3.04 -52.96
C5 NAG K . -21.99 2.69 -52.09
C6 NAG K . -23.05 3.77 -52.09
C7 NAG K . -18.85 -0.92 -54.42
C8 NAG K . -17.97 -2.11 -54.18
N2 NAG K . -19.62 -0.54 -53.38
O3 NAG K . -18.74 2.14 -53.88
O4 NAG K . -20.13 4.19 -52.42
O5 NAG K . -22.61 1.50 -52.59
O6 NAG K . -22.74 4.80 -51.16
O7 NAG K . -18.87 -0.32 -55.48
C1 NAG L . -26.01 -8.20 -64.30
C2 NAG L . -26.95 -8.75 -65.37
C3 NAG L . -27.83 -7.64 -65.94
C4 NAG L . -28.54 -6.88 -64.81
C5 NAG L . -27.50 -6.37 -63.82
C6 NAG L . -28.12 -5.67 -62.62
C7 NAG L . -25.83 -10.68 -66.40
C8 NAG L . -25.07 -11.18 -67.60
N2 NAG L . -26.22 -9.40 -66.44
O3 NAG L . -28.80 -8.20 -66.82
O4 NAG L . -29.27 -5.78 -65.34
O5 NAG L . -26.75 -7.47 -63.31
O6 NAG L . -27.16 -5.49 -61.59
O7 NAG L . -26.07 -11.41 -65.44
C1 NAG M . -33.30 8.90 24.82
C2 NAG M . -32.26 10.03 24.79
C3 NAG M . -32.23 10.76 26.14
C4 NAG M . -33.63 11.25 26.50
C5 NAG M . -34.63 10.09 26.47
C6 NAG M . -36.05 10.52 26.70
C7 NAG M . -30.11 10.13 23.63
C8 NAG M . -28.79 9.45 23.41
N2 NAG M . -30.94 9.52 24.47
O3 NAG M . -31.35 11.87 26.06
O4 NAG M . -33.63 11.83 27.80
O5 NAG M . -34.59 9.45 25.18
O6 NAG M . -36.21 11.11 27.99
O7 NAG M . -30.41 11.17 23.07
C1 NAG N . -27.08 17.27 3.16
C2 NAG N . -27.14 18.17 1.93
C3 NAG N . -25.74 18.62 1.53
C4 NAG N . -25.02 19.25 2.71
C5 NAG N . -25.03 18.29 3.89
C6 NAG N . -24.42 18.88 5.14
C7 NAG N . -29.12 17.60 0.57
C8 NAG N . -29.61 16.84 -0.62
N2 NAG N . -27.80 17.50 0.81
O3 NAG N . -25.83 19.57 0.46
O4 NAG N . -23.67 19.55 2.37
O5 NAG N . -26.38 17.94 4.22
O6 NAG N . -23.08 18.44 5.32
O7 NAG N . -29.87 18.26 1.29
C1 NAG O . -0.88 5.31 -31.46
C2 NAG O . -1.09 6.82 -31.31
C3 NAG O . -1.75 7.38 -32.57
C4 NAG O . -0.94 7.01 -33.81
C5 NAG O . -0.74 5.50 -33.86
C6 NAG O . 0.15 5.06 -35.01
C7 NAG O . -1.58 8.13 -29.30
C8 NAG O . -2.51 8.31 -28.13
N2 NAG O . -1.88 7.13 -30.14
O3 NAG O . -1.84 8.80 -32.47
O4 NAG O . -1.63 7.42 -34.98
O5 NAG O . -0.12 5.04 -32.65
O6 NAG O . 0.88 3.89 -34.68
O7 NAG O . -0.60 8.85 -29.47
C1 NAG P . -6.89 17.70 -29.88
C2 NAG P . -7.46 17.77 -31.30
C3 NAG P . -7.13 19.11 -31.94
C4 NAG P . -7.57 20.27 -31.05
C5 NAG P . -6.97 20.10 -29.66
C6 NAG P . -7.45 21.15 -28.68
C7 NAG P . -7.63 15.53 -32.29
C8 NAG P . -6.97 14.51 -33.17
N2 NAG P . -6.96 16.68 -32.11
O3 NAG P . -7.78 19.20 -33.21
O4 NAG P . -7.16 21.51 -31.60
O5 NAG P . -7.35 18.83 -29.11
O6 NAG P . -7.31 20.70 -27.34
O7 NAG P . -8.72 15.32 -31.77
C1 NAG Q . 5.95 -4.22 1.69
C2 NAG Q . 7.44 -3.85 1.71
C3 NAG Q . 8.27 -5.01 1.17
C4 NAG Q . 7.97 -6.28 1.95
C5 NAG Q . 6.47 -6.56 1.93
C6 NAG Q . 6.09 -7.74 2.80
C7 NAG Q . 7.52 -1.41 1.40
C8 NAG Q . 7.81 -0.29 0.46
N2 NAG Q . 7.68 -2.65 0.92
O3 NAG Q . 9.66 -4.68 1.28
O4 NAG Q . 8.66 -7.39 1.38
O5 NAG Q . 5.75 -5.43 2.44
O6 NAG Q . 5.75 -7.32 4.11
O7 NAG Q . 7.13 -1.20 2.56
C1 NAG R . -6.64 -7.04 19.75
C2 NAG R . -5.39 -7.87 20.04
C3 NAG R . -5.77 -9.29 20.44
C4 NAG R . -6.76 -9.26 21.60
C5 NAG R . -7.96 -8.39 21.24
C6 NAG R . -8.94 -8.22 22.38
C7 NAG R . -3.38 -7.17 18.80
C8 NAG R . -2.59 -7.33 17.54
N2 NAG R . -4.50 -7.91 18.88
O3 NAG R . -4.61 -10.01 20.82
O4 NAG R . -7.22 -10.57 21.90
O5 NAG R . -7.51 -7.07 20.89
O6 NAG R . -9.99 -7.33 22.04
O7 NAG R . -3.03 -6.42 19.71
C1 NAG S . -2.03 16.20 2.19
C2 NAG S . -3.11 17.16 2.67
C3 NAG S . -2.62 18.61 2.58
C4 NAG S . -1.28 18.77 3.30
C5 NAG S . -0.29 17.75 2.75
C6 NAG S . 1.04 17.77 3.49
C7 NAG S . -5.55 17.11 2.43
C8 NAG S . -6.70 16.90 1.48
N2 NAG S . -4.33 17.00 1.90
O3 NAG S . -3.59 19.47 3.16
O4 NAG S . -0.78 20.08 3.10
O5 NAG S . -0.82 16.42 2.90
O6 NAG S . 1.67 16.49 3.44
O7 NAG S . -5.73 17.37 3.62
C1 NAG T . 9.14 0.36 5.33
C2 NAG T . 9.92 0.18 6.62
C3 NAG T . 10.17 -1.29 6.90
C4 NAG T . 8.85 -2.05 6.91
C5 NAG T . 8.11 -1.83 5.60
C6 NAG T . 6.73 -2.44 5.60
C7 NAG T . 11.33 2.12 7.17
C8 NAG T . 12.69 2.73 7.06
N2 NAG T . 11.17 0.93 6.60
O3 NAG T . 10.83 -1.44 8.15
O4 NAG T . 9.09 -3.44 7.09
O5 NAG T . 7.92 -0.41 5.39
O6 NAG T . 5.72 -1.48 5.37
O7 NAG T . 10.40 2.69 7.75
C1 NAG U . 2.58 -8.35 -6.82
C2 NAG U . 1.77 -9.63 -7.04
C3 NAG U . 2.51 -10.82 -6.46
C4 NAG U . 3.91 -10.91 -7.06
C5 NAG U . 4.66 -9.58 -6.88
C6 NAG U . 5.98 -9.56 -7.62
C7 NAG U . -0.67 -9.43 -7.19
C8 NAG U . -1.95 -9.35 -6.43
N2 NAG U . 0.44 -9.53 -6.45
O3 NAG U . 1.79 -12.01 -6.74
O4 NAG U . 4.65 -11.94 -6.42
O5 NAG U . 3.88 -8.49 -7.41
O6 NAG U . 5.86 -10.14 -8.91
O7 NAG U . -0.64 -9.40 -8.42
#